data_7L4G
#
_entry.id   7L4G
#
_cell.length_a   72.390
_cell.length_b   185.750
_cell.length_c   84.880
_cell.angle_alpha   90.00
_cell.angle_beta   93.98
_cell.angle_gamma   90.00
#
_symmetry.space_group_name_H-M   'P 1 21 1'
#
loop_
_entity.id
_entity.type
_entity.pdbx_description
1 polymer 'Acetyl-coenzyme A synthetase'
2 non-polymer '[[(2~{R},3~{S},4~{R},5~{R})-5-(6-aminopurin-9-yl)-3,4-bis(oxidanyl)oxolan-2-yl]methoxy-oxidanyl-phosphoryl] ethanoate'
3 non-polymer 'PHOSPHATE ION'
4 non-polymer 1,2-ETHANEDIOL
5 non-polymer 'POTASSIUM ION'
6 water water
#
_entity_poly.entity_id   1
_entity_poly.type   'polypeptide(L)'
_entity_poly.pdbx_seq_one_letter_code
;MHHHHHHHHENLYFQGKTEVAPGVHHVHPLPDSVPESEDLFAPPPRMQGKEGRPKPHIGPNYESYVKEWAKTVGPNSDEW
WAAKARETLDWYDDFKTVRAGGFEHGDVQWFPEGTLNAAYNCLDRHYYKNPKKTAIIYEADEPSESREVSYEELMQETCR
VANVLKSYGVKKGDAVSIYLPMTWQAAAAFLACARIGAIHSAVFAGFSAESLRDRVNDCECKVLITTDEGRRGGKTIATK
QIVDAALQQCPLVENVLVLRRTGNKVPMTEGRDKWWDEECAKMPAYCPCERMASEDPLFILYTSGSTGKPKGVVHSTAGY
LLGTALTLKYVFDAHPDDRFACMADIGWITGHSYIIYGPLANGITTAVFESTPVYPTPSRYWDFVDKWKATQLYTAPTAI
RLLRRMGEDHVKNHDLSSLRVLGSVGEPINPEAWHWYNDFAGKNQCAIVDTYWMTETGSISIAPLPGAISTKPGSATFPF
FGMDVDIIDPQTGQVLEGNDVEGVLVARRPWPSIARTVYRDHKRYLETYMKPYPGYFFFGDGAARDYDGYMWIKGRVDDV
INVSGHRLSTAEVESALILHKGVAETAVVGCADDLTGQAVYAFVTMKPEFDLKATKEADLSKELAIQVRKVIGPFAAPKK
IYLVSDLPKTRSGKIMRRVLRKIVAGEGDQLGDLSSIADPQIVEEVKQKVTGSA
;
_entity_poly.pdbx_strand_id   A,B,C
#
loop_
_chem_comp.id
_chem_comp.type
_chem_comp.name
_chem_comp.formula
6R9 non-polymer '[[(2~{R},3~{S},4~{R},5~{R})-5-(6-aminopurin-9-yl)-3,4-bis(oxidanyl)oxolan-2-yl]methoxy-oxidanyl-phosphoryl] ethanoate' 'C12 H16 N5 O8 P'
EDO non-polymer 1,2-ETHANEDIOL 'C2 H6 O2'
K non-polymer 'POTASSIUM ION' 'K 1'
PO4 non-polymer 'PHOSPHATE ION' 'O4 P -3'
#
# COMPACT_ATOMS: atom_id res chain seq x y z
N VAL A 24 36.38 40.17 -32.46
CA VAL A 24 36.81 40.65 -31.15
C VAL A 24 35.76 40.27 -30.09
N HIS A 25 35.79 39.02 -29.66
CA HIS A 25 34.77 38.49 -28.77
C HIS A 25 35.09 38.74 -27.30
N HIS A 26 34.06 39.08 -26.53
CA HIS A 26 34.20 39.24 -25.08
C HIS A 26 34.45 37.90 -24.40
N VAL A 27 33.87 36.81 -24.92
CA VAL A 27 34.00 35.49 -24.32
C VAL A 27 34.92 34.66 -25.19
N HIS A 28 36.00 34.14 -24.59
CA HIS A 28 37.00 33.29 -25.20
C HIS A 28 36.74 31.82 -24.89
N PRO A 29 37.14 30.90 -25.77
CA PRO A 29 37.11 29.48 -25.40
C PRO A 29 38.22 29.19 -24.39
N LEU A 30 38.10 28.05 -23.73
CA LEU A 30 39.18 27.64 -22.83
C LEU A 30 40.47 27.54 -23.63
N PRO A 31 41.60 27.96 -23.06
CA PRO A 31 42.86 27.94 -23.81
C PRO A 31 43.12 26.57 -24.42
N ASP A 32 43.50 26.57 -25.69
CA ASP A 32 43.81 25.37 -26.43
C ASP A 32 44.97 25.72 -27.36
N SER A 33 45.82 24.73 -27.66
CA SER A 33 46.91 24.97 -28.60
C SER A 33 46.43 24.90 -30.04
N VAL A 34 45.25 24.34 -30.27
CA VAL A 34 44.68 24.30 -31.62
C VAL A 34 43.98 25.62 -31.90
N PRO A 35 44.23 26.26 -33.05
CA PRO A 35 43.51 27.50 -33.35
C PRO A 35 42.02 27.28 -33.44
N GLU A 36 41.27 28.32 -33.03
CA GLU A 36 39.82 28.22 -32.95
C GLU A 36 39.20 27.80 -34.28
N SER A 37 39.81 28.22 -35.39
CA SER A 37 39.29 27.94 -36.72
C SER A 37 39.44 26.47 -37.12
N GLU A 38 40.28 25.72 -36.42
CA GLU A 38 40.46 24.30 -36.69
C GLU A 38 39.98 23.45 -35.51
N ASP A 39 39.08 24.00 -34.69
CA ASP A 39 38.76 23.43 -33.38
C ASP A 39 37.27 23.13 -33.24
N LEU A 40 36.58 22.86 -34.35
CA LEU A 40 35.15 22.62 -34.37
C LEU A 40 34.91 21.24 -34.97
N PHE A 41 34.27 20.36 -34.22
CA PHE A 41 34.27 18.93 -34.55
C PHE A 41 32.85 18.46 -34.86
N ALA A 42 32.54 18.33 -36.16
CA ALA A 42 31.25 17.85 -36.59
C ALA A 42 31.08 16.39 -36.19
N PRO A 43 29.84 15.93 -36.01
CA PRO A 43 29.60 14.50 -35.74
C PRO A 43 30.36 13.63 -36.74
N PRO A 44 31.21 12.72 -36.24
CA PRO A 44 32.03 11.89 -37.14
C PRO A 44 31.22 10.75 -37.73
N PRO A 45 31.78 10.00 -38.70
CA PRO A 45 30.97 8.98 -39.41
C PRO A 45 30.29 7.95 -38.53
N ARG A 46 30.88 7.59 -37.38
CA ARG A 46 30.20 6.67 -36.48
C ARG A 46 28.91 7.26 -35.93
N MET A 47 28.80 8.58 -35.90
CA MET A 47 27.59 9.27 -35.47
C MET A 47 26.78 9.81 -36.65
N GLN A 48 27.05 9.34 -37.87
CA GLN A 48 26.24 9.70 -39.02
C GLN A 48 25.49 8.51 -39.61
N GLY A 49 25.44 7.39 -38.91
CA GLY A 49 24.78 6.23 -39.46
C GLY A 49 25.60 5.50 -40.49
N LYS A 50 26.88 5.83 -40.63
CA LYS A 50 27.74 5.15 -41.57
C LYS A 50 28.41 3.97 -40.90
N GLU A 51 29.06 3.13 -41.72
CA GLU A 51 29.83 1.99 -41.23
C GLU A 51 28.98 1.03 -40.39
N GLY A 52 27.71 0.88 -40.76
CA GLY A 52 26.79 -0.01 -40.06
C GLY A 52 26.26 0.47 -38.72
N ARG A 53 26.71 1.63 -38.22
CA ARG A 53 26.30 2.11 -36.90
C ARG A 53 24.85 2.61 -36.94
N PRO A 54 24.17 2.66 -35.79
CA PRO A 54 22.79 3.13 -35.78
C PRO A 54 22.68 4.62 -36.11
N LYS A 55 21.61 4.98 -36.81
CA LYS A 55 21.33 6.38 -37.09
C LYS A 55 21.02 7.12 -35.81
N PRO A 56 21.53 8.34 -35.64
CA PRO A 56 21.31 9.06 -34.38
C PRO A 56 19.85 9.40 -34.19
N HIS A 57 19.43 9.41 -32.91
CA HIS A 57 18.05 9.81 -32.63
C HIS A 57 17.81 11.27 -32.99
N ILE A 58 18.84 12.10 -32.90
CA ILE A 58 18.76 13.51 -33.25
C ILE A 58 19.93 13.82 -34.16
N GLY A 59 19.64 14.45 -35.30
CA GLY A 59 20.67 14.82 -36.23
C GLY A 59 20.08 15.32 -37.52
N PRO A 60 20.94 15.77 -38.45
CA PRO A 60 22.40 15.71 -38.36
C PRO A 60 23.09 17.03 -37.93
N ASN A 61 22.32 18.04 -37.51
CA ASN A 61 22.91 19.36 -37.34
C ASN A 61 22.27 20.08 -36.18
N TYR A 62 22.77 21.29 -35.92
CA TYR A 62 22.29 22.12 -34.82
C TYR A 62 20.79 22.40 -34.95
N GLU A 63 20.31 22.58 -36.18
CA GLU A 63 18.89 22.88 -36.35
C GLU A 63 18.02 21.72 -35.92
N SER A 64 18.47 20.48 -36.14
CA SER A 64 17.66 19.35 -35.74
C SER A 64 17.56 19.27 -34.23
N TYR A 65 18.62 19.63 -33.53
CA TYR A 65 18.56 19.74 -32.08
C TYR A 65 17.57 20.84 -31.65
N VAL A 66 17.68 22.03 -32.22
CA VAL A 66 16.77 23.12 -31.83
C VAL A 66 15.32 22.74 -32.10
N LYS A 67 15.05 22.16 -33.27
CA LYS A 67 13.66 21.86 -33.65
C LYS A 67 13.00 20.93 -32.63
N GLU A 68 13.76 19.98 -32.09
CA GLU A 68 13.22 19.11 -31.06
C GLU A 68 13.27 19.77 -29.70
N TRP A 69 14.38 20.42 -29.36
CA TRP A 69 14.50 21.04 -28.05
C TRP A 69 13.38 22.05 -27.78
N ALA A 70 12.98 22.82 -28.81
CA ALA A 70 11.95 23.83 -28.65
C ALA A 70 10.60 23.22 -28.27
N LYS A 71 10.37 21.95 -28.56
CA LYS A 71 9.16 21.28 -28.08
C LYS A 71 9.17 21.08 -26.59
N THR A 72 10.33 21.19 -25.94
CA THR A 72 10.50 20.70 -24.57
C THR A 72 10.55 21.80 -23.53
N VAL A 73 10.51 23.07 -23.94
CA VAL A 73 10.56 24.21 -23.04
C VAL A 73 9.46 25.19 -23.44
N GLY A 74 9.07 26.02 -22.47
CA GLY A 74 8.13 27.07 -22.74
C GLY A 74 6.67 26.70 -22.54
N PRO A 75 5.78 27.60 -22.95
CA PRO A 75 4.38 27.51 -22.55
C PRO A 75 3.62 26.34 -23.17
N ASN A 76 4.12 25.70 -24.23
CA ASN A 76 3.39 24.59 -24.84
C ASN A 76 4.17 23.29 -24.78
N SER A 77 5.09 23.16 -23.84
CA SER A 77 5.90 21.95 -23.78
C SER A 77 5.22 20.78 -23.08
N ASP A 78 4.03 20.97 -22.49
CA ASP A 78 3.40 19.87 -21.75
C ASP A 78 3.15 18.67 -22.66
N GLU A 79 2.79 18.93 -23.90
CA GLU A 79 2.44 17.87 -24.85
C GLU A 79 3.60 16.91 -25.07
N TRP A 80 4.79 17.44 -25.32
CA TRP A 80 5.97 16.58 -25.52
C TRP A 80 6.31 15.81 -24.25
N TRP A 81 6.25 16.49 -23.10
CA TRP A 81 6.63 15.81 -21.86
C TRP A 81 5.63 14.73 -21.49
N ALA A 82 4.32 15.01 -21.67
CA ALA A 82 3.34 13.97 -21.39
C ALA A 82 3.56 12.74 -22.27
N ALA A 83 3.82 12.97 -23.56
CA ALA A 83 4.07 11.87 -24.50
C ALA A 83 5.35 11.12 -24.15
N LYS A 84 6.47 11.83 -23.93
CA LYS A 84 7.70 11.14 -23.51
C LYS A 84 7.47 10.36 -22.22
N ALA A 85 6.78 10.96 -21.26
CA ALA A 85 6.54 10.25 -20.01
C ALA A 85 5.82 8.93 -20.28
N ARG A 86 4.81 8.97 -21.16
CA ARG A 86 3.99 7.79 -21.40
C ARG A 86 4.69 6.77 -22.28
N GLU A 87 5.53 7.22 -23.22
CA GLU A 87 6.26 6.31 -24.09
C GLU A 87 7.45 5.67 -23.39
N THR A 88 8.04 6.37 -22.43
CA THR A 88 9.34 5.95 -21.88
C THR A 88 9.20 5.02 -20.68
N LEU A 89 8.23 5.25 -19.81
CA LEU A 89 8.05 4.44 -18.61
C LEU A 89 6.75 3.64 -18.69
N ASP A 90 6.73 2.49 -18.02
CA ASP A 90 5.50 1.75 -17.81
C ASP A 90 4.86 2.23 -16.51
N TRP A 91 3.60 2.65 -16.59
CA TRP A 91 2.89 3.22 -15.46
C TRP A 91 1.86 2.23 -14.95
N TYR A 92 1.64 2.24 -13.64
CA TYR A 92 0.51 1.51 -13.07
C TYR A 92 -0.77 2.33 -13.16
N ASP A 93 -0.70 3.63 -12.86
CA ASP A 93 -1.80 4.55 -13.07
C ASP A 93 -1.30 5.74 -13.87
N ASP A 94 -2.09 6.15 -14.85
CA ASP A 94 -1.74 7.32 -15.63
C ASP A 94 -1.75 8.57 -14.75
N PHE A 95 -1.03 9.59 -15.21
CA PHE A 95 -1.10 10.90 -14.57
C PHE A 95 -2.12 11.76 -15.31
N LYS A 96 -2.57 12.80 -14.63
CA LYS A 96 -3.47 13.79 -15.23
CA LYS A 96 -3.47 13.79 -15.24
C LYS A 96 -2.76 15.12 -15.47
N THR A 97 -2.04 15.61 -14.47
CA THR A 97 -1.33 16.87 -14.55
C THR A 97 0.11 16.63 -14.99
N VAL A 98 0.63 17.48 -15.87
CA VAL A 98 2.01 17.28 -16.31
C VAL A 98 2.99 17.87 -15.31
N ARG A 99 2.76 19.11 -14.89
CA ARG A 99 3.69 19.72 -13.95
C ARG A 99 2.98 20.74 -13.10
N ALA A 100 3.58 21.06 -11.96
CA ALA A 100 3.08 22.12 -11.10
C ALA A 100 4.22 22.55 -10.19
N GLY A 101 3.96 23.61 -9.43
CA GLY A 101 4.85 24.11 -8.41
C GLY A 101 6.04 24.84 -8.99
N GLY A 102 6.98 25.16 -8.12
CA GLY A 102 8.11 25.96 -8.57
C GLY A 102 9.18 26.13 -7.51
N PHE A 103 10.16 26.95 -7.87
CA PHE A 103 11.36 27.17 -7.06
C PHE A 103 11.04 27.89 -5.77
N GLU A 104 10.10 28.83 -5.80
CA GLU A 104 9.96 29.80 -4.71
C GLU A 104 9.72 29.11 -3.36
N HIS A 105 8.89 28.07 -3.34
CA HIS A 105 8.65 27.35 -2.12
C HIS A 105 9.15 25.93 -2.20
N GLY A 106 9.73 25.53 -3.33
CA GLY A 106 10.18 24.17 -3.52
C GLY A 106 9.04 23.16 -3.39
N ASP A 107 8.09 23.22 -4.31
CA ASP A 107 6.94 22.32 -4.35
C ASP A 107 6.80 21.75 -5.75
N VAL A 108 7.95 21.45 -6.36
CA VAL A 108 7.98 21.01 -7.74
C VAL A 108 7.30 19.66 -7.86
N GLN A 109 6.44 19.53 -8.87
CA GLN A 109 5.64 18.33 -9.09
C GLN A 109 5.66 17.99 -10.56
N TRP A 110 5.76 16.70 -10.86
CA TRP A 110 5.71 16.23 -12.23
C TRP A 110 4.88 14.96 -12.26
N PHE A 111 3.93 14.88 -13.18
CA PHE A 111 3.07 13.72 -13.34
C PHE A 111 2.47 13.26 -12.02
N PRO A 112 1.98 14.17 -11.17
CA PRO A 112 1.77 13.80 -9.76
C PRO A 112 0.75 12.69 -9.53
N GLU A 113 -0.29 12.56 -10.38
CA GLU A 113 -1.26 11.51 -10.12
C GLU A 113 -0.80 10.14 -10.59
N GLY A 114 0.27 10.05 -11.37
CA GLY A 114 0.71 8.76 -11.85
C GLY A 114 1.31 7.90 -10.76
N THR A 115 1.26 6.58 -10.96
CA THR A 115 1.96 5.64 -10.11
C THR A 115 2.80 4.71 -10.97
N LEU A 116 3.92 4.27 -10.40
CA LEU A 116 4.88 3.44 -11.13
C LEU A 116 5.82 2.81 -10.12
N ASN A 117 6.75 2.02 -10.62
CA ASN A 117 7.83 1.51 -9.79
C ASN A 117 9.14 1.54 -10.58
N ALA A 118 10.19 2.09 -9.97
CA ALA A 118 11.46 2.20 -10.68
C ALA A 118 12.03 0.82 -10.98
N ALA A 119 11.95 -0.11 -10.02
CA ALA A 119 12.44 -1.47 -10.25
C ALA A 119 11.67 -2.16 -11.38
N TYR A 120 10.34 -1.97 -11.44
CA TYR A 120 9.58 -2.54 -12.55
C TYR A 120 10.12 -2.02 -13.87
N ASN A 121 10.45 -0.74 -13.92
CA ASN A 121 10.89 -0.16 -15.18
C ASN A 121 12.33 -0.52 -15.50
N CYS A 122 13.17 -0.75 -14.48
CA CYS A 122 14.56 -1.06 -14.75
C CYS A 122 14.83 -2.56 -14.88
N LEU A 123 13.89 -3.42 -14.44
CA LEU A 123 14.11 -4.87 -14.46
C LEU A 123 12.94 -5.63 -15.08
N ASP A 124 11.81 -5.72 -14.36
CA ASP A 124 10.72 -6.62 -14.73
C ASP A 124 10.36 -6.49 -16.21
N ARG A 125 10.07 -5.28 -16.67
CA ARG A 125 9.57 -5.13 -18.03
C ARG A 125 10.59 -5.62 -19.05
N HIS A 126 11.88 -5.51 -18.75
CA HIS A 126 12.90 -6.03 -19.66
C HIS A 126 13.09 -7.53 -19.46
N TYR A 127 13.00 -8.00 -18.21
CA TYR A 127 13.04 -9.42 -17.96
C TYR A 127 11.94 -10.14 -18.74
N TYR A 128 10.74 -9.56 -18.80
CA TYR A 128 9.64 -10.21 -19.50
C TYR A 128 9.87 -10.27 -21.00
N LYS A 129 10.63 -9.33 -21.56
CA LYS A 129 10.83 -9.32 -23.00
C LYS A 129 12.03 -10.17 -23.40
N ASN A 130 13.16 -10.04 -22.71
CA ASN A 130 14.37 -10.80 -23.05
C ASN A 130 15.11 -11.09 -21.76
N PRO A 131 14.76 -12.17 -21.08
CA PRO A 131 15.34 -12.42 -19.75
C PRO A 131 16.82 -12.75 -19.79
N LYS A 132 17.31 -13.28 -20.90
CA LYS A 132 18.70 -13.68 -21.00
C LYS A 132 19.62 -12.56 -21.46
N LYS A 133 19.09 -11.41 -21.85
CA LYS A 133 19.93 -10.29 -22.22
C LYS A 133 20.74 -9.84 -21.00
N THR A 134 21.95 -9.40 -21.26
CA THR A 134 22.83 -8.96 -20.18
C THR A 134 22.37 -7.61 -19.66
N ALA A 135 22.06 -7.55 -18.37
CA ALA A 135 21.81 -6.24 -17.75
C ALA A 135 23.12 -5.57 -17.34
N ILE A 136 24.03 -6.34 -16.75
CA ILE A 136 25.23 -5.78 -16.14
C ILE A 136 26.44 -6.55 -16.63
N ILE A 137 27.40 -5.84 -17.20
CA ILE A 137 28.76 -6.35 -17.36
C ILE A 137 29.49 -6.07 -16.05
N TYR A 138 29.78 -7.12 -15.28
CA TYR A 138 30.46 -6.95 -14.01
C TYR A 138 31.95 -7.08 -14.25
N GLU A 139 32.64 -5.94 -14.34
CA GLU A 139 34.09 -5.92 -14.52
C GLU A 139 34.70 -5.89 -13.13
N ALA A 140 35.09 -7.06 -12.64
CA ALA A 140 35.65 -7.23 -11.30
C ALA A 140 37.02 -6.57 -11.20
N ASP A 141 37.47 -6.36 -9.96
CA ASP A 141 38.78 -5.77 -9.73
C ASP A 141 39.86 -6.55 -10.44
N GLU A 142 39.79 -7.89 -10.38
CA GLU A 142 40.65 -8.75 -11.20
C GLU A 142 39.94 -9.07 -12.51
N PRO A 143 40.59 -8.79 -13.66
CA PRO A 143 39.91 -8.96 -14.96
C PRO A 143 39.30 -10.33 -15.17
N SER A 144 39.96 -11.38 -14.69
CA SER A 144 39.53 -12.74 -14.97
C SER A 144 38.29 -13.17 -14.19
N GLU A 145 37.85 -12.37 -13.20
CA GLU A 145 36.64 -12.70 -12.47
C GLU A 145 35.42 -11.95 -12.99
N SER A 146 35.59 -11.19 -14.06
CA SER A 146 34.47 -10.47 -14.65
C SER A 146 33.48 -11.45 -15.26
N ARG A 147 32.25 -10.98 -15.46
CA ARG A 147 31.20 -11.82 -16.02
C ARG A 147 29.97 -10.97 -16.33
N GLU A 148 29.05 -11.59 -17.08
CA GLU A 148 27.80 -10.97 -17.49
C GLU A 148 26.67 -11.42 -16.57
N VAL A 149 25.90 -10.46 -16.09
CA VAL A 149 24.75 -10.70 -15.24
C VAL A 149 23.51 -10.36 -16.05
N SER A 150 22.68 -11.37 -16.32
CA SER A 150 21.50 -11.19 -17.14
C SER A 150 20.42 -10.42 -16.36
N TYR A 151 19.43 -9.93 -17.11
CA TYR A 151 18.26 -9.34 -16.48
C TYR A 151 17.58 -10.33 -15.56
N GLU A 152 17.47 -11.60 -15.99
CA GLU A 152 16.87 -12.62 -15.13
C GLU A 152 17.60 -12.71 -13.80
N GLU A 153 18.94 -12.79 -13.84
CA GLU A 153 19.70 -12.97 -12.60
C GLU A 153 19.63 -11.71 -11.73
N LEU A 154 19.73 -10.53 -12.35
CA LEU A 154 19.64 -9.30 -11.57
C LEU A 154 18.28 -9.16 -10.92
N MET A 155 17.22 -9.47 -11.65
CA MET A 155 15.90 -9.35 -11.08
C MET A 155 15.67 -10.33 -9.94
N GLN A 156 16.11 -11.58 -10.12
CA GLN A 156 15.93 -12.58 -9.07
C GLN A 156 16.63 -12.17 -7.79
N GLU A 157 17.86 -11.66 -7.90
CA GLU A 157 18.62 -11.24 -6.74
C GLU A 157 18.01 -9.99 -6.11
N THR A 158 17.53 -9.08 -6.94
CA THR A 158 16.81 -7.91 -6.43
C THR A 158 15.57 -8.34 -5.66
N CYS A 159 14.83 -9.31 -6.18
CA CYS A 159 13.62 -9.74 -5.48
C CYS A 159 13.96 -10.44 -4.18
N ARG A 160 14.99 -11.27 -4.18
CA ARG A 160 15.40 -11.91 -2.93
C ARG A 160 15.73 -10.88 -1.86
N VAL A 161 16.43 -9.81 -2.24
CA VAL A 161 16.88 -8.82 -1.26
C VAL A 161 15.71 -8.00 -0.77
N ALA A 162 14.84 -7.60 -1.70
CA ALA A 162 13.59 -6.96 -1.32
C ALA A 162 12.84 -7.80 -0.28
N ASN A 163 12.72 -9.11 -0.53
CA ASN A 163 12.05 -9.98 0.42
C ASN A 163 12.78 -9.99 1.75
N VAL A 164 14.11 -9.95 1.73
CA VAL A 164 14.83 -9.85 3.00
C VAL A 164 14.48 -8.56 3.70
N LEU A 165 14.46 -7.44 2.96
CA LEU A 165 14.14 -6.16 3.59
C LEU A 165 12.73 -6.17 4.17
N LYS A 166 11.75 -6.69 3.43
CA LYS A 166 10.40 -6.79 3.97
C LYS A 166 10.41 -7.62 5.24
N SER A 167 11.20 -8.69 5.28
CA SER A 167 11.21 -9.53 6.48
C SER A 167 11.76 -8.78 7.68
N TYR A 168 12.58 -7.76 7.46
CA TYR A 168 13.07 -6.92 8.55
C TYR A 168 12.06 -5.85 8.95
N GLY A 169 10.91 -5.79 8.29
CA GLY A 169 9.92 -4.79 8.62
C GLY A 169 10.08 -3.47 7.90
N VAL A 170 10.96 -3.41 6.89
CA VAL A 170 11.11 -2.19 6.10
C VAL A 170 9.83 -1.93 5.32
N LYS A 171 9.27 -0.73 5.49
CA LYS A 171 8.03 -0.35 4.85
C LYS A 171 8.27 0.76 3.83
N LYS A 172 7.31 0.91 2.93
CA LYS A 172 7.28 2.03 1.99
C LYS A 172 7.62 3.33 2.69
N GLY A 173 8.59 4.06 2.18
CA GLY A 173 8.95 5.32 2.79
C GLY A 173 10.01 5.24 3.87
N ASP A 174 10.44 4.04 4.28
CA ASP A 174 11.59 3.92 5.18
C ASP A 174 12.90 4.14 4.42
N ALA A 175 13.88 4.71 5.10
CA ALA A 175 15.21 4.88 4.55
C ALA A 175 16.04 3.63 4.84
N VAL A 176 16.90 3.27 3.87
CA VAL A 176 17.82 2.16 4.00
C VAL A 176 19.19 2.63 3.52
N SER A 177 20.21 2.55 4.39
CA SER A 177 21.55 2.97 4.00
C SER A 177 22.26 1.85 3.25
N ILE A 178 23.08 2.24 2.28
CA ILE A 178 23.84 1.30 1.48
C ILE A 178 25.31 1.72 1.50
N TYR A 179 26.19 0.83 1.92
CA TYR A 179 27.61 1.06 1.97
C TYR A 179 28.26 -0.12 1.22
N LEU A 180 28.03 -0.14 -0.09
CA LEU A 180 28.52 -1.21 -0.94
C LEU A 180 29.59 -0.69 -1.89
N PRO A 181 30.64 -1.49 -2.14
CA PRO A 181 31.58 -1.15 -3.20
C PRO A 181 31.04 -1.55 -4.55
N MET A 182 31.87 -1.45 -5.58
CA MET A 182 31.39 -1.52 -6.95
C MET A 182 31.36 -2.97 -7.44
N THR A 183 30.60 -3.79 -6.72
CA THR A 183 30.22 -5.10 -7.19
C THR A 183 28.81 -5.03 -7.77
N TRP A 184 28.48 -5.99 -8.64
CA TRP A 184 27.22 -5.86 -9.37
C TRP A 184 26.02 -5.86 -8.42
N GLN A 185 26.12 -6.54 -7.28
CA GLN A 185 24.96 -6.58 -6.40
C GLN A 185 24.58 -5.21 -5.85
N ALA A 186 25.44 -4.19 -6.01
CA ALA A 186 25.06 -2.84 -5.61
C ALA A 186 23.79 -2.40 -6.35
N ALA A 187 23.66 -2.76 -7.63
CA ALA A 187 22.43 -2.44 -8.35
C ALA A 187 21.23 -3.17 -7.76
N ALA A 188 21.42 -4.43 -7.35
CA ALA A 188 20.33 -5.17 -6.75
C ALA A 188 19.87 -4.54 -5.44
N ALA A 189 20.81 -3.97 -4.68
CA ALA A 189 20.44 -3.36 -3.41
C ALA A 189 19.68 -2.06 -3.63
N PHE A 190 20.16 -1.22 -4.55
CA PHE A 190 19.39 -0.05 -4.96
C PHE A 190 17.98 -0.45 -5.38
N LEU A 191 17.88 -1.38 -6.32
CA LEU A 191 16.61 -1.66 -6.94
C LEU A 191 15.69 -2.41 -5.99
N ALA A 192 16.25 -3.16 -5.03
CA ALA A 192 15.40 -3.79 -4.01
C ALA A 192 14.72 -2.75 -3.15
N CYS A 193 15.44 -1.69 -2.77
CA CYS A 193 14.81 -0.61 -2.02
C CYS A 193 13.71 0.05 -2.85
N ALA A 194 14.04 0.44 -4.09
CA ALA A 194 13.05 1.00 -5.01
C ALA A 194 11.87 0.06 -5.19
N ARG A 195 12.13 -1.24 -5.26
CA ARG A 195 11.05 -2.18 -5.50
C ARG A 195 9.99 -2.10 -4.40
N ILE A 196 10.40 -1.85 -3.16
CA ILE A 196 9.44 -1.87 -2.06
C ILE A 196 9.11 -0.47 -1.58
N GLY A 197 9.60 0.56 -2.28
CA GLY A 197 9.32 1.91 -1.85
C GLY A 197 10.19 2.41 -0.74
N ALA A 198 11.22 1.67 -0.37
CA ALA A 198 12.16 2.16 0.61
C ALA A 198 13.07 3.18 -0.06
N ILE A 199 13.60 4.10 0.73
CA ILE A 199 14.39 5.21 0.23
C ILE A 199 15.84 4.82 0.44
N HIS A 200 16.58 4.49 -0.61
CA HIS A 200 17.96 4.11 -0.35
C HIS A 200 18.83 5.35 -0.22
N SER A 201 19.89 5.21 0.58
CA SER A 201 20.88 6.23 0.82
C SER A 201 22.24 5.57 0.68
N ALA A 202 22.87 5.72 -0.48
CA ALA A 202 24.13 5.06 -0.78
C ALA A 202 25.29 5.94 -0.37
N VAL A 203 26.28 5.33 0.26
CA VAL A 203 27.48 6.02 0.72
C VAL A 203 28.68 5.35 0.08
N PHE A 204 29.55 6.14 -0.56
CA PHE A 204 30.84 5.70 -1.10
C PHE A 204 31.52 4.70 -0.19
N ALA A 205 31.70 3.47 -0.68
CA ALA A 205 32.50 2.50 0.07
C ALA A 205 33.90 3.04 0.26
N GLY A 206 34.41 3.00 1.48
CA GLY A 206 35.67 3.62 1.80
C GLY A 206 35.58 4.97 2.46
N PHE A 207 34.40 5.59 2.53
CA PHE A 207 34.23 6.73 3.41
C PHE A 207 34.47 6.30 4.85
N SER A 208 34.95 7.25 5.64
CA SER A 208 35.34 6.94 7.01
C SER A 208 34.13 6.58 7.86
N ALA A 209 34.41 5.90 8.97
CA ALA A 209 33.35 5.58 9.93
C ALA A 209 32.61 6.84 10.38
N GLU A 210 33.31 7.97 10.45
CA GLU A 210 32.68 9.22 10.84
C GLU A 210 31.73 9.71 9.76
N SER A 211 32.19 9.75 8.51
CA SER A 211 31.31 10.17 7.41
C SER A 211 30.11 9.26 7.28
N LEU A 212 30.31 7.95 7.43
CA LEU A 212 29.19 7.01 7.35
C LEU A 212 28.19 7.26 8.46
N ARG A 213 28.68 7.38 9.70
CA ARG A 213 27.81 7.61 10.85
C ARG A 213 26.94 8.84 10.65
N ASP A 214 27.52 9.94 10.16
CA ASP A 214 26.76 11.16 9.93
C ASP A 214 25.61 10.94 8.95
N ARG A 215 25.89 10.21 7.86
CA ARG A 215 24.84 9.99 6.86
C ARG A 215 23.85 8.92 7.30
N VAL A 216 24.31 7.90 8.02
CA VAL A 216 23.38 6.92 8.57
C VAL A 216 22.47 7.57 9.60
N ASN A 217 23.03 8.44 10.45
CA ASN A 217 22.23 9.09 11.48
C ASN A 217 21.24 10.08 10.87
N ASP A 218 21.68 10.84 9.86
CA ASP A 218 20.82 11.89 9.32
C ASP A 218 19.57 11.32 8.65
N CYS A 219 19.70 10.20 7.94
CA CYS A 219 18.54 9.66 7.25
C CYS A 219 17.67 8.76 8.14
N GLU A 220 18.12 8.48 9.36
CA GLU A 220 17.35 7.75 10.36
C GLU A 220 16.98 6.34 9.90
N CYS A 221 17.79 5.75 9.04
CA CYS A 221 17.53 4.38 8.61
C CYS A 221 17.63 3.43 9.80
N LYS A 222 16.95 2.29 9.66
CA LYS A 222 17.04 1.20 10.62
C LYS A 222 17.79 0.00 10.08
N VAL A 223 18.03 -0.06 8.77
CA VAL A 223 18.69 -1.18 8.12
C VAL A 223 19.86 -0.64 7.30
N LEU A 224 20.97 -1.39 7.29
N LEU A 224 20.98 -1.38 7.30
CA LEU A 224 22.16 -1.04 6.52
CA LEU A 224 22.15 -1.05 6.50
C LEU A 224 22.64 -2.26 5.71
C LEU A 224 22.59 -2.26 5.70
N ILE A 225 22.97 -2.02 4.44
CA ILE A 225 23.44 -3.07 3.54
C ILE A 225 24.91 -2.78 3.23
N THR A 226 25.78 -3.77 3.41
CA THR A 226 27.20 -3.55 3.15
C THR A 226 27.85 -4.88 2.74
N THR A 227 29.18 -4.86 2.61
CA THR A 227 29.98 -6.02 2.27
C THR A 227 30.88 -6.37 3.45
N ASP A 228 31.37 -7.62 3.47
CA ASP A 228 32.45 -7.94 4.41
C ASP A 228 33.67 -7.10 4.09
N GLU A 229 34.11 -7.12 2.84
CA GLU A 229 35.24 -6.33 2.37
C GLU A 229 34.99 -5.93 0.92
N GLY A 230 35.57 -4.80 0.53
CA GLY A 230 35.63 -4.42 -0.87
C GLY A 230 37.02 -4.63 -1.46
N ARG A 231 37.10 -4.71 -2.78
CA ARG A 231 38.37 -4.79 -3.50
C ARG A 231 38.39 -3.70 -4.55
N ARG A 232 39.43 -2.86 -4.54
CA ARG A 232 39.60 -1.85 -5.59
C ARG A 232 41.07 -1.58 -5.82
N GLY A 233 41.51 -1.81 -7.06
CA GLY A 233 42.92 -1.63 -7.39
C GLY A 233 43.83 -2.53 -6.60
N GLY A 234 43.40 -3.77 -6.35
CA GLY A 234 44.23 -4.69 -5.59
C GLY A 234 44.35 -4.39 -4.11
N LYS A 235 43.58 -3.43 -3.59
CA LYS A 235 43.58 -3.14 -2.17
C LYS A 235 42.23 -3.53 -1.56
N THR A 236 42.27 -3.85 -0.26
CA THR A 236 41.08 -4.23 0.48
C THR A 236 40.47 -3.01 1.14
N ILE A 237 39.19 -2.79 0.92
CA ILE A 237 38.42 -1.82 1.70
C ILE A 237 37.76 -2.60 2.83
N ALA A 238 38.02 -2.19 4.07
CA ALA A 238 37.53 -2.94 5.23
C ALA A 238 36.15 -2.43 5.62
N THR A 239 35.17 -2.70 4.74
CA THR A 239 33.84 -2.11 4.88
C THR A 239 33.18 -2.53 6.18
N LYS A 240 33.13 -3.83 6.46
CA LYS A 240 32.47 -4.28 7.68
C LYS A 240 33.13 -3.70 8.92
N GLN A 241 34.46 -3.62 8.93
CA GLN A 241 35.16 -2.99 10.04
C GLN A 241 34.81 -1.52 10.17
N ILE A 242 34.71 -0.81 9.04
CA ILE A 242 34.31 0.59 9.12
C ILE A 242 32.87 0.69 9.61
N VAL A 243 32.00 -0.19 9.11
CA VAL A 243 30.61 -0.18 9.53
C VAL A 243 30.51 -0.38 11.04
N ASP A 244 31.29 -1.31 11.59
CA ASP A 244 31.21 -1.58 13.03
C ASP A 244 31.59 -0.37 13.86
N ALA A 245 32.53 0.45 13.38
CA ALA A 245 32.91 1.65 14.11
C ALA A 245 31.80 2.69 14.04
N ALA A 246 31.23 2.90 12.84
CA ALA A 246 30.15 3.86 12.71
C ALA A 246 28.96 3.48 13.59
N LEU A 247 28.58 2.19 13.56
CA LEU A 247 27.36 1.78 14.21
C LEU A 247 27.41 1.92 15.72
N GLN A 248 28.61 1.99 16.30
CA GLN A 248 28.69 2.32 17.71
C GLN A 248 28.11 3.70 18.02
N GLN A 249 27.91 4.54 17.00
CA GLN A 249 27.31 5.84 17.23
C GLN A 249 26.07 6.04 16.36
N CYS A 250 25.38 4.95 16.04
CA CYS A 250 24.17 4.99 15.22
C CYS A 250 23.11 4.17 15.90
N PRO A 251 22.39 4.77 16.87
CA PRO A 251 21.50 3.97 17.72
C PRO A 251 20.25 3.47 17.03
N LEU A 252 19.92 3.92 15.83
CA LEU A 252 18.67 3.47 15.21
C LEU A 252 18.83 2.18 14.38
N VAL A 253 20.05 1.85 13.94
CA VAL A 253 20.23 0.73 13.02
C VAL A 253 20.06 -0.59 13.77
N GLU A 254 19.18 -1.46 13.26
CA GLU A 254 18.88 -2.73 13.91
C GLU A 254 19.34 -3.94 13.13
N ASN A 255 19.39 -3.85 11.80
CA ASN A 255 19.71 -4.96 10.92
C ASN A 255 20.81 -4.54 9.96
N VAL A 256 21.85 -5.37 9.85
CA VAL A 256 22.88 -5.17 8.83
C VAL A 256 22.89 -6.40 7.94
N LEU A 257 22.74 -6.18 6.64
CA LEU A 257 22.83 -7.26 5.66
C LEU A 257 24.21 -7.19 5.00
N VAL A 258 24.96 -8.29 5.10
CA VAL A 258 26.39 -8.29 4.81
C VAL A 258 26.65 -9.18 3.60
N LEU A 259 27.04 -8.57 2.47
CA LEU A 259 27.36 -9.30 1.26
C LEU A 259 28.75 -9.91 1.36
N ARG A 260 28.85 -11.22 1.12
CA ARG A 260 30.12 -11.94 1.28
C ARG A 260 30.99 -11.78 0.03
N ARG A 261 31.50 -10.56 -0.13
CA ARG A 261 32.24 -10.22 -1.36
C ARG A 261 33.60 -10.90 -1.42
N THR A 262 34.35 -10.91 -0.30
CA THR A 262 35.66 -11.54 -0.26
C THR A 262 35.68 -12.85 0.49
N GLY A 263 34.83 -13.02 1.50
CA GLY A 263 34.85 -14.20 2.33
C GLY A 263 35.88 -14.20 3.43
N ASN A 264 36.76 -13.20 3.49
CA ASN A 264 37.73 -13.15 4.57
C ASN A 264 37.03 -12.87 5.89
N LYS A 265 37.64 -13.31 6.99
CA LYS A 265 36.98 -13.20 8.29
C LYS A 265 36.75 -11.74 8.66
N VAL A 266 35.52 -11.43 9.05
CA VAL A 266 35.13 -10.12 9.51
C VAL A 266 34.26 -10.31 10.75
N PRO A 267 34.22 -9.35 11.67
CA PRO A 267 33.37 -9.49 12.84
C PRO A 267 31.89 -9.37 12.48
N MET A 268 31.08 -10.25 13.06
CA MET A 268 29.63 -10.23 12.87
C MET A 268 28.96 -10.18 14.24
N THR A 269 27.99 -9.29 14.40
CA THR A 269 27.27 -9.13 15.67
C THR A 269 26.03 -10.00 15.66
N GLU A 270 25.92 -10.90 16.63
CA GLU A 270 24.80 -11.81 16.71
CA GLU A 270 24.80 -11.82 16.69
C GLU A 270 23.48 -11.05 16.72
N GLY A 271 22.54 -11.49 15.87
CA GLY A 271 21.25 -10.83 15.78
C GLY A 271 21.24 -9.65 14.83
N ARG A 272 22.11 -8.67 15.07
CA ARG A 272 22.13 -7.48 14.23
C ARG A 272 22.58 -7.81 12.81
N ASP A 273 23.63 -8.63 12.67
CA ASP A 273 24.28 -8.86 11.38
C ASP A 273 23.87 -10.21 10.80
N LYS A 274 23.54 -10.23 9.53
CA LYS A 274 23.21 -11.46 8.80
C LYS A 274 23.94 -11.49 7.47
N TRP A 275 24.25 -12.69 7.00
CA TRP A 275 24.92 -12.84 5.71
C TRP A 275 23.89 -12.74 4.59
N TRP A 276 24.21 -11.93 3.58
CA TRP A 276 23.34 -11.72 2.43
C TRP A 276 22.89 -13.05 1.80
N ASP A 277 23.85 -13.94 1.52
CA ASP A 277 23.54 -15.19 0.84
C ASP A 277 22.61 -16.09 1.67
N GLU A 278 22.80 -16.11 2.99
CA GLU A 278 21.99 -16.97 3.85
C GLU A 278 20.58 -16.43 4.07
N GLU A 279 20.43 -15.10 4.11
CA GLU A 279 19.10 -14.52 4.17
C GLU A 279 18.37 -14.73 2.85
N CYS A 280 19.05 -14.47 1.74
CA CYS A 280 18.43 -14.56 0.43
C CYS A 280 18.02 -15.98 0.11
N ALA A 281 18.79 -16.97 0.56
CA ALA A 281 18.46 -18.35 0.27
C ALA A 281 17.11 -18.77 0.86
N LYS A 282 16.65 -18.08 1.91
CA LYS A 282 15.36 -18.39 2.53
C LYS A 282 14.19 -17.76 1.78
N MET A 283 14.44 -16.85 0.84
CA MET A 283 13.37 -16.04 0.28
C MET A 283 13.01 -16.46 -1.14
N PRO A 284 11.76 -16.21 -1.55
CA PRO A 284 11.38 -16.40 -2.96
C PRO A 284 12.16 -15.48 -3.89
N ALA A 285 12.35 -15.92 -5.12
CA ALA A 285 13.06 -15.14 -6.12
C ALA A 285 12.14 -14.23 -6.92
N TYR A 286 10.90 -14.02 -6.49
CA TYR A 286 10.09 -12.94 -6.99
C TYR A 286 9.48 -12.20 -5.81
N CYS A 287 9.23 -10.91 -6.02
CA CYS A 287 8.70 -10.06 -5.00
C CYS A 287 7.85 -9.05 -5.76
N PRO A 288 6.62 -8.76 -5.32
CA PRO A 288 5.81 -7.74 -6.01
C PRO A 288 6.42 -6.37 -5.85
N CYS A 289 6.05 -5.47 -6.77
CA CYS A 289 6.49 -4.08 -6.77
C CYS A 289 5.49 -3.21 -6.01
N GLU A 290 6.00 -2.38 -5.11
CA GLU A 290 5.14 -1.39 -4.47
C GLU A 290 4.74 -0.35 -5.50
N ARG A 291 3.47 0.04 -5.51
CA ARG A 291 3.01 1.07 -6.45
C ARG A 291 3.31 2.46 -5.89
N MET A 292 4.25 3.17 -6.50
CA MET A 292 4.74 4.43 -5.97
C MET A 292 4.10 5.61 -6.69
N ALA A 293 3.74 6.64 -5.93
CA ALA A 293 3.35 7.89 -6.57
C ALA A 293 4.56 8.52 -7.24
N SER A 294 4.29 9.27 -8.32
CA SER A 294 5.35 9.97 -9.04
CA SER A 294 5.37 9.96 -9.04
C SER A 294 6.29 10.73 -8.09
N GLU A 295 5.73 11.35 -7.06
CA GLU A 295 6.50 12.20 -6.18
C GLU A 295 6.95 11.51 -4.91
N ASP A 296 6.77 10.20 -4.77
CA ASP A 296 7.34 9.52 -3.61
C ASP A 296 8.87 9.59 -3.71
N PRO A 297 9.57 9.80 -2.60
CA PRO A 297 11.03 9.82 -2.65
C PRO A 297 11.56 8.49 -3.15
N LEU A 298 12.50 8.56 -4.08
CA LEU A 298 13.22 7.37 -4.53
C LEU A 298 14.53 7.19 -3.77
N PHE A 299 15.31 8.26 -3.58
CA PHE A 299 16.54 8.10 -2.82
C PHE A 299 16.96 9.42 -2.19
N ILE A 300 17.81 9.29 -1.17
CA ILE A 300 18.61 10.39 -0.64
C ILE A 300 20.06 10.15 -1.06
N LEU A 301 20.74 11.19 -1.53
CA LEU A 301 22.15 11.06 -1.87
C LEU A 301 22.89 12.22 -1.21
N TYR A 302 23.68 11.92 -0.20
CA TYR A 302 24.46 12.93 0.47
C TYR A 302 25.60 13.38 -0.43
N THR A 303 25.78 14.69 -0.57
CA THR A 303 26.94 15.24 -1.25
C THR A 303 28.07 15.42 -0.25
N SER A 304 29.30 15.43 -0.77
CA SER A 304 30.50 15.54 0.04
C SER A 304 30.64 16.91 0.67
N LYS A 309 28.19 20.69 6.62
CA LYS A 309 27.24 19.65 7.00
C LYS A 309 26.78 18.84 5.77
N PRO A 310 26.49 17.56 5.97
CA PRO A 310 26.19 16.69 4.82
C PRO A 310 24.79 16.95 4.29
N LYS A 311 24.70 17.19 2.99
CA LYS A 311 23.47 17.63 2.34
C LYS A 311 22.78 16.41 1.74
N GLY A 312 21.63 16.03 2.31
CA GLY A 312 20.88 14.90 1.81
C GLY A 312 19.97 15.28 0.65
N VAL A 313 20.46 15.09 -0.57
CA VAL A 313 19.71 15.54 -1.75
C VAL A 313 18.68 14.48 -2.10
N VAL A 314 17.39 14.89 -2.16
CA VAL A 314 16.27 13.96 -2.34
C VAL A 314 15.75 14.05 -3.77
N HIS A 315 15.66 12.90 -4.43
CA HIS A 315 15.02 12.82 -5.73
C HIS A 315 13.71 12.03 -5.59
N SER A 316 12.68 12.47 -6.30
CA SER A 316 11.44 11.70 -6.31
C SER A 316 11.57 10.67 -7.44
N THR A 317 10.46 10.05 -7.85
CA THR A 317 10.53 8.82 -8.62
C THR A 317 10.36 9.03 -10.12
N ALA A 318 9.20 9.51 -10.57
CA ALA A 318 8.93 9.53 -12.01
C ALA A 318 9.80 10.55 -12.75
N GLY A 319 9.84 11.80 -12.28
CA GLY A 319 10.63 12.82 -12.98
C GLY A 319 12.10 12.48 -13.07
N TYR A 320 12.69 12.03 -11.96
CA TYR A 320 14.08 11.58 -11.98
C TYR A 320 14.28 10.42 -12.95
N LEU A 321 13.47 9.37 -12.83
CA LEU A 321 13.62 8.23 -13.74
C LEU A 321 13.47 8.67 -15.19
N LEU A 322 12.48 9.51 -15.47
CA LEU A 322 12.29 9.94 -16.84
C LEU A 322 13.50 10.72 -17.33
N GLY A 323 14.07 11.57 -16.46
CA GLY A 323 15.19 12.39 -16.88
C GLY A 323 16.43 11.56 -17.16
N THR A 324 16.68 10.56 -16.33
CA THR A 324 17.83 9.71 -16.58
C THR A 324 17.61 8.86 -17.83
N ALA A 325 16.39 8.36 -18.03
CA ALA A 325 16.12 7.55 -19.22
C ALA A 325 16.33 8.37 -20.48
N LEU A 326 15.81 9.60 -20.51
CA LEU A 326 15.88 10.42 -21.72
C LEU A 326 17.32 10.85 -21.99
N THR A 327 18.03 11.32 -20.95
CA THR A 327 19.39 11.79 -21.17
C THR A 327 20.30 10.65 -21.61
N LEU A 328 20.18 9.48 -20.99
CA LEU A 328 20.96 8.35 -21.46
C LEU A 328 20.69 8.09 -22.93
N LYS A 329 19.40 8.10 -23.31
CA LYS A 329 19.03 7.81 -24.69
C LYS A 329 19.59 8.85 -25.66
N TYR A 330 19.41 10.15 -25.34
CA TYR A 330 19.75 11.16 -26.34
C TYR A 330 21.18 11.67 -26.24
N VAL A 331 21.71 11.87 -25.02
CA VAL A 331 23.07 12.38 -24.91
C VAL A 331 24.07 11.33 -25.34
N PHE A 332 23.77 10.05 -25.13
CA PHE A 332 24.71 9.00 -25.51
C PHE A 332 24.27 8.24 -26.76
N ASP A 333 23.21 8.72 -27.41
CA ASP A 333 22.58 8.06 -28.55
C ASP A 333 22.50 6.55 -28.34
N ALA A 334 21.83 6.17 -27.25
CA ALA A 334 21.71 4.77 -26.88
C ALA A 334 20.69 4.06 -27.75
N HIS A 335 21.05 2.85 -28.18
CA HIS A 335 20.23 2.01 -29.02
C HIS A 335 20.14 0.64 -28.35
N PRO A 336 19.15 -0.18 -28.73
CA PRO A 336 18.81 -1.36 -27.92
C PRO A 336 19.94 -2.33 -27.62
N ASP A 337 20.90 -2.52 -28.51
CA ASP A 337 21.95 -3.51 -28.30
C ASP A 337 23.21 -2.91 -27.68
N ASP A 338 23.17 -1.63 -27.30
CA ASP A 338 24.37 -0.97 -26.81
C ASP A 338 24.88 -1.58 -25.51
N ARG A 339 26.18 -1.45 -25.31
CA ARG A 339 26.85 -1.83 -24.07
C ARG A 339 27.43 -0.56 -23.50
N PHE A 340 26.70 0.06 -22.57
CA PHE A 340 27.05 1.37 -22.04
C PHE A 340 28.00 1.21 -20.85
N ALA A 341 29.17 1.85 -20.95
CA ALA A 341 30.23 1.69 -19.93
C ALA A 341 30.50 3.00 -19.18
N CYS A 342 29.75 3.26 -18.12
CA CYS A 342 30.05 4.36 -17.21
C CYS A 342 30.97 3.83 -16.10
N MET A 343 32.14 4.44 -15.96
CA MET A 343 33.21 3.89 -15.11
C MET A 343 33.24 4.54 -13.74
N ALA A 344 32.20 5.25 -13.36
CA ALA A 344 32.15 5.94 -12.08
C ALA A 344 31.74 4.98 -10.99
N ASP A 345 31.52 5.50 -9.80
CA ASP A 345 31.16 4.75 -8.61
C ASP A 345 29.71 5.05 -8.26
N ILE A 346 28.97 4.04 -7.79
CA ILE A 346 27.56 4.26 -7.51
C ILE A 346 27.34 5.14 -6.28
N GLY A 347 28.39 5.45 -5.52
CA GLY A 347 28.26 6.44 -4.48
C GLY A 347 28.08 7.85 -4.97
N TRP A 348 28.30 8.10 -6.26
CA TRP A 348 28.17 9.39 -6.90
C TRP A 348 26.85 9.43 -7.66
N ILE A 349 26.26 10.63 -7.79
CA ILE A 349 25.04 10.75 -8.61
C ILE A 349 25.27 10.18 -10.00
N THR A 350 26.49 10.31 -10.54
CA THR A 350 26.78 9.78 -11.87
C THR A 350 26.52 8.27 -11.94
N GLY A 351 26.89 7.54 -10.88
CA GLY A 351 26.57 6.12 -10.84
C GLY A 351 25.09 5.83 -10.66
N HIS A 352 24.40 6.65 -9.86
CA HIS A 352 22.94 6.54 -9.77
C HIS A 352 22.31 6.68 -11.15
N SER A 353 22.63 7.77 -11.84
CA SER A 353 21.88 8.11 -13.04
C SER A 353 22.36 7.34 -14.25
N TYR A 354 23.66 7.06 -14.38
CA TYR A 354 24.17 6.53 -15.64
C TYR A 354 24.90 5.21 -15.50
N ILE A 355 24.89 4.60 -14.33
CA ILE A 355 25.13 3.16 -14.23
C ILE A 355 23.83 2.41 -14.05
N ILE A 356 23.05 2.77 -13.03
CA ILE A 356 21.85 1.99 -12.70
C ILE A 356 20.62 2.50 -13.44
N TYR A 357 20.08 3.65 -13.03
CA TYR A 357 18.71 3.97 -13.40
C TYR A 357 18.55 4.24 -14.90
N GLY A 358 19.35 5.14 -15.47
CA GLY A 358 19.24 5.50 -16.87
C GLY A 358 19.38 4.34 -17.82
N PRO A 359 20.48 3.59 -17.72
CA PRO A 359 20.67 2.46 -18.66
C PRO A 359 19.67 1.33 -18.44
N LEU A 360 19.41 0.96 -17.19
CA LEU A 360 18.47 -0.14 -16.96
C LEU A 360 17.05 0.26 -17.33
N ALA A 361 16.65 1.51 -17.05
CA ALA A 361 15.35 1.96 -17.56
C ALA A 361 15.25 1.75 -19.06
N ASN A 362 16.35 2.03 -19.79
CA ASN A 362 16.33 1.83 -21.23
C ASN A 362 16.46 0.38 -21.66
N GLY A 363 16.64 -0.55 -20.72
CA GLY A 363 16.75 -1.95 -21.09
C GLY A 363 18.04 -2.37 -21.78
N ILE A 364 19.09 -1.57 -21.71
CA ILE A 364 20.32 -1.95 -22.39
C ILE A 364 21.30 -2.58 -21.39
N THR A 365 22.54 -2.77 -21.80
CA THR A 365 23.56 -3.37 -20.97
C THR A 365 24.43 -2.28 -20.37
N THR A 366 24.76 -2.44 -19.09
CA THR A 366 25.48 -1.40 -18.37
C THR A 366 26.65 -2.01 -17.62
N ALA A 367 27.75 -1.27 -17.53
CA ALA A 367 28.95 -1.74 -16.87
C ALA A 367 28.96 -1.34 -15.40
N VAL A 368 29.37 -2.29 -14.56
CA VAL A 368 29.69 -2.04 -13.16
C VAL A 368 31.18 -2.31 -13.03
N PHE A 369 31.99 -1.25 -12.98
CA PHE A 369 33.45 -1.35 -13.04
C PHE A 369 34.02 -1.28 -11.63
N GLU A 370 34.58 -2.39 -11.15
CA GLU A 370 35.00 -2.48 -9.75
C GLU A 370 36.40 -1.91 -9.48
N SER A 371 37.25 -1.77 -10.49
CA SER A 371 38.66 -1.50 -10.29
C SER A 371 38.95 0.00 -10.41
N THR A 372 40.19 0.36 -10.77
CA THR A 372 40.61 1.73 -10.99
C THR A 372 41.06 1.88 -12.44
N PRO A 373 41.23 3.10 -12.95
CA PRO A 373 41.70 3.23 -14.34
C PRO A 373 43.10 2.70 -14.58
N VAL A 374 43.89 2.44 -13.53
CA VAL A 374 45.27 2.06 -13.73
C VAL A 374 45.61 0.74 -13.05
N TYR A 375 44.61 -0.07 -12.71
CA TYR A 375 44.91 -1.38 -12.17
C TYR A 375 44.38 -2.47 -13.10
N PRO A 376 45.18 -3.52 -13.37
CA PRO A 376 46.57 -3.61 -12.96
C PRO A 376 47.51 -2.68 -13.72
N THR A 377 47.10 -2.17 -14.88
CA THR A 377 47.94 -1.24 -15.63
C THR A 377 47.06 -0.12 -16.19
N PRO A 378 47.68 0.99 -16.62
CA PRO A 378 46.90 2.07 -17.24
C PRO A 378 46.18 1.69 -18.53
N SER A 379 46.32 0.45 -19.00
CA SER A 379 45.56 0.02 -20.17
C SER A 379 44.20 -0.58 -19.80
N ARG A 380 43.80 -0.51 -18.53
CA ARG A 380 42.62 -1.25 -18.07
C ARG A 380 41.34 -0.81 -18.79
N TYR A 381 41.10 0.50 -18.89
CA TYR A 381 39.89 0.98 -19.59
C TYR A 381 39.81 0.41 -20.99
N TRP A 382 40.95 0.36 -21.70
CA TRP A 382 40.93 0.00 -23.11
C TRP A 382 40.91 -1.51 -23.31
N ASP A 383 41.60 -2.26 -22.44
CA ASP A 383 41.39 -3.70 -22.41
C ASP A 383 39.92 -4.02 -22.18
N PHE A 384 39.25 -3.22 -21.35
CA PHE A 384 37.84 -3.45 -21.05
C PHE A 384 36.96 -3.18 -22.26
N VAL A 385 37.27 -2.09 -23.00
CA VAL A 385 36.45 -1.72 -24.16
C VAL A 385 36.55 -2.79 -25.24
N ASP A 386 37.75 -3.28 -25.49
CA ASP A 386 37.92 -4.26 -26.56
C ASP A 386 37.44 -5.64 -26.15
N LYS A 387 37.47 -5.96 -24.85
CA LYS A 387 36.96 -7.24 -24.38
C LYS A 387 35.44 -7.31 -24.53
N TRP A 388 34.74 -6.26 -24.09
CA TRP A 388 33.29 -6.26 -24.06
C TRP A 388 32.66 -5.52 -25.23
N LYS A 389 33.46 -4.92 -26.11
CA LYS A 389 32.95 -4.16 -27.25
C LYS A 389 31.99 -3.06 -26.79
N ALA A 390 32.41 -2.30 -25.78
CA ALA A 390 31.56 -1.22 -25.28
C ALA A 390 31.30 -0.20 -26.38
N THR A 391 30.07 0.31 -26.44
CA THR A 391 29.68 1.27 -27.46
C THR A 391 29.73 2.73 -26.99
N GLN A 392 29.75 2.97 -25.69
CA GLN A 392 29.90 4.29 -25.12
C GLN A 392 30.78 4.15 -23.88
N LEU A 393 31.63 5.14 -23.64
CA LEU A 393 32.39 5.18 -22.39
C LEU A 393 32.19 6.54 -21.75
N TYR A 394 32.04 6.54 -20.44
CA TYR A 394 31.68 7.73 -19.68
C TYR A 394 32.58 7.78 -18.46
N THR A 395 33.37 8.85 -18.32
CA THR A 395 34.22 8.92 -17.14
C THR A 395 34.41 10.39 -16.77
N ALA A 396 35.34 10.65 -15.83
CA ALA A 396 35.59 11.99 -15.29
C ALA A 396 36.91 12.56 -15.82
N PRO A 397 37.01 13.88 -15.95
CA PRO A 397 38.28 14.49 -16.37
C PRO A 397 39.46 14.04 -15.54
N THR A 398 39.26 13.75 -14.25
CA THR A 398 40.38 13.34 -13.41
C THR A 398 40.96 12.02 -13.89
N ALA A 399 40.10 11.08 -14.31
CA ALA A 399 40.60 9.83 -14.86
C ALA A 399 41.29 10.07 -16.19
N ILE A 400 40.72 10.94 -17.03
CA ILE A 400 41.32 11.22 -18.32
C ILE A 400 42.72 11.80 -18.14
N ARG A 401 42.86 12.84 -17.31
CA ARG A 401 44.17 13.42 -17.08
C ARG A 401 45.11 12.42 -16.40
N LEU A 402 44.56 11.48 -15.64
CA LEU A 402 45.40 10.43 -15.06
C LEU A 402 45.99 9.56 -16.14
N LEU A 403 45.15 9.11 -17.07
CA LEU A 403 45.66 8.26 -18.14
C LEU A 403 46.54 9.05 -19.10
N ARG A 404 46.23 10.33 -19.34
CA ARG A 404 47.13 11.15 -20.13
C ARG A 404 48.51 11.23 -19.49
N ARG A 405 48.55 11.31 -18.15
CA ARG A 405 49.84 11.38 -17.46
C ARG A 405 50.66 10.11 -17.69
N MET A 406 49.99 8.99 -17.93
CA MET A 406 50.60 7.66 -18.01
C MET A 406 51.15 7.33 -19.38
N GLY A 407 50.83 8.09 -20.40
CA GLY A 407 51.51 7.86 -21.66
C GLY A 407 50.69 7.01 -22.61
N GLU A 408 50.92 7.22 -23.90
CA GLU A 408 50.02 6.69 -24.91
C GLU A 408 50.28 5.23 -25.25
N ASP A 409 51.32 4.62 -24.68
CA ASP A 409 51.58 3.22 -24.96
C ASP A 409 50.44 2.31 -24.53
N HIS A 410 49.74 2.68 -23.46
CA HIS A 410 48.68 1.83 -22.92
C HIS A 410 47.37 1.92 -23.70
N VAL A 411 47.29 2.76 -24.73
CA VAL A 411 46.03 2.98 -25.45
C VAL A 411 46.22 2.89 -26.95
N LYS A 412 47.43 3.22 -27.45
CA LYS A 412 47.62 3.44 -28.88
C LYS A 412 47.41 2.17 -29.71
N ASN A 413 47.67 0.99 -29.13
CA ASN A 413 47.58 -0.26 -29.87
C ASN A 413 46.31 -1.05 -29.58
N HIS A 414 45.26 -0.38 -29.12
CA HIS A 414 43.98 -1.04 -28.99
C HIS A 414 43.11 -0.75 -30.21
N ASP A 415 42.04 -1.55 -30.35
CA ASP A 415 41.07 -1.40 -31.44
C ASP A 415 40.11 -0.26 -31.12
N LEU A 416 39.22 -0.47 -30.16
CA LEU A 416 38.32 0.54 -29.60
C LEU A 416 37.23 1.00 -30.56
N SER A 417 37.06 0.34 -31.72
CA SER A 417 36.16 0.87 -32.72
C SER A 417 34.69 0.57 -32.43
N SER A 418 34.40 -0.20 -31.37
CA SER A 418 33.00 -0.35 -30.96
C SER A 418 32.47 0.91 -30.31
N LEU A 419 33.35 1.74 -29.76
CA LEU A 419 32.93 3.02 -29.19
C LEU A 419 32.46 3.96 -30.29
N ARG A 420 31.37 4.68 -30.02
CA ARG A 420 30.93 5.80 -30.83
C ARG A 420 30.88 7.11 -30.06
N VAL A 421 30.67 7.05 -28.75
CA VAL A 421 30.48 8.24 -27.94
C VAL A 421 31.35 8.14 -26.69
N LEU A 422 32.12 9.18 -26.42
CA LEU A 422 32.95 9.28 -25.23
C LEU A 422 32.46 10.47 -24.43
N GLY A 423 32.12 10.23 -23.16
CA GLY A 423 31.63 11.32 -22.35
C GLY A 423 32.55 11.67 -21.22
N SER A 424 32.43 12.90 -20.71
CA SER A 424 33.22 13.39 -19.59
C SER A 424 32.28 14.12 -18.65
N VAL A 425 32.38 13.83 -17.35
CA VAL A 425 31.52 14.44 -16.32
C VAL A 425 32.35 14.74 -15.07
N GLY A 426 32.04 15.86 -14.41
CA GLY A 426 32.50 16.08 -13.05
C GLY A 426 33.21 17.40 -12.81
N GLU A 427 33.80 17.95 -13.86
CA GLU A 427 34.61 19.16 -13.81
C GLU A 427 34.81 19.63 -15.25
N PRO A 428 35.19 20.89 -15.44
CA PRO A 428 35.61 21.31 -16.78
C PRO A 428 36.74 20.42 -17.27
N ILE A 429 36.66 20.00 -18.52
CA ILE A 429 37.73 19.22 -19.14
C ILE A 429 38.61 20.18 -19.92
N ASN A 430 39.88 20.27 -19.53
CA ASN A 430 40.79 21.17 -20.23
C ASN A 430 40.90 20.73 -21.68
N PRO A 431 40.97 21.67 -22.63
CA PRO A 431 41.13 21.27 -24.04
C PRO A 431 42.29 20.32 -24.29
N GLU A 432 43.36 20.43 -23.52
CA GLU A 432 44.46 19.48 -23.68
C GLU A 432 44.00 18.06 -23.38
N ALA A 433 43.19 17.89 -22.32
CA ALA A 433 42.70 16.55 -21.98
C ALA A 433 41.60 16.11 -22.96
N TRP A 434 40.77 17.06 -23.38
CA TRP A 434 39.74 16.75 -24.38
C TRP A 434 40.37 16.17 -25.64
N HIS A 435 41.46 16.77 -26.13
CA HIS A 435 42.13 16.31 -27.35
C HIS A 435 42.77 14.93 -27.17
N TRP A 436 43.41 14.69 -26.03
CA TRP A 436 43.95 13.36 -25.77
C TRP A 436 42.83 12.32 -25.74
N TYR A 437 41.70 12.66 -25.13
CA TYR A 437 40.53 11.78 -25.16
C TYR A 437 40.09 11.51 -26.60
N ASN A 438 39.92 12.56 -27.38
CA ASN A 438 39.41 12.45 -28.74
C ASN A 438 40.37 11.69 -29.64
N ASP A 439 41.68 11.93 -29.49
CA ASP A 439 42.66 11.33 -30.41
C ASP A 439 42.90 9.86 -30.12
N PHE A 440 43.02 9.49 -28.86
CA PHE A 440 43.51 8.16 -28.50
C PHE A 440 42.37 7.23 -28.11
N ALA A 441 41.48 7.66 -27.21
CA ALA A 441 40.33 6.83 -26.89
C ALA A 441 39.39 6.75 -28.08
N GLY A 442 39.20 7.85 -28.80
CA GLY A 442 38.23 7.87 -29.88
C GLY A 442 38.84 7.68 -31.26
N LYS A 443 40.17 7.77 -31.35
CA LYS A 443 40.89 7.74 -32.64
C LYS A 443 40.24 8.70 -33.63
N ASN A 444 39.76 9.84 -33.12
CA ASN A 444 39.14 10.88 -33.94
C ASN A 444 37.92 10.37 -34.68
N GLN A 445 37.22 9.40 -34.10
CA GLN A 445 36.04 8.85 -34.74
C GLN A 445 34.85 8.75 -33.82
N CYS A 446 34.99 9.19 -32.57
CA CYS A 446 33.88 9.24 -31.62
C CYS A 446 33.45 10.68 -31.41
N ALA A 447 32.17 10.86 -31.09
CA ALA A 447 31.72 12.13 -30.54
C ALA A 447 32.11 12.20 -29.07
N ILE A 448 32.52 13.39 -28.63
CA ILE A 448 32.85 13.65 -27.24
C ILE A 448 31.71 14.44 -26.65
N VAL A 449 31.04 13.89 -25.65
CA VAL A 449 29.97 14.61 -24.98
C VAL A 449 30.49 15.03 -23.60
N ASP A 450 30.72 16.32 -23.46
CA ASP A 450 31.07 16.95 -22.19
C ASP A 450 29.75 17.26 -21.47
N THR A 451 29.44 16.52 -20.41
CA THR A 451 28.10 16.54 -19.80
C THR A 451 28.15 17.31 -18.48
N TYR A 452 27.54 18.50 -18.46
CA TYR A 452 27.47 19.32 -17.27
C TYR A 452 26.14 19.05 -16.55
N TRP A 453 26.22 18.76 -15.25
CA TRP A 453 25.05 18.62 -14.39
C TRP A 453 25.54 18.52 -12.94
N MET A 454 24.59 18.28 -12.03
CA MET A 454 24.86 18.21 -10.60
C MET A 454 23.97 17.15 -9.97
N THR A 455 24.39 16.68 -8.80
CA THR A 455 23.56 15.83 -7.96
C THR A 455 22.16 16.41 -7.88
N GLU A 456 22.07 17.72 -7.70
CA GLU A 456 20.77 18.37 -7.54
C GLU A 456 19.98 18.49 -8.85
N THR A 457 20.59 18.30 -10.02
CA THR A 457 19.80 18.32 -11.26
C THR A 457 19.24 16.96 -11.63
N GLY A 458 19.76 15.88 -11.03
CA GLY A 458 19.24 14.55 -11.30
C GLY A 458 19.78 13.89 -12.55
N SER A 459 19.89 14.68 -13.63
CA SER A 459 20.33 14.16 -14.92
C SER A 459 21.00 15.30 -15.66
N ILE A 460 21.60 14.95 -16.81
CA ILE A 460 22.48 15.86 -17.56
C ILE A 460 21.72 17.11 -17.97
N SER A 461 22.30 18.27 -17.68
CA SER A 461 21.68 19.57 -17.94
C SER A 461 22.14 20.21 -19.24
N ILE A 462 23.45 20.20 -19.52
CA ILE A 462 24.00 20.80 -20.73
C ILE A 462 24.99 19.83 -21.33
N ALA A 463 24.83 19.53 -22.61
CA ALA A 463 25.64 18.52 -23.28
C ALA A 463 25.37 18.59 -24.77
N PRO A 464 26.33 18.21 -25.61
CA PRO A 464 26.02 18.05 -27.03
C PRO A 464 25.18 16.80 -27.26
N LEU A 465 24.24 16.89 -28.20
CA LEU A 465 23.66 15.67 -28.74
C LEU A 465 24.59 15.12 -29.82
N PRO A 466 25.19 13.95 -29.62
CA PRO A 466 26.38 13.58 -30.41
C PRO A 466 26.13 13.45 -31.90
N GLY A 467 24.89 13.21 -32.33
CA GLY A 467 24.60 13.15 -33.75
C GLY A 467 24.21 14.48 -34.35
N ALA A 468 24.15 15.56 -33.55
CA ALA A 468 23.69 16.85 -34.05
C ALA A 468 24.68 17.98 -33.87
N ILE A 469 25.46 17.99 -32.79
CA ILE A 469 26.17 19.17 -32.33
C ILE A 469 27.64 19.05 -32.70
N SER A 470 28.17 20.10 -33.33
CA SER A 470 29.60 20.19 -33.58
C SER A 470 30.28 20.69 -32.31
N THR A 471 31.24 19.94 -31.81
CA THR A 471 31.76 20.22 -30.48
C THR A 471 32.94 21.16 -30.53
N LYS A 472 33.16 21.86 -29.42
CA LYS A 472 34.31 22.69 -29.11
C LYS A 472 35.00 22.13 -27.88
N PRO A 473 36.33 22.01 -27.88
CA PRO A 473 37.03 21.41 -26.75
C PRO A 473 36.80 22.19 -25.46
N GLY A 474 36.14 21.55 -24.50
CA GLY A 474 35.88 22.16 -23.21
C GLY A 474 34.56 22.86 -23.06
N SER A 475 33.67 22.80 -24.05
CA SER A 475 32.37 23.43 -23.95
C SER A 475 31.28 22.37 -23.77
N ALA A 476 30.33 22.64 -22.87
CA ALA A 476 29.19 21.72 -22.73
C ALA A 476 28.20 21.87 -23.88
N THR A 477 28.25 22.98 -24.61
CA THR A 477 27.42 23.34 -25.77
C THR A 477 26.01 23.76 -25.35
N PHE A 478 24.98 22.95 -25.60
CA PHE A 478 23.62 23.49 -25.48
C PHE A 478 22.78 22.74 -24.45
N PRO A 479 21.76 23.38 -23.88
CA PRO A 479 20.99 22.73 -22.80
C PRO A 479 20.18 21.54 -23.28
N PHE A 480 20.02 20.56 -22.39
CA PHE A 480 19.24 19.38 -22.73
C PHE A 480 17.74 19.72 -22.78
N PHE A 481 16.96 18.79 -23.35
CA PHE A 481 15.51 18.92 -23.33
C PHE A 481 15.00 19.30 -21.94
N GLY A 482 14.06 20.24 -21.89
CA GLY A 482 13.51 20.73 -20.65
C GLY A 482 14.35 21.75 -19.90
N MET A 483 15.58 22.00 -20.35
CA MET A 483 16.46 22.94 -19.66
C MET A 483 16.48 24.27 -20.39
N ASP A 484 16.09 25.33 -19.70
CA ASP A 484 16.14 26.69 -20.22
C ASP A 484 17.01 27.52 -19.28
N VAL A 485 18.26 27.71 -19.68
CA VAL A 485 19.25 28.32 -18.81
C VAL A 485 19.59 29.73 -19.29
N ASP A 486 20.16 30.50 -18.36
CA ASP A 486 20.45 31.91 -18.54
C ASP A 486 21.73 32.23 -17.81
N ILE A 487 22.29 33.40 -18.12
CA ILE A 487 23.46 33.94 -17.47
C ILE A 487 23.04 35.19 -16.73
N ILE A 488 23.36 35.26 -15.45
CA ILE A 488 23.11 36.45 -14.66
C ILE A 488 24.45 37.10 -14.33
N ASP A 489 24.48 38.42 -14.41
CA ASP A 489 25.63 39.15 -13.89
C ASP A 489 25.59 39.17 -12.37
N PRO A 490 26.49 38.46 -11.67
CA PRO A 490 26.43 38.44 -10.20
C PRO A 490 26.59 39.81 -9.57
N GLN A 491 27.12 40.80 -10.30
CA GLN A 491 27.29 42.13 -9.76
C GLN A 491 26.03 42.99 -9.82
N THR A 492 25.06 42.62 -10.66
CA THR A 492 23.81 43.35 -10.73
C THR A 492 22.61 42.53 -10.37
N GLY A 493 22.73 41.21 -10.34
CA GLY A 493 21.59 40.34 -10.14
C GLY A 493 20.68 40.21 -11.34
N GLN A 494 21.08 40.76 -12.49
CA GLN A 494 20.22 40.82 -13.66
C GLN A 494 20.70 39.85 -14.73
N VAL A 495 19.75 39.38 -15.54
CA VAL A 495 20.08 38.48 -16.63
C VAL A 495 20.80 39.25 -17.73
N LEU A 496 21.79 38.61 -18.34
CA LEU A 496 22.50 39.16 -19.50
C LEU A 496 21.88 38.58 -20.76
N GLU A 497 21.26 39.44 -21.56
CA GLU A 497 20.60 38.97 -22.76
C GLU A 497 21.61 38.76 -23.88
N GLY A 498 21.45 37.66 -24.61
CA GLY A 498 22.15 37.47 -25.85
C GLY A 498 23.34 36.55 -25.73
N ASN A 499 24.23 36.67 -26.72
CA ASN A 499 25.45 35.89 -26.76
C ASN A 499 26.66 36.75 -26.42
N ASP A 500 27.78 36.06 -26.17
CA ASP A 500 29.04 36.69 -25.81
C ASP A 500 28.96 37.35 -24.44
N VAL A 501 28.33 36.66 -23.49
CA VAL A 501 28.14 37.15 -22.13
C VAL A 501 28.60 36.08 -21.15
N GLU A 502 29.05 36.53 -19.97
CA GLU A 502 29.47 35.59 -18.95
C GLU A 502 29.06 36.11 -17.57
N GLY A 503 29.01 35.18 -16.63
CA GLY A 503 28.46 35.43 -15.31
C GLY A 503 28.16 34.14 -14.60
N VAL A 504 27.01 34.01 -13.97
CA VAL A 504 26.71 32.78 -13.25
C VAL A 504 25.51 32.10 -13.92
N LEU A 505 25.55 30.77 -13.92
CA LEU A 505 24.54 29.99 -14.61
C LEU A 505 23.29 29.87 -13.74
N VAL A 506 22.12 30.12 -14.34
CA VAL A 506 20.84 29.89 -13.67
C VAL A 506 19.88 29.19 -14.63
N ALA A 507 18.87 28.56 -14.05
CA ALA A 507 17.78 27.97 -14.82
C ALA A 507 16.49 28.72 -14.50
N ARG A 508 15.64 28.89 -15.51
CA ARG A 508 14.42 29.69 -15.37
C ARG A 508 13.23 28.89 -14.90
N ARG A 509 13.21 27.56 -15.12
CA ARG A 509 12.01 26.75 -14.95
C ARG A 509 12.39 25.39 -14.42
N PRO A 510 11.58 24.79 -13.56
CA PRO A 510 11.83 23.41 -13.13
C PRO A 510 11.88 22.46 -14.32
N TRP A 511 12.55 21.34 -14.13
CA TRP A 511 12.64 20.26 -15.09
C TRP A 511 12.36 18.98 -14.32
N PRO A 512 12.01 17.89 -15.01
CA PRO A 512 11.42 16.74 -14.30
C PRO A 512 12.32 16.13 -13.24
N SER A 513 13.64 16.15 -13.41
CA SER A 513 14.50 15.39 -12.51
C SER A 513 15.19 16.27 -11.46
N ILE A 514 14.72 17.50 -11.25
CA ILE A 514 15.36 18.33 -10.23
C ILE A 514 15.14 17.72 -8.86
N ALA A 515 16.15 17.84 -8.00
CA ALA A 515 15.96 17.43 -6.61
C ALA A 515 14.79 18.18 -6.01
N ARG A 516 14.03 17.48 -5.15
CA ARG A 516 12.84 18.08 -4.57
C ARG A 516 13.08 18.75 -3.23
N THR A 517 14.11 18.33 -2.50
CA THR A 517 14.41 18.95 -1.20
C THR A 517 15.80 18.50 -0.77
N VAL A 518 16.23 19.02 0.37
CA VAL A 518 17.33 18.47 1.15
C VAL A 518 16.70 17.81 2.36
N TYR A 519 17.09 16.56 2.63
CA TYR A 519 16.32 15.71 3.54
C TYR A 519 16.19 16.34 4.92
N ARG A 520 14.93 16.58 5.32
CA ARG A 520 14.57 17.21 6.59
C ARG A 520 15.21 18.60 6.75
N ASP A 521 15.58 19.25 5.66
CA ASP A 521 16.19 20.57 5.77
C ASP A 521 15.80 21.38 4.54
N HIS A 522 14.50 21.55 4.35
CA HIS A 522 13.99 22.25 3.17
C HIS A 522 14.45 23.69 3.12
N LYS A 523 14.66 24.30 4.29
CA LYS A 523 15.17 25.67 4.34
C LYS A 523 16.55 25.75 3.71
N ARG A 524 17.40 24.77 3.97
CA ARG A 524 18.71 24.79 3.33
C ARG A 524 18.58 24.65 1.81
N TYR A 525 17.63 23.82 1.36
CA TYR A 525 17.35 23.68 -0.06
C TYR A 525 16.97 25.02 -0.68
N LEU A 526 15.98 25.71 -0.10
CA LEU A 526 15.57 27.00 -0.66
C LEU A 526 16.72 28.01 -0.60
N GLU A 527 17.41 28.08 0.54
CA GLU A 527 18.43 29.11 0.70
C GLU A 527 19.61 28.87 -0.24
N THR A 528 19.95 27.61 -0.51
CA THR A 528 21.10 27.32 -1.35
C THR A 528 20.80 27.54 -2.83
N TYR A 529 19.63 27.09 -3.31
CA TYR A 529 19.35 27.06 -4.75
C TYR A 529 18.34 28.11 -5.21
N MET A 530 17.39 28.50 -4.37
CA MET A 530 16.26 29.29 -4.83
C MET A 530 16.30 30.75 -4.40
N LYS A 531 17.05 31.06 -3.37
CA LYS A 531 17.12 32.41 -2.80
C LYS A 531 18.21 33.29 -3.43
N PRO A 532 19.37 32.77 -3.86
CA PRO A 532 20.40 33.69 -4.38
C PRO A 532 19.94 34.56 -5.54
N TYR A 533 19.15 34.01 -6.47
CA TYR A 533 18.59 34.77 -7.60
C TYR A 533 17.12 34.39 -7.66
N PRO A 534 16.26 35.13 -6.95
CA PRO A 534 14.85 34.75 -6.86
C PRO A 534 14.19 34.69 -8.23
N GLY A 535 13.40 33.64 -8.45
CA GLY A 535 12.83 33.33 -9.75
C GLY A 535 13.60 32.27 -10.53
N TYR A 536 14.80 31.94 -10.10
CA TYR A 536 15.71 31.05 -10.82
C TYR A 536 16.27 29.99 -9.90
N PHE A 537 16.78 28.93 -10.51
CA PHE A 537 17.63 27.97 -9.84
C PHE A 537 19.10 28.34 -10.07
N PHE A 538 19.88 28.36 -8.99
CA PHE A 538 21.28 28.78 -8.99
C PHE A 538 22.17 27.55 -8.88
N PHE A 539 22.94 27.25 -9.95
CA PHE A 539 23.81 26.08 -9.95
C PHE A 539 25.03 26.26 -9.06
N GLY A 540 25.49 27.50 -8.85
CA GLY A 540 26.77 27.72 -8.20
C GLY A 540 28.00 27.68 -9.09
N ASP A 541 27.82 27.67 -10.41
CA ASP A 541 28.95 27.64 -11.35
C ASP A 541 29.02 28.92 -12.16
N GLY A 542 30.24 29.41 -12.40
CA GLY A 542 30.42 30.47 -13.39
C GLY A 542 30.26 29.92 -14.80
N ALA A 543 29.66 30.73 -15.67
CA ALA A 543 29.43 30.27 -17.03
C ALA A 543 29.51 31.43 -18.02
N ALA A 544 29.75 31.07 -19.29
CA ALA A 544 29.74 32.01 -20.41
C ALA A 544 28.96 31.40 -21.57
N ARG A 545 28.26 32.25 -22.32
CA ARG A 545 27.61 31.84 -23.56
C ARG A 545 28.33 32.59 -24.68
N ASP A 546 29.04 31.84 -25.54
CA ASP A 546 29.88 32.49 -26.54
C ASP A 546 29.03 32.98 -27.71
N TYR A 547 29.70 33.57 -28.71
CA TYR A 547 29.01 34.23 -29.81
C TYR A 547 28.25 33.26 -30.68
N ASP A 548 28.59 31.98 -30.62
CA ASP A 548 27.82 30.95 -31.32
C ASP A 548 26.67 30.41 -30.48
N GLY A 549 26.53 30.90 -29.25
CA GLY A 549 25.53 30.40 -28.35
C GLY A 549 25.95 29.19 -27.55
N TYR A 550 27.20 28.75 -27.69
CA TYR A 550 27.73 27.63 -26.92
C TYR A 550 27.95 28.04 -25.46
N MET A 551 27.55 27.17 -24.55
CA MET A 551 27.75 27.39 -23.12
CA MET A 551 27.76 27.41 -23.12
C MET A 551 29.11 26.85 -22.67
N TRP A 552 29.79 27.62 -21.84
CA TRP A 552 31.09 27.25 -21.29
C TRP A 552 30.97 27.30 -19.78
N ILE A 553 31.10 26.15 -19.13
CA ILE A 553 31.08 26.12 -17.66
C ILE A 553 32.50 26.29 -17.17
N LYS A 554 32.77 27.38 -16.47
CA LYS A 554 34.13 27.80 -16.23
C LYS A 554 34.64 27.44 -14.84
N GLY A 555 33.82 26.88 -13.98
CA GLY A 555 34.22 26.50 -12.64
C GLY A 555 33.25 27.01 -11.60
N ARG A 556 33.52 26.65 -10.35
CA ARG A 556 32.66 27.03 -9.24
C ARG A 556 32.75 28.53 -9.00
N VAL A 557 31.59 29.13 -8.67
CA VAL A 557 31.56 30.56 -8.34
C VAL A 557 32.49 30.85 -7.17
N ASP A 558 32.44 30.00 -6.13
CA ASP A 558 33.33 30.11 -4.97
C ASP A 558 34.81 30.09 -5.35
N ASP A 559 35.14 29.66 -6.57
CA ASP A 559 36.53 29.49 -6.96
C ASP A 559 37.03 30.61 -7.86
N VAL A 560 36.17 31.56 -8.20
CA VAL A 560 36.57 32.69 -9.01
C VAL A 560 37.62 33.49 -8.25
N ILE A 561 38.61 34.01 -8.96
CA ILE A 561 39.67 34.82 -8.38
C ILE A 561 39.59 36.19 -9.03
N ASN A 562 39.41 37.23 -8.21
CA ASN A 562 39.22 38.59 -8.69
C ASN A 562 40.53 39.34 -8.53
N VAL A 563 41.30 39.44 -9.61
CA VAL A 563 42.56 40.15 -9.64
C VAL A 563 42.30 41.52 -10.25
N SER A 564 42.32 42.56 -9.41
CA SER A 564 42.23 43.95 -9.84
C SER A 564 41.03 44.21 -10.75
N GLY A 565 39.94 43.48 -10.52
CA GLY A 565 38.73 43.65 -11.27
C GLY A 565 38.50 42.58 -12.33
N HIS A 566 39.57 41.96 -12.83
CA HIS A 566 39.46 40.86 -13.77
C HIS A 566 39.06 39.60 -13.02
N ARG A 567 37.94 39.00 -13.41
CA ARG A 567 37.44 37.81 -12.73
C ARG A 567 37.94 36.57 -13.47
N LEU A 568 38.92 35.89 -12.88
CA LEU A 568 39.50 34.69 -13.48
C LEU A 568 38.75 33.45 -13.02
N SER A 569 38.48 32.55 -13.95
CA SER A 569 37.89 31.26 -13.61
C SER A 569 38.99 30.20 -13.49
N THR A 570 38.73 29.18 -12.68
CA THR A 570 39.69 28.10 -12.52
C THR A 570 39.95 27.39 -13.85
N ALA A 571 38.88 27.08 -14.59
CA ALA A 571 39.05 26.32 -15.83
C ALA A 571 39.95 27.05 -16.81
N GLU A 572 39.82 28.37 -16.91
CA GLU A 572 40.68 29.21 -17.74
C GLU A 572 42.16 29.01 -17.42
N VAL A 573 42.54 29.39 -16.20
CA VAL A 573 43.95 29.39 -15.83
C VAL A 573 44.51 27.98 -15.86
N GLU A 574 43.75 27.02 -15.34
CA GLU A 574 44.20 25.65 -15.34
C GLU A 574 44.39 25.12 -16.74
N SER A 575 43.57 25.56 -17.69
CA SER A 575 43.73 25.09 -19.07
C SER A 575 44.94 25.75 -19.71
N ALA A 576 45.30 26.96 -19.27
CA ALA A 576 46.54 27.57 -19.72
C ALA A 576 47.75 26.78 -19.23
N LEU A 577 47.79 26.46 -17.93
CA LEU A 577 48.96 25.80 -17.37
C LEU A 577 49.20 24.44 -18.01
N ILE A 578 48.13 23.70 -18.35
CA ILE A 578 48.31 22.37 -18.91
C ILE A 578 48.78 22.40 -20.36
N LEU A 579 48.77 23.56 -21.02
CA LEU A 579 49.42 23.67 -22.33
C LEU A 579 50.94 23.52 -22.25
N HIS A 580 51.51 23.56 -21.05
CA HIS A 580 52.96 23.48 -20.90
C HIS A 580 53.40 22.02 -20.83
N LYS A 581 54.40 21.68 -21.65
CA LYS A 581 54.96 20.34 -21.68
C LYS A 581 55.25 19.83 -20.27
N GLY A 582 54.97 18.55 -20.03
CA GLY A 582 55.22 17.95 -18.74
C GLY A 582 54.18 18.17 -17.66
N VAL A 583 53.35 19.21 -17.77
CA VAL A 583 52.34 19.43 -16.74
C VAL A 583 51.28 18.34 -16.81
N ALA A 584 51.02 17.69 -15.68
CA ALA A 584 49.97 16.67 -15.62
C ALA A 584 48.62 17.22 -15.18
N GLU A 585 48.61 18.12 -14.21
CA GLU A 585 47.37 18.57 -13.60
C GLU A 585 47.69 19.76 -12.70
N THR A 586 46.76 20.72 -12.63
CA THR A 586 46.91 21.88 -11.77
C THR A 586 45.59 22.27 -11.14
N ALA A 587 45.69 23.13 -10.13
CA ALA A 587 44.57 23.77 -9.47
C ALA A 587 45.02 25.17 -9.06
N VAL A 588 44.15 26.15 -9.25
CA VAL A 588 44.47 27.52 -8.88
C VAL A 588 43.44 28.00 -7.87
N VAL A 589 43.91 28.74 -6.87
CA VAL A 589 43.06 29.34 -5.85
C VAL A 589 43.51 30.78 -5.64
N GLY A 590 42.57 31.60 -5.19
CA GLY A 590 42.87 32.99 -4.92
C GLY A 590 43.32 33.18 -3.50
N CYS A 591 43.79 34.40 -3.22
CA CYS A 591 44.21 34.76 -1.88
C CYS A 591 44.33 36.27 -1.81
N ALA A 592 44.17 36.80 -0.61
CA ALA A 592 44.14 38.24 -0.41
C ALA A 592 45.47 38.88 -0.79
N ASP A 593 45.41 39.95 -1.57
CA ASP A 593 46.59 40.71 -1.97
C ASP A 593 46.25 42.19 -1.88
N ASP A 594 47.09 42.96 -1.18
CA ASP A 594 46.79 44.38 -0.97
C ASP A 594 46.78 45.15 -2.28
N LEU A 595 47.66 44.77 -3.21
CA LEU A 595 47.78 45.53 -4.45
C LEU A 595 46.70 45.15 -5.46
N THR A 596 46.38 43.86 -5.56
CA THR A 596 45.47 43.38 -6.59
C THR A 596 44.12 42.91 -6.04
N GLY A 597 43.88 43.01 -4.73
CA GLY A 597 42.66 42.47 -4.15
C GLY A 597 42.75 40.98 -3.91
N GLN A 598 42.98 40.20 -4.96
CA GLN A 598 43.27 38.79 -4.85
C GLN A 598 44.43 38.41 -5.77
N ALA A 599 45.20 37.42 -5.34
CA ALA A 599 46.33 36.90 -6.13
C ALA A 599 46.08 35.44 -6.45
N VAL A 600 46.51 35.01 -7.63
CA VAL A 600 46.39 33.63 -8.07
C VAL A 600 47.58 32.83 -7.55
N TYR A 601 47.30 31.74 -6.83
CA TYR A 601 48.30 30.77 -6.41
C TYR A 601 48.02 29.46 -7.14
N ALA A 602 49.05 28.89 -7.74
CA ALA A 602 48.89 27.72 -8.58
C ALA A 602 49.61 26.52 -7.96
N PHE A 603 48.89 25.41 -7.85
CA PHE A 603 49.44 24.14 -7.43
C PHE A 603 49.59 23.25 -8.65
N VAL A 604 50.81 22.79 -8.92
CA VAL A 604 51.16 22.19 -10.19
C VAL A 604 51.68 20.78 -9.97
N THR A 605 51.10 19.83 -10.71
CA THR A 605 51.52 18.45 -10.70
C THR A 605 52.17 18.13 -12.04
N MET A 606 53.41 17.66 -12.00
CA MET A 606 54.16 17.32 -13.20
C MET A 606 54.13 15.83 -13.45
N LYS A 607 54.31 15.44 -14.70
CA LYS A 607 54.50 14.04 -15.04
C LYS A 607 55.66 13.46 -14.23
N PRO A 608 55.63 12.16 -13.92
CA PRO A 608 56.61 11.61 -12.99
C PRO A 608 58.02 11.54 -13.55
N GLU A 609 58.16 11.40 -14.87
CA GLU A 609 59.49 11.33 -15.48
C GLU A 609 60.09 12.70 -15.75
N PHE A 610 59.37 13.78 -15.46
CA PHE A 610 59.86 15.12 -15.73
C PHE A 610 61.02 15.46 -14.79
N ASP A 611 62.17 15.78 -15.36
CA ASP A 611 63.40 15.96 -14.58
C ASP A 611 63.34 17.31 -13.88
N LEU A 612 63.07 17.28 -12.57
CA LEU A 612 63.04 18.51 -11.79
C LEU A 612 64.44 19.04 -11.48
N LYS A 613 65.48 18.21 -11.60
CA LYS A 613 66.83 18.71 -11.38
C LYS A 613 67.40 19.39 -12.62
N ALA A 614 67.07 18.91 -13.82
CA ALA A 614 67.59 19.47 -15.05
C ALA A 614 66.83 20.72 -15.49
N THR A 615 65.63 20.93 -14.98
CA THR A 615 64.90 22.17 -15.17
C THR A 615 64.82 22.86 -13.82
N LYS A 616 65.48 24.01 -13.71
CA LYS A 616 65.34 24.83 -12.52
C LYS A 616 63.87 25.09 -12.24
N GLU A 617 63.46 24.86 -10.99
CA GLU A 617 62.07 25.13 -10.62
C GLU A 617 61.67 26.55 -11.00
N ALA A 618 62.53 27.52 -10.67
CA ALA A 618 62.26 28.91 -11.01
C ALA A 618 62.11 29.10 -12.52
N ASP A 619 62.89 28.37 -13.32
CA ASP A 619 62.72 28.45 -14.76
C ASP A 619 61.36 27.91 -15.17
N LEU A 620 60.94 26.80 -14.56
CA LEU A 620 59.64 26.24 -14.88
C LEU A 620 58.52 27.23 -14.58
N SER A 621 58.55 27.83 -13.38
CA SER A 621 57.45 28.72 -13.01
C SER A 621 57.46 30.00 -13.83
N LYS A 622 58.64 30.43 -14.29
CA LYS A 622 58.70 31.58 -15.19
C LYS A 622 58.03 31.28 -16.52
N GLU A 623 58.27 30.09 -17.08
CA GLU A 623 57.62 29.72 -18.34
C GLU A 623 56.12 29.53 -18.15
N LEU A 624 55.72 28.91 -17.04
CA LEU A 624 54.29 28.77 -16.76
C LEU A 624 53.63 30.14 -16.66
N ALA A 625 54.29 31.10 -16.02
CA ALA A 625 53.74 32.44 -15.89
C ALA A 625 53.57 33.10 -17.25
N ILE A 626 54.60 33.03 -18.10
CA ILE A 626 54.55 33.60 -19.44
C ILE A 626 53.44 32.93 -20.25
N GLN A 627 53.29 31.62 -20.07
CA GLN A 627 52.26 30.88 -20.78
C GLN A 627 50.86 31.37 -20.40
N VAL A 628 50.63 31.64 -19.12
CA VAL A 628 49.33 32.14 -18.72
C VAL A 628 49.14 33.57 -19.22
N ARG A 629 50.22 34.36 -19.20
CA ARG A 629 50.06 35.75 -19.63
C ARG A 629 49.72 35.87 -21.10
N LYS A 630 50.23 34.95 -21.93
CA LYS A 630 49.94 35.02 -23.37
C LYS A 630 48.48 34.69 -23.66
N VAL A 631 47.99 33.56 -23.16
CA VAL A 631 46.69 33.08 -23.63
C VAL A 631 45.53 33.67 -22.85
N ILE A 632 45.78 34.35 -21.73
CA ILE A 632 44.72 34.87 -20.87
C ILE A 632 44.88 36.37 -20.64
N GLY A 633 46.08 36.82 -20.33
CA GLY A 633 46.32 38.24 -20.15
C GLY A 633 47.34 38.54 -19.07
N PRO A 634 47.89 39.77 -19.11
CA PRO A 634 49.01 40.10 -18.21
C PRO A 634 48.66 39.99 -16.73
N PHE A 635 47.37 40.03 -16.39
CA PHE A 635 46.90 40.06 -15.00
C PHE A 635 46.71 38.67 -14.41
N ALA A 636 46.79 37.62 -15.21
CA ALA A 636 46.39 36.29 -14.76
C ALA A 636 47.56 35.43 -14.31
N ALA A 637 48.79 35.93 -14.40
CA ALA A 637 49.95 35.15 -13.98
C ALA A 637 49.84 34.81 -12.49
N PRO A 638 50.19 33.59 -12.10
CA PRO A 638 50.23 33.26 -10.67
C PRO A 638 51.27 34.10 -9.92
N LYS A 639 50.87 34.60 -8.74
CA LYS A 639 51.84 35.24 -7.86
C LYS A 639 52.83 34.24 -7.28
N LYS A 640 52.39 33.00 -7.06
CA LYS A 640 53.26 31.93 -6.60
C LYS A 640 52.80 30.63 -7.22
N ILE A 641 53.74 29.72 -7.39
CA ILE A 641 53.48 28.38 -7.92
C ILE A 641 54.07 27.36 -6.96
N TYR A 642 53.27 26.36 -6.59
CA TYR A 642 53.74 25.27 -5.75
C TYR A 642 53.74 23.98 -6.55
N LEU A 643 54.91 23.38 -6.70
CA LEU A 643 55.04 22.07 -7.33
C LEU A 643 54.74 20.99 -6.29
N VAL A 644 53.73 20.16 -6.57
CA VAL A 644 53.30 19.13 -5.64
C VAL A 644 53.12 17.83 -6.40
N SER A 645 53.19 16.72 -5.66
CA SER A 645 53.09 15.40 -6.27
C SER A 645 51.65 15.03 -6.61
N ASP A 646 50.68 15.55 -5.86
CA ASP A 646 49.28 15.31 -6.14
C ASP A 646 48.47 16.44 -5.51
N LEU A 647 47.19 16.47 -5.85
CA LEU A 647 46.23 17.44 -5.36
C LEU A 647 45.16 16.74 -4.53
N PRO A 648 44.68 17.37 -3.45
CA PRO A 648 43.56 16.79 -2.68
C PRO A 648 42.32 16.67 -3.53
N LYS A 649 41.82 15.44 -3.67
CA LYS A 649 40.64 15.17 -4.47
C LYS A 649 39.63 14.37 -3.66
N THR A 650 38.35 14.53 -4.02
CA THR A 650 37.30 13.72 -3.44
C THR A 650 37.26 12.35 -4.13
N ARG A 651 36.41 11.47 -3.60
CA ARG A 651 36.19 10.18 -4.24
C ARG A 651 35.71 10.34 -5.68
N SER A 652 34.81 11.30 -5.93
CA SER A 652 34.27 11.54 -7.26
C SER A 652 35.24 12.29 -8.18
N GLY A 653 36.45 12.60 -7.72
CA GLY A 653 37.44 13.20 -8.58
C GLY A 653 37.43 14.72 -8.62
N LYS A 654 36.56 15.37 -7.86
CA LYS A 654 36.62 16.81 -7.73
C LYS A 654 37.91 17.22 -7.03
N ILE A 655 38.58 18.26 -7.56
CA ILE A 655 39.76 18.82 -6.90
C ILE A 655 39.29 19.77 -5.81
N MET A 656 39.76 19.53 -4.58
CA MET A 656 39.32 20.30 -3.41
C MET A 656 40.09 21.63 -3.31
N ARG A 657 39.71 22.55 -4.20
CA ARG A 657 40.32 23.88 -4.20
C ARG A 657 40.04 24.61 -2.90
N ARG A 658 38.88 24.38 -2.29
CA ARG A 658 38.59 25.01 -1.01
C ARG A 658 39.64 24.63 0.02
N VAL A 659 40.15 23.40 -0.04
CA VAL A 659 41.21 22.99 0.87
C VAL A 659 42.50 23.76 0.58
N LEU A 660 42.88 23.88 -0.69
CA LEU A 660 44.07 24.64 -1.04
C LEU A 660 43.92 26.11 -0.63
N ARG A 661 42.78 26.70 -0.94
CA ARG A 661 42.52 28.10 -0.60
C ARG A 661 42.68 28.34 0.90
N LYS A 662 42.23 27.40 1.73
CA LYS A 662 42.27 27.61 3.17
C LYS A 662 43.70 27.49 3.69
N ILE A 663 44.50 26.59 3.11
CA ILE A 663 45.90 26.47 3.50
C ILE A 663 46.68 27.71 3.09
N VAL A 664 46.48 28.18 1.86
CA VAL A 664 47.15 29.41 1.42
C VAL A 664 46.73 30.58 2.31
N ALA A 665 45.48 30.62 2.70
CA ALA A 665 45.03 31.64 3.63
C ALA A 665 45.59 31.45 5.05
N GLY A 666 46.48 30.49 5.28
CA GLY A 666 46.97 30.23 6.62
C GLY A 666 45.94 29.65 7.57
N GLU A 667 44.77 29.28 7.07
CA GLU A 667 43.69 28.69 7.87
C GLU A 667 43.72 27.17 7.80
N GLY A 668 44.92 26.60 7.97
CA GLY A 668 45.17 25.16 7.90
C GLY A 668 44.51 24.33 8.98
N ASP A 669 43.96 24.97 10.03
CA ASP A 669 43.27 24.22 11.08
C ASP A 669 41.80 23.99 10.77
N GLN A 670 41.19 24.77 9.88
CA GLN A 670 39.77 24.65 9.60
C GLN A 670 39.50 23.76 8.40
N ASP A 679 43.14 10.37 -1.37
CA ASP A 679 44.50 10.39 -0.81
C ASP A 679 44.63 11.44 0.29
N PRO A 680 44.09 11.14 1.47
CA PRO A 680 44.17 12.11 2.58
C PRO A 680 45.60 12.52 2.95
N GLN A 681 46.61 11.71 2.65
CA GLN A 681 47.97 12.08 2.98
C GLN A 681 48.48 13.25 2.15
N ILE A 682 47.78 13.60 1.05
CA ILE A 682 48.23 14.69 0.20
C ILE A 682 48.07 16.05 0.87
N VAL A 683 47.17 16.16 1.86
CA VAL A 683 46.99 17.43 2.54
C VAL A 683 48.22 17.79 3.36
N GLU A 684 48.83 16.79 3.99
CA GLU A 684 50.04 17.04 4.77
C GLU A 684 51.16 17.59 3.88
N GLU A 685 51.24 17.11 2.63
CA GLU A 685 52.29 17.59 1.72
C GLU A 685 52.07 19.04 1.31
N VAL A 686 50.83 19.40 0.97
CA VAL A 686 50.52 20.77 0.59
C VAL A 686 50.85 21.73 1.73
N LYS A 687 50.34 21.45 2.93
CA LYS A 687 50.62 22.29 4.09
C LYS A 687 52.11 22.50 4.30
N GLN A 688 52.92 21.49 3.96
CA GLN A 688 54.38 21.61 4.13
C GLN A 688 55.00 22.49 3.04
N LYS A 689 54.60 22.30 1.78
CA LYS A 689 55.18 23.08 0.70
C LYS A 689 54.83 24.56 0.80
N VAL A 690 53.67 24.89 1.36
CA VAL A 690 53.25 26.28 1.45
C VAL A 690 53.95 27.01 2.59
N THR A 691 54.30 26.29 3.66
CA THR A 691 54.97 26.90 4.80
C THR A 691 56.47 27.05 4.56
N VAL B 24 -0.80 -57.65 -24.80
CA VAL B 24 -0.48 -57.56 -23.38
C VAL B 24 0.03 -56.16 -23.02
N HIS B 25 -0.62 -55.53 -22.03
CA HIS B 25 -0.24 -54.21 -21.57
C HIS B 25 0.64 -54.31 -20.35
N HIS B 26 1.72 -53.54 -20.32
CA HIS B 26 2.60 -53.54 -19.16
C HIS B 26 1.94 -52.85 -17.96
N VAL B 27 0.99 -51.95 -18.19
CA VAL B 27 0.34 -51.19 -17.12
C VAL B 27 -1.05 -51.76 -16.90
N HIS B 28 -1.31 -52.25 -15.67
CA HIS B 28 -2.62 -52.78 -15.35
C HIS B 28 -3.42 -51.81 -14.50
N PRO B 29 -4.73 -51.76 -14.67
CA PRO B 29 -5.56 -50.98 -13.75
C PRO B 29 -5.45 -51.55 -12.34
N LEU B 30 -5.86 -50.74 -11.36
CA LEU B 30 -5.90 -51.23 -9.99
C LEU B 30 -6.85 -52.43 -9.90
N PRO B 31 -6.49 -53.45 -9.13
CA PRO B 31 -7.34 -54.66 -9.04
C PRO B 31 -8.80 -54.35 -8.77
N ASP B 32 -9.69 -55.01 -9.52
CA ASP B 32 -11.12 -54.83 -9.42
C ASP B 32 -11.80 -56.16 -9.71
N SER B 33 -12.95 -56.39 -9.06
CA SER B 33 -13.68 -57.62 -9.32
C SER B 33 -14.46 -57.57 -10.62
N VAL B 34 -14.62 -56.40 -11.21
CA VAL B 34 -15.33 -56.23 -12.48
C VAL B 34 -14.35 -56.45 -13.62
N PRO B 35 -14.73 -57.18 -14.66
CA PRO B 35 -13.87 -57.27 -15.85
C PRO B 35 -13.58 -55.90 -16.43
N GLU B 36 -12.37 -55.73 -16.94
CA GLU B 36 -11.96 -54.45 -17.51
C GLU B 36 -12.88 -54.01 -18.64
N SER B 37 -13.43 -54.96 -19.41
CA SER B 37 -14.32 -54.59 -20.50
C SER B 37 -15.70 -54.13 -20.00
N GLU B 38 -16.04 -54.42 -18.76
CA GLU B 38 -17.29 -53.94 -18.17
C GLU B 38 -17.04 -52.84 -17.15
N ASP B 39 -15.90 -52.17 -17.21
CA ASP B 39 -15.47 -51.29 -16.13
C ASP B 39 -15.23 -49.86 -16.64
N LEU B 40 -15.89 -49.48 -17.74
CA LEU B 40 -15.81 -48.12 -18.26
C LEU B 40 -17.16 -47.44 -18.08
N PHE B 41 -17.16 -46.26 -17.47
CA PHE B 41 -18.40 -45.61 -17.04
C PHE B 41 -18.52 -44.26 -17.73
N ALA B 42 -19.33 -44.24 -18.79
CA ALA B 42 -19.60 -43.01 -19.51
C ALA B 42 -20.40 -42.06 -18.61
N PRO B 43 -20.30 -40.75 -18.85
CA PRO B 43 -21.11 -39.78 -18.07
C PRO B 43 -22.57 -40.19 -18.07
N PRO B 44 -23.19 -40.25 -16.89
CA PRO B 44 -24.58 -40.74 -16.78
C PRO B 44 -25.57 -39.66 -17.15
N PRO B 45 -26.87 -39.99 -17.27
CA PRO B 45 -27.86 -38.99 -17.71
C PRO B 45 -27.87 -37.70 -16.91
N ARG B 46 -27.67 -37.74 -15.59
CA ARG B 46 -27.61 -36.50 -14.83
C ARG B 46 -26.48 -35.61 -15.28
N MET B 47 -25.49 -36.16 -16.00
CA MET B 47 -24.39 -35.39 -16.54
C MET B 47 -24.45 -35.28 -18.07
N GLN B 48 -25.63 -35.40 -18.66
CA GLN B 48 -25.82 -35.17 -20.09
C GLN B 48 -26.84 -34.08 -20.35
N GLY B 49 -27.08 -33.21 -19.37
CA GLY B 49 -28.14 -32.24 -19.49
C GLY B 49 -29.54 -32.82 -19.54
N LYS B 50 -29.67 -34.13 -19.33
CA LYS B 50 -30.98 -34.76 -19.31
C LYS B 50 -31.58 -34.66 -17.90
N GLU B 51 -32.85 -35.05 -17.81
CA GLU B 51 -33.58 -35.06 -16.54
C GLU B 51 -33.59 -33.69 -15.87
N GLY B 52 -33.61 -32.62 -16.67
CA GLY B 52 -33.71 -31.28 -16.13
C GLY B 52 -32.52 -30.81 -15.34
N ARG B 53 -31.32 -31.40 -15.56
CA ARG B 53 -30.07 -30.93 -14.97
C ARG B 53 -29.32 -30.06 -15.95
N PRO B 54 -28.48 -29.14 -15.47
CA PRO B 54 -27.75 -28.25 -16.38
C PRO B 54 -26.82 -29.00 -17.31
N LYS B 55 -26.72 -28.51 -18.55
CA LYS B 55 -25.79 -29.07 -19.51
C LYS B 55 -24.36 -28.94 -18.96
N PRO B 56 -23.52 -29.95 -19.13
CA PRO B 56 -22.15 -29.83 -18.60
C PRO B 56 -21.37 -28.74 -19.33
N HIS B 57 -20.46 -28.10 -18.60
CA HIS B 57 -19.67 -27.03 -19.20
C HIS B 57 -18.76 -27.57 -20.29
N ILE B 58 -18.24 -28.78 -20.11
CA ILE B 58 -17.44 -29.45 -21.12
C ILE B 58 -18.10 -30.79 -21.37
N GLY B 59 -18.34 -31.09 -22.64
CA GLY B 59 -18.98 -32.33 -23.01
C GLY B 59 -19.11 -32.44 -24.51
N PRO B 60 -19.49 -33.62 -25.01
CA PRO B 60 -19.90 -34.75 -24.17
C PRO B 60 -18.94 -35.95 -24.12
N ASN B 61 -17.72 -35.80 -24.62
CA ASN B 61 -16.85 -36.94 -24.81
C ASN B 61 -15.40 -36.52 -24.55
N TYR B 62 -14.48 -37.45 -24.80
CA TYR B 62 -13.07 -37.17 -24.56
C TYR B 62 -12.57 -36.06 -25.48
N GLU B 63 -12.97 -36.08 -26.75
CA GLU B 63 -12.51 -35.06 -27.69
C GLU B 63 -12.87 -33.67 -27.19
N SER B 64 -14.05 -33.51 -26.60
CA SER B 64 -14.43 -32.19 -26.11
C SER B 64 -13.57 -31.76 -24.92
N TYR B 65 -13.12 -32.71 -24.10
CA TYR B 65 -12.15 -32.37 -23.07
C TYR B 65 -10.82 -31.93 -23.68
N VAL B 66 -10.28 -32.76 -24.59
CA VAL B 66 -8.95 -32.48 -25.15
C VAL B 66 -8.95 -31.20 -25.97
N LYS B 67 -10.06 -30.94 -26.68
CA LYS B 67 -10.16 -29.71 -27.46
C LYS B 67 -9.98 -28.48 -26.58
N GLU B 68 -10.66 -28.44 -25.44
CA GLU B 68 -10.50 -27.29 -24.55
C GLU B 68 -9.15 -27.31 -23.83
N TRP B 69 -8.71 -28.50 -23.41
CA TRP B 69 -7.46 -28.60 -22.66
C TRP B 69 -6.28 -28.08 -23.48
N ALA B 70 -6.27 -28.37 -24.78
CA ALA B 70 -5.17 -27.96 -25.65
C ALA B 70 -4.99 -26.46 -25.68
N LYS B 71 -6.04 -25.69 -25.41
CA LYS B 71 -5.94 -24.24 -25.34
C LYS B 71 -5.17 -23.76 -24.10
N THR B 72 -4.88 -24.65 -23.16
CA THR B 72 -4.45 -24.23 -21.83
C THR B 72 -3.02 -24.60 -21.51
N VAL B 73 -2.36 -25.35 -22.38
CA VAL B 73 -0.97 -25.74 -22.19
C VAL B 73 -0.21 -25.42 -23.47
N GLY B 74 1.10 -25.28 -23.33
CA GLY B 74 1.96 -25.08 -24.46
C GLY B 74 2.14 -23.63 -24.84
N PRO B 75 2.73 -23.41 -26.01
CA PRO B 75 3.23 -22.05 -26.35
C PRO B 75 2.15 -21.03 -26.64
N ASN B 76 0.92 -21.45 -26.97
CA ASN B 76 -0.13 -20.50 -27.33
C ASN B 76 -1.21 -20.40 -26.26
N SER B 77 -0.93 -20.84 -25.05
CA SER B 77 -1.96 -20.95 -24.04
C SER B 77 -2.19 -19.66 -23.26
N ASP B 78 -1.42 -18.60 -23.53
CA ASP B 78 -1.59 -17.34 -22.80
C ASP B 78 -2.98 -16.73 -23.04
N GLU B 79 -3.42 -16.75 -24.30
CA GLU B 79 -4.71 -16.18 -24.65
C GLU B 79 -5.82 -16.75 -23.76
N TRP B 80 -5.90 -18.07 -23.66
CA TRP B 80 -6.93 -18.70 -22.85
C TRP B 80 -6.82 -18.25 -21.39
N TRP B 81 -5.61 -18.31 -20.84
CA TRP B 81 -5.46 -18.01 -19.42
C TRP B 81 -5.74 -16.55 -19.13
N ALA B 82 -5.30 -15.64 -20.01
CA ALA B 82 -5.63 -14.23 -19.85
C ALA B 82 -7.15 -14.01 -19.85
N ALA B 83 -7.84 -14.63 -20.81
CA ALA B 83 -9.30 -14.50 -20.87
C ALA B 83 -9.96 -15.07 -19.62
N LYS B 84 -9.60 -16.31 -19.27
CA LYS B 84 -10.19 -16.92 -18.08
C LYS B 84 -9.94 -16.08 -16.84
N ALA B 85 -8.75 -15.49 -16.74
CA ALA B 85 -8.44 -14.69 -15.56
C ALA B 85 -9.35 -13.48 -15.47
N ARG B 86 -9.58 -12.83 -16.61
CA ARG B 86 -10.40 -11.62 -16.62
C ARG B 86 -11.89 -11.94 -16.55
N GLU B 87 -12.29 -13.14 -17.00
CA GLU B 87 -13.70 -13.51 -16.92
C GLU B 87 -14.07 -14.05 -15.54
N THR B 88 -13.14 -14.72 -14.88
CA THR B 88 -13.50 -15.44 -13.67
C THR B 88 -13.47 -14.54 -12.44
N LEU B 89 -12.55 -13.56 -12.40
CA LEU B 89 -12.30 -12.76 -11.21
C LEU B 89 -12.52 -11.28 -11.49
N ASP B 90 -12.87 -10.55 -10.44
CA ASP B 90 -12.97 -9.09 -10.48
C ASP B 90 -11.65 -8.49 -10.04
N TRP B 91 -11.07 -7.65 -10.89
CA TRP B 91 -9.77 -7.05 -10.63
C TRP B 91 -9.93 -5.57 -10.32
N TYR B 92 -9.06 -5.08 -9.43
CA TYR B 92 -8.96 -3.64 -9.23
C TYR B 92 -8.11 -2.99 -10.31
N ASP B 93 -6.98 -3.61 -10.67
CA ASP B 93 -6.17 -3.19 -11.81
C ASP B 93 -5.91 -4.39 -12.71
N ASP B 94 -5.93 -4.17 -14.01
CA ASP B 94 -5.67 -5.25 -14.95
C ASP B 94 -4.19 -5.64 -14.89
N PHE B 95 -3.89 -6.87 -15.26
CA PHE B 95 -2.51 -7.29 -15.45
C PHE B 95 -2.12 -7.07 -16.91
N LYS B 96 -0.82 -7.08 -17.14
CA LYS B 96 -0.24 -6.97 -18.48
C LYS B 96 0.46 -8.24 -18.92
N THR B 97 1.23 -8.86 -18.03
CA THR B 97 1.96 -10.08 -18.30
C THR B 97 1.13 -11.27 -17.82
N VAL B 98 1.01 -12.33 -18.63
CA VAL B 98 0.24 -13.49 -18.19
C VAL B 98 1.05 -14.36 -17.23
N ARG B 99 2.27 -14.74 -17.63
CA ARG B 99 3.10 -15.61 -16.80
C ARG B 99 4.57 -15.29 -17.00
N ALA B 100 5.36 -15.63 -16.00
CA ALA B 100 6.81 -15.52 -16.07
C ALA B 100 7.40 -16.40 -14.98
N GLY B 101 8.72 -16.55 -15.01
CA GLY B 101 9.42 -17.29 -13.97
C GLY B 101 9.34 -18.78 -14.21
N GLY B 102 9.81 -19.55 -13.22
CA GLY B 102 9.93 -20.98 -13.43
C GLY B 102 10.34 -21.75 -12.20
N PHE B 103 10.41 -23.08 -12.39
CA PHE B 103 10.76 -23.99 -11.31
C PHE B 103 12.15 -23.73 -10.77
N GLU B 104 13.11 -23.48 -11.67
CA GLU B 104 14.53 -23.61 -11.33
C GLU B 104 14.92 -22.72 -10.16
N HIS B 105 14.47 -21.47 -10.14
CA HIS B 105 14.76 -20.57 -9.03
C HIS B 105 13.53 -20.28 -8.17
N GLY B 106 12.37 -20.81 -8.52
CA GLY B 106 11.18 -20.57 -7.73
C GLY B 106 10.82 -19.10 -7.77
N ASP B 107 10.60 -18.57 -8.98
CA ASP B 107 10.15 -17.20 -9.16
C ASP B 107 8.89 -17.17 -10.00
N VAL B 108 8.07 -18.23 -9.91
CA VAL B 108 6.85 -18.34 -10.69
C VAL B 108 5.99 -17.09 -10.49
N GLN B 109 5.56 -16.50 -11.60
CA GLN B 109 4.69 -15.32 -11.58
C GLN B 109 3.50 -15.56 -12.48
N TRP B 110 2.34 -15.07 -12.05
CA TRP B 110 1.13 -15.10 -12.87
C TRP B 110 0.38 -13.79 -12.70
N PHE B 111 0.01 -13.18 -13.81
CA PHE B 111 -0.68 -11.90 -13.81
C PHE B 111 -0.03 -10.86 -12.91
N PRO B 112 1.32 -10.71 -12.97
CA PRO B 112 2.00 -9.95 -11.91
C PRO B 112 1.53 -8.53 -11.69
N GLU B 113 1.16 -7.80 -12.75
CA GLU B 113 0.80 -6.41 -12.54
C GLU B 113 -0.63 -6.22 -12.03
N GLY B 114 -1.46 -7.26 -12.08
CA GLY B 114 -2.84 -7.10 -11.66
C GLY B 114 -2.96 -6.94 -10.15
N THR B 115 -4.05 -6.29 -9.72
CA THR B 115 -4.42 -6.19 -8.32
C THR B 115 -5.86 -6.64 -8.14
N LEU B 116 -6.14 -7.19 -6.97
CA LEU B 116 -7.43 -7.80 -6.66
C LEU B 116 -7.48 -8.06 -5.17
N ASN B 117 -8.59 -8.62 -4.71
CA ASN B 117 -8.75 -9.02 -3.32
C ASN B 117 -9.59 -10.29 -3.26
N ALA B 118 -9.09 -11.30 -2.53
CA ALA B 118 -9.79 -12.58 -2.48
C ALA B 118 -11.15 -12.46 -1.80
N ALA B 119 -11.24 -11.65 -0.73
CA ALA B 119 -12.52 -11.43 -0.06
C ALA B 119 -13.51 -10.72 -0.98
N TYR B 120 -13.05 -9.75 -1.77
CA TYR B 120 -13.96 -9.11 -2.72
C TYR B 120 -14.54 -10.13 -3.70
N ASN B 121 -13.72 -11.07 -4.18
CA ASN B 121 -14.19 -12.02 -5.17
C ASN B 121 -15.01 -13.16 -4.55
N CYS B 122 -14.79 -13.48 -3.28
CA CYS B 122 -15.55 -14.53 -2.64
C CYS B 122 -16.82 -14.01 -1.95
N LEU B 123 -16.92 -12.71 -1.68
CA LEU B 123 -18.05 -12.18 -0.91
C LEU B 123 -18.73 -10.98 -1.57
N ASP B 124 -18.04 -9.83 -1.57
CA ASP B 124 -18.64 -8.56 -1.97
C ASP B 124 -19.39 -8.67 -3.29
N ARG B 125 -18.70 -9.14 -4.35
CA ARG B 125 -19.33 -9.13 -5.67
C ARG B 125 -20.56 -10.04 -5.70
N HIS B 126 -20.58 -11.09 -4.88
CA HIS B 126 -21.77 -11.93 -4.80
C HIS B 126 -22.84 -11.30 -3.92
N TYR B 127 -22.42 -10.67 -2.82
CA TYR B 127 -23.35 -9.94 -1.97
C TYR B 127 -24.05 -8.82 -2.73
N TYR B 128 -23.31 -8.08 -3.58
CA TYR B 128 -23.90 -6.98 -4.34
C TYR B 128 -24.94 -7.46 -5.34
N LYS B 129 -24.87 -8.72 -5.76
CA LYS B 129 -25.79 -9.22 -6.79
C LYS B 129 -27.00 -9.91 -6.18
N ASN B 130 -26.79 -10.72 -5.14
CA ASN B 130 -27.89 -11.39 -4.44
C ASN B 130 -27.49 -11.57 -2.97
N PRO B 131 -27.81 -10.61 -2.11
CA PRO B 131 -27.33 -10.68 -0.73
C PRO B 131 -28.01 -11.78 0.10
N LYS B 132 -29.21 -12.22 -0.28
CA LYS B 132 -29.88 -13.25 0.50
C LYS B 132 -29.55 -14.66 0.02
N LYS B 133 -28.82 -14.81 -1.08
CA LYS B 133 -28.40 -16.14 -1.50
C LYS B 133 -27.57 -16.78 -0.40
N THR B 134 -27.77 -18.08 -0.17
CA THR B 134 -27.00 -18.78 0.85
C THR B 134 -25.54 -18.94 0.42
N ALA B 135 -24.62 -18.45 1.25
CA ALA B 135 -23.21 -18.73 1.06
C ALA B 135 -22.83 -20.08 1.66
N ILE B 136 -23.25 -20.35 2.88
CA ILE B 136 -22.77 -21.50 3.61
C ILE B 136 -23.97 -22.28 4.12
N ILE B 137 -23.97 -23.58 3.88
CA ILE B 137 -24.82 -24.48 4.64
C ILE B 137 -23.98 -24.97 5.80
N TYR B 138 -24.27 -24.47 7.00
CA TYR B 138 -23.56 -24.85 8.21
C TYR B 138 -24.26 -26.09 8.77
N GLU B 139 -23.66 -27.26 8.56
CA GLU B 139 -24.17 -28.49 9.16
C GLU B 139 -23.47 -28.62 10.49
N ALA B 140 -24.18 -28.24 11.56
CA ALA B 140 -23.62 -28.26 12.91
C ALA B 140 -23.46 -29.69 13.41
N ASP B 141 -22.64 -29.85 14.45
CA ASP B 141 -22.41 -31.19 14.98
C ASP B 141 -23.73 -31.85 15.34
N GLU B 142 -24.67 -31.08 15.92
CA GLU B 142 -26.03 -31.54 16.14
C GLU B 142 -26.90 -31.10 14.97
N PRO B 143 -27.51 -32.04 14.23
CA PRO B 143 -28.27 -31.66 13.01
C PRO B 143 -29.30 -30.57 13.23
N SER B 144 -29.95 -30.54 14.41
CA SER B 144 -30.97 -29.54 14.66
C SER B 144 -30.41 -28.12 14.71
N GLU B 145 -29.10 -27.95 14.92
CA GLU B 145 -28.51 -26.62 15.03
C GLU B 145 -28.01 -26.09 13.68
N SER B 146 -28.22 -26.86 12.61
CA SER B 146 -27.80 -26.44 11.28
C SER B 146 -28.67 -25.31 10.77
N ARG B 147 -28.07 -24.46 9.93
CA ARG B 147 -28.80 -23.36 9.29
C ARG B 147 -28.03 -22.85 8.08
N GLU B 148 -28.74 -22.08 7.25
CA GLU B 148 -28.15 -21.43 6.09
C GLU B 148 -27.64 -20.04 6.47
N VAL B 149 -26.43 -19.72 6.01
CA VAL B 149 -25.80 -18.42 6.21
C VAL B 149 -25.72 -17.72 4.86
N SER B 150 -26.42 -16.58 4.74
CA SER B 150 -26.45 -15.82 3.51
C SER B 150 -25.10 -15.19 3.20
N TYR B 151 -24.95 -14.77 1.92
CA TYR B 151 -23.79 -13.99 1.54
C TYR B 151 -23.72 -12.67 2.30
N GLU B 152 -24.88 -12.04 2.54
CA GLU B 152 -24.95 -10.85 3.40
C GLU B 152 -24.38 -11.12 4.79
N GLU B 153 -24.93 -12.13 5.49
CA GLU B 153 -24.47 -12.39 6.85
C GLU B 153 -22.98 -12.77 6.88
N LEU B 154 -22.52 -13.60 5.93
CA LEU B 154 -21.11 -13.95 5.94
C LEU B 154 -20.22 -12.75 5.63
N MET B 155 -20.69 -11.82 4.79
CA MET B 155 -19.85 -10.66 4.50
C MET B 155 -19.78 -9.73 5.69
N GLN B 156 -20.91 -9.52 6.36
CA GLN B 156 -20.94 -8.67 7.56
C GLN B 156 -20.00 -9.19 8.63
N GLU B 157 -20.10 -10.48 8.94
N GLU B 157 -20.05 -10.49 8.95
CA GLU B 157 -19.22 -11.12 9.92
CA GLU B 157 -19.17 -10.98 9.99
C GLU B 157 -17.76 -10.99 9.50
C GLU B 157 -17.72 -11.05 9.52
N THR B 158 -17.47 -11.23 8.22
CA THR B 158 -16.11 -11.10 7.74
C THR B 158 -15.60 -9.68 7.95
N CYS B 159 -16.44 -8.68 7.66
CA CYS B 159 -16.00 -7.31 7.78
C CYS B 159 -15.80 -6.93 9.24
N ARG B 160 -16.64 -7.43 10.14
CA ARG B 160 -16.46 -7.15 11.56
C ARG B 160 -15.11 -7.68 12.06
N VAL B 161 -14.82 -8.95 11.74
CA VAL B 161 -13.54 -9.54 12.15
C VAL B 161 -12.37 -8.81 11.51
N ALA B 162 -12.47 -8.49 10.22
CA ALA B 162 -11.45 -7.67 9.58
C ALA B 162 -11.23 -6.39 10.37
N ASN B 163 -12.33 -5.72 10.76
CA ASN B 163 -12.19 -4.47 11.50
C ASN B 163 -11.53 -4.70 12.86
N VAL B 164 -11.80 -5.85 13.50
CA VAL B 164 -11.14 -6.18 14.76
C VAL B 164 -9.64 -6.36 14.53
N LEU B 165 -9.27 -7.12 13.49
CA LEU B 165 -7.86 -7.35 13.19
C LEU B 165 -7.13 -6.03 12.96
N LYS B 166 -7.71 -5.14 12.15
CA LYS B 166 -7.09 -3.84 11.91
C LYS B 166 -6.87 -3.09 13.23
N SER B 167 -7.84 -3.16 14.15
CA SER B 167 -7.71 -2.50 15.44
C SER B 167 -6.60 -3.08 16.28
N TYR B 168 -6.20 -4.33 16.04
CA TYR B 168 -5.05 -4.88 16.72
C TYR B 168 -3.75 -4.49 16.04
N GLY B 169 -3.80 -3.70 14.95
CA GLY B 169 -2.60 -3.33 14.23
C GLY B 169 -2.15 -4.32 13.18
N VAL B 170 -3.00 -5.25 12.77
CA VAL B 170 -2.62 -6.19 11.73
C VAL B 170 -2.52 -5.44 10.40
N LYS B 171 -1.38 -5.59 9.72
CA LYS B 171 -1.11 -4.89 8.47
C LYS B 171 -1.00 -5.90 7.34
N LYS B 172 -1.18 -5.38 6.12
CA LYS B 172 -0.91 -6.17 4.92
C LYS B 172 0.41 -6.93 5.07
N GLY B 173 0.37 -8.24 4.83
CA GLY B 173 1.57 -9.06 4.93
C GLY B 173 1.83 -9.68 6.29
N ASP B 174 1.10 -9.27 7.33
CA ASP B 174 1.21 -9.91 8.62
C ASP B 174 0.58 -11.31 8.59
N ALA B 175 1.22 -12.25 9.24
CA ALA B 175 0.65 -13.57 9.41
C ALA B 175 -0.34 -13.58 10.59
N VAL B 176 -1.43 -14.33 10.43
CA VAL B 176 -2.43 -14.51 11.48
C VAL B 176 -2.73 -16.00 11.59
N SER B 177 -2.53 -16.57 12.76
CA SER B 177 -2.81 -17.98 12.96
C SER B 177 -4.29 -18.19 13.23
N ILE B 178 -4.82 -19.30 12.69
CA ILE B 178 -6.21 -19.66 12.87
C ILE B 178 -6.26 -21.09 13.40
N TYR B 179 -6.89 -21.26 14.57
CA TYR B 179 -7.06 -22.57 15.19
C TYR B 179 -8.56 -22.74 15.45
N LEU B 180 -9.29 -22.98 14.38
CA LEU B 180 -10.74 -23.00 14.46
C LEU B 180 -11.28 -24.36 14.03
N PRO B 181 -12.29 -24.85 14.72
CA PRO B 181 -12.98 -26.06 14.28
C PRO B 181 -13.95 -25.69 13.16
N MET B 182 -14.70 -26.70 12.69
CA MET B 182 -15.54 -26.56 11.52
C MET B 182 -16.89 -25.89 11.83
N THR B 183 -16.82 -24.69 12.41
CA THR B 183 -18.00 -23.84 12.48
C THR B 183 -17.92 -22.81 11.35
N TRP B 184 -19.09 -22.29 10.95
CA TRP B 184 -19.12 -21.49 9.73
C TRP B 184 -18.23 -20.25 9.84
N GLN B 185 -18.04 -19.74 11.05
CA GLN B 185 -17.23 -18.54 11.24
C GLN B 185 -15.77 -18.73 10.83
N ALA B 186 -15.30 -19.97 10.68
CA ALA B 186 -13.93 -20.16 10.19
C ALA B 186 -13.76 -19.54 8.81
N ALA B 187 -14.79 -19.62 7.97
CA ALA B 187 -14.75 -18.95 6.67
C ALA B 187 -14.61 -17.44 6.86
N ALA B 188 -15.34 -16.87 7.80
CA ALA B 188 -15.22 -15.44 8.06
C ALA B 188 -13.81 -15.08 8.45
N ALA B 189 -13.15 -15.97 9.21
CA ALA B 189 -11.82 -15.69 9.71
C ALA B 189 -10.78 -15.74 8.59
N PHE B 190 -10.84 -16.77 7.73
CA PHE B 190 -10.00 -16.78 6.53
C PHE B 190 -10.18 -15.49 5.74
N LEU B 191 -11.43 -15.17 5.41
CA LEU B 191 -11.68 -14.07 4.48
C LEU B 191 -11.45 -12.72 5.13
N ALA B 192 -11.56 -12.63 6.45
CA ALA B 192 -11.18 -11.38 7.12
C ALA B 192 -9.69 -11.13 6.96
N CYS B 193 -8.87 -12.18 7.07
CA CYS B 193 -7.43 -12.01 6.86
C CYS B 193 -7.13 -11.64 5.42
N ALA B 194 -7.78 -12.33 4.46
CA ALA B 194 -7.61 -12.00 3.06
C ALA B 194 -8.11 -10.60 2.74
N ARG B 195 -9.18 -10.17 3.41
CA ARG B 195 -9.75 -8.86 3.11
C ARG B 195 -8.74 -7.74 3.37
N ILE B 196 -7.92 -7.88 4.42
CA ILE B 196 -6.99 -6.83 4.80
C ILE B 196 -5.57 -7.11 4.35
N GLY B 197 -5.34 -8.21 3.66
CA GLY B 197 -4.01 -8.50 3.17
C GLY B 197 -3.12 -9.25 4.13
N ALA B 198 -3.69 -9.76 5.22
CA ALA B 198 -2.93 -10.58 6.15
C ALA B 198 -2.87 -12.00 5.63
N ILE B 199 -1.85 -12.73 6.06
CA ILE B 199 -1.59 -14.09 5.59
C ILE B 199 -2.15 -15.04 6.64
N HIS B 200 -3.27 -15.71 6.37
CA HIS B 200 -3.75 -16.61 7.41
C HIS B 200 -2.96 -17.92 7.37
N SER B 201 -2.84 -18.54 8.54
CA SER B 201 -2.20 -19.84 8.70
C SER B 201 -3.10 -20.72 9.58
N ALA B 202 -3.88 -21.58 8.94
CA ALA B 202 -4.91 -22.37 9.63
C ALA B 202 -4.30 -23.68 10.11
N VAL B 203 -4.60 -24.03 11.36
CA VAL B 203 -4.15 -25.28 11.97
C VAL B 203 -5.37 -26.08 12.38
N PHE B 204 -5.40 -27.37 12.00
CA PHE B 204 -6.44 -28.32 12.39
C PHE B 204 -6.79 -28.20 13.86
N ALA B 205 -8.05 -27.87 14.16
CA ALA B 205 -8.49 -27.93 15.55
C ALA B 205 -8.31 -29.35 16.07
N GLY B 206 -7.71 -29.49 17.23
CA GLY B 206 -7.38 -30.78 17.74
C GLY B 206 -5.91 -31.17 17.62
N PHE B 207 -5.15 -30.48 16.76
CA PHE B 207 -3.70 -30.64 16.80
C PHE B 207 -3.18 -30.32 18.19
N SER B 208 -2.14 -31.04 18.61
CA SER B 208 -1.61 -30.90 19.96
C SER B 208 -1.05 -29.50 20.18
N ALA B 209 -0.90 -29.14 21.45
CA ALA B 209 -0.28 -27.88 21.80
C ALA B 209 1.11 -27.76 21.17
N GLU B 210 1.86 -28.87 21.15
CA GLU B 210 3.19 -28.85 20.50
C GLU B 210 3.08 -28.53 19.01
N SER B 211 2.18 -29.20 18.31
CA SER B 211 2.01 -28.97 16.87
C SER B 211 1.57 -27.55 16.59
N LEU B 212 0.67 -27.03 17.43
CA LEU B 212 0.20 -25.67 17.29
C LEU B 212 1.33 -24.69 17.54
N ARG B 213 2.03 -24.85 18.67
CA ARG B 213 3.17 -24.01 19.00
C ARG B 213 4.17 -23.93 17.85
N ASP B 214 4.52 -25.08 17.25
CA ASP B 214 5.50 -25.07 16.18
C ASP B 214 5.02 -24.26 14.99
N ARG B 215 3.73 -24.35 14.67
CA ARG B 215 3.25 -23.63 13.49
C ARG B 215 3.04 -22.16 13.79
N VAL B 216 2.59 -21.85 15.02
CA VAL B 216 2.45 -20.45 15.43
C VAL B 216 3.81 -19.76 15.43
N ASN B 217 4.85 -20.43 15.91
CA ASN B 217 6.16 -19.79 15.95
C ASN B 217 6.77 -19.65 14.56
N ASP B 218 6.62 -20.66 13.70
CA ASP B 218 7.30 -20.60 12.41
C ASP B 218 6.76 -19.46 11.56
N CYS B 219 5.47 -19.17 11.65
CA CYS B 219 4.91 -18.11 10.83
C CYS B 219 5.02 -16.75 11.50
N GLU B 220 5.42 -16.71 12.77
CA GLU B 220 5.71 -15.48 13.50
C GLU B 220 4.50 -14.58 13.68
N CYS B 221 3.29 -15.15 13.68
CA CYS B 221 2.11 -14.32 13.85
C CYS B 221 2.10 -13.66 15.22
N LYS B 222 1.40 -12.54 15.31
CA LYS B 222 1.15 -11.88 16.58
C LYS B 222 -0.30 -12.01 17.04
N VAL B 223 -1.19 -12.45 16.17
CA VAL B 223 -2.60 -12.61 16.44
C VAL B 223 -3.00 -14.04 16.15
N LEU B 224 -3.79 -14.63 17.05
CA LEU B 224 -4.34 -15.96 16.89
C LEU B 224 -5.84 -15.92 17.08
N ILE B 225 -6.56 -16.63 16.22
CA ILE B 225 -8.03 -16.72 16.25
C ILE B 225 -8.41 -18.14 16.62
N THR B 226 -9.25 -18.31 17.64
CA THR B 226 -9.63 -19.68 18.04
C THR B 226 -11.02 -19.66 18.65
N THR B 227 -11.45 -20.82 19.17
CA THR B 227 -12.74 -20.98 19.82
C THR B 227 -12.54 -21.34 21.28
N ASP B 228 -13.58 -21.12 22.09
CA ASP B 228 -13.54 -21.65 23.44
C ASP B 228 -13.38 -23.16 23.39
N GLU B 229 -14.22 -23.82 22.60
CA GLU B 229 -14.17 -25.25 22.40
C GLU B 229 -14.70 -25.58 21.01
N GLY B 230 -14.29 -26.73 20.49
CA GLY B 230 -14.93 -27.32 19.33
C GLY B 230 -15.84 -28.48 19.74
N ARG B 231 -16.75 -28.82 18.83
N ARG B 231 -16.74 -28.85 18.82
CA ARG B 231 -17.64 -29.96 18.99
CA ARG B 231 -17.66 -29.97 18.99
C ARG B 231 -17.63 -30.78 17.71
C ARG B 231 -17.66 -30.79 17.71
N ARG B 232 -17.19 -32.03 17.81
CA ARG B 232 -17.13 -32.92 16.65
C ARG B 232 -17.51 -34.33 17.05
N GLY B 233 -18.47 -34.91 16.34
CA GLY B 233 -18.93 -36.24 16.64
C GLY B 233 -19.36 -36.38 18.08
N GLY B 234 -19.93 -35.32 18.64
CA GLY B 234 -20.38 -35.38 20.01
C GLY B 234 -19.29 -35.26 21.06
N LYS B 235 -18.05 -35.01 20.65
CA LYS B 235 -16.93 -34.88 21.56
C LYS B 235 -16.47 -33.43 21.60
N THR B 236 -15.99 -33.01 22.75
CA THR B 236 -15.47 -31.66 22.93
C THR B 236 -13.98 -31.63 22.58
N ILE B 237 -13.60 -30.68 21.73
CA ILE B 237 -12.20 -30.34 21.48
C ILE B 237 -11.87 -29.13 22.34
N ALA B 238 -10.94 -29.29 23.27
CA ALA B 238 -10.62 -28.22 24.23
C ALA B 238 -9.66 -27.22 23.61
N THR B 239 -10.16 -26.48 22.61
CA THR B 239 -9.27 -25.63 21.80
C THR B 239 -8.59 -24.57 22.67
N LYS B 240 -9.35 -23.89 23.53
CA LYS B 240 -8.74 -22.81 24.31
C LYS B 240 -7.70 -23.36 25.28
N GLN B 241 -7.97 -24.53 25.89
CA GLN B 241 -6.99 -25.12 26.80
C GLN B 241 -5.71 -25.46 26.08
N ILE B 242 -5.83 -26.01 24.87
CA ILE B 242 -4.66 -26.33 24.07
C ILE B 242 -3.91 -25.06 23.69
N VAL B 243 -4.67 -24.02 23.29
CA VAL B 243 -4.05 -22.76 22.91
C VAL B 243 -3.27 -22.18 24.08
N ASP B 244 -3.86 -22.20 25.28
CA ASP B 244 -3.14 -21.69 26.45
C ASP B 244 -1.84 -22.43 26.68
N ALA B 245 -1.86 -23.76 26.56
CA ALA B 245 -0.63 -24.54 26.72
C ALA B 245 0.38 -24.21 25.60
N ALA B 246 -0.09 -24.06 24.36
CA ALA B 246 0.83 -23.72 23.28
C ALA B 246 1.42 -22.32 23.45
N LEU B 247 0.58 -21.34 23.76
CA LEU B 247 1.04 -19.96 23.79
C LEU B 247 2.06 -19.70 24.89
N GLN B 248 2.16 -20.58 25.90
CA GLN B 248 3.25 -20.44 26.86
C GLN B 248 4.62 -20.51 26.20
N GLN B 249 4.71 -20.97 24.95
CA GLN B 249 5.98 -20.99 24.24
C GLN B 249 5.91 -20.26 22.90
N CYS B 250 4.96 -19.34 22.74
CA CYS B 250 4.83 -18.54 21.54
C CYS B 250 4.92 -17.08 21.96
N PRO B 251 6.16 -16.57 22.11
CA PRO B 251 6.33 -15.24 22.71
C PRO B 251 5.87 -14.10 21.81
N LEU B 252 5.69 -14.31 20.51
CA LEU B 252 5.29 -13.19 19.68
C LEU B 252 3.78 -12.95 19.67
N VAL B 253 2.96 -13.88 20.19
CA VAL B 253 1.51 -13.71 20.09
C VAL B 253 1.03 -12.76 21.19
N GLU B 254 0.42 -11.65 20.77
CA GLU B 254 -0.06 -10.61 21.67
C GLU B 254 -1.58 -10.59 21.82
N ASN B 255 -2.33 -11.00 20.80
CA ASN B 255 -3.78 -10.90 20.82
C ASN B 255 -4.37 -12.25 20.43
N VAL B 256 -5.35 -12.72 21.20
CA VAL B 256 -6.09 -13.92 20.85
C VAL B 256 -7.56 -13.54 20.74
N LEU B 257 -8.18 -13.89 19.62
CA LEU B 257 -9.60 -13.63 19.42
C LEU B 257 -10.36 -14.94 19.60
N VAL B 258 -11.29 -14.99 20.55
CA VAL B 258 -11.88 -16.25 21.00
C VAL B 258 -13.36 -16.29 20.63
N LEU B 259 -13.71 -17.19 19.71
CA LEU B 259 -15.11 -17.36 19.33
C LEU B 259 -15.84 -18.23 20.36
N ARG B 260 -17.01 -17.78 20.79
CA ARG B 260 -17.79 -18.46 21.83
C ARG B 260 -18.63 -19.55 21.17
N ARG B 261 -18.00 -20.69 20.92
CA ARG B 261 -18.72 -21.71 20.17
C ARG B 261 -19.64 -22.53 21.07
N THR B 262 -19.14 -22.96 22.23
CA THR B 262 -19.97 -23.75 23.14
C THR B 262 -20.48 -22.95 24.32
N GLY B 263 -19.75 -21.94 24.78
CA GLY B 263 -20.17 -21.25 25.96
C GLY B 263 -19.75 -21.91 27.25
N ASN B 264 -19.08 -23.06 27.19
CA ASN B 264 -18.55 -23.68 28.39
C ASN B 264 -17.40 -22.84 28.94
N LYS B 265 -17.26 -22.84 30.27
CA LYS B 265 -16.25 -22.00 30.91
C LYS B 265 -14.84 -22.38 30.43
N VAL B 266 -14.10 -21.39 29.96
CA VAL B 266 -12.69 -21.57 29.59
C VAL B 266 -11.88 -20.44 30.18
N PRO B 267 -10.58 -20.65 30.40
CA PRO B 267 -9.72 -19.57 30.88
C PRO B 267 -9.55 -18.49 29.82
N MET B 268 -9.55 -17.24 30.27
CA MET B 268 -9.33 -16.09 29.42
C MET B 268 -8.30 -15.22 30.12
N THR B 269 -7.19 -14.94 29.43
CA THR B 269 -6.09 -14.14 29.97
C THR B 269 -6.39 -12.66 29.71
N GLU B 270 -6.41 -11.88 30.78
CA GLU B 270 -6.73 -10.46 30.66
C GLU B 270 -5.77 -9.77 29.68
N GLY B 271 -6.30 -8.82 28.92
CA GLY B 271 -5.47 -8.12 27.96
C GLY B 271 -5.29 -8.91 26.68
N ARG B 272 -4.67 -10.08 26.79
CA ARG B 272 -4.35 -10.88 25.61
C ARG B 272 -5.62 -11.42 24.93
N ASP B 273 -6.57 -11.94 25.70
CA ASP B 273 -7.68 -12.71 25.15
C ASP B 273 -8.94 -11.87 25.13
N LYS B 274 -9.62 -11.87 23.99
CA LYS B 274 -10.89 -11.16 23.83
C LYS B 274 -11.90 -12.07 23.17
N TRP B 275 -13.18 -11.81 23.47
CA TRP B 275 -14.28 -12.55 22.87
C TRP B 275 -14.62 -11.98 21.49
N TRP B 276 -14.71 -12.86 20.51
CA TRP B 276 -15.12 -12.51 19.15
C TRP B 276 -16.36 -11.65 19.14
N ASP B 277 -17.42 -12.09 19.85
CA ASP B 277 -18.69 -11.39 19.74
C ASP B 277 -18.60 -10.01 20.37
N GLU B 278 -17.83 -9.88 21.44
CA GLU B 278 -17.69 -8.60 22.12
C GLU B 278 -16.85 -7.63 21.28
N GLU B 279 -15.80 -8.15 20.64
CA GLU B 279 -14.96 -7.29 19.81
C GLU B 279 -15.71 -6.85 18.56
N CYS B 280 -16.37 -7.80 17.89
CA CYS B 280 -17.08 -7.49 16.66
C CYS B 280 -18.23 -6.54 16.89
N ALA B 281 -18.89 -6.60 18.05
CA ALA B 281 -19.98 -5.69 18.34
C ALA B 281 -19.53 -4.23 18.36
N LYS B 282 -18.24 -3.97 18.54
CA LYS B 282 -17.72 -2.61 18.50
C LYS B 282 -17.52 -2.07 17.10
N MET B 283 -17.54 -2.92 16.08
CA MET B 283 -17.05 -2.59 14.76
C MET B 283 -18.18 -2.47 13.74
N PRO B 284 -18.01 -1.62 12.73
CA PRO B 284 -18.99 -1.57 11.65
C PRO B 284 -19.03 -2.90 10.89
N ALA B 285 -20.13 -3.13 10.20
CA ALA B 285 -20.29 -4.38 9.46
C ALA B 285 -19.80 -4.26 8.03
N TYR B 286 -19.12 -3.16 7.68
CA TYR B 286 -18.36 -3.08 6.44
C TYR B 286 -16.93 -2.63 6.73
N CYS B 287 -16.01 -3.04 5.86
CA CYS B 287 -14.60 -2.77 5.93
C CYS B 287 -14.08 -2.74 4.50
N PRO B 288 -13.31 -1.72 4.12
CA PRO B 288 -12.73 -1.72 2.76
C PRO B 288 -11.80 -2.90 2.54
N CYS B 289 -11.67 -3.31 1.28
CA CYS B 289 -10.74 -4.36 0.87
C CYS B 289 -9.37 -3.79 0.56
N GLU B 290 -8.34 -4.50 1.00
CA GLU B 290 -6.97 -4.12 0.68
C GLU B 290 -6.66 -4.52 -0.75
N ARG B 291 -6.09 -3.61 -1.53
CA ARG B 291 -5.81 -3.89 -2.93
C ARG B 291 -4.52 -4.70 -3.02
N MET B 292 -4.64 -5.98 -3.37
CA MET B 292 -3.54 -6.92 -3.29
C MET B 292 -2.96 -7.16 -4.68
N ALA B 293 -1.64 -7.23 -4.74
CA ALA B 293 -1.00 -7.65 -5.98
C ALA B 293 -1.26 -9.13 -6.18
N SER B 294 -1.30 -9.55 -7.45
CA SER B 294 -1.55 -10.94 -7.78
CA SER B 294 -1.55 -10.94 -7.78
C SER B 294 -0.64 -11.89 -7.01
N GLU B 295 0.63 -11.53 -6.86
CA GLU B 295 1.63 -12.37 -6.20
C GLU B 295 1.82 -12.08 -4.71
N ASP B 296 0.97 -11.24 -4.11
CA ASP B 296 0.99 -11.11 -2.65
C ASP B 296 0.58 -12.45 -2.02
N PRO B 297 1.23 -12.86 -0.95
CA PRO B 297 0.88 -14.13 -0.31
C PRO B 297 -0.53 -14.08 0.26
N LEU B 298 -1.28 -15.13 -0.01
CA LEU B 298 -2.66 -15.26 0.48
C LEU B 298 -2.72 -16.05 1.79
N PHE B 299 -2.03 -17.20 1.85
CA PHE B 299 -1.99 -17.94 3.09
C PHE B 299 -0.74 -18.80 3.14
N ILE B 300 -0.41 -19.22 4.36
CA ILE B 300 0.51 -20.29 4.65
C ILE B 300 -0.33 -21.48 5.12
N LEU B 301 -0.06 -22.67 4.60
CA LEU B 301 -0.69 -23.87 5.11
C LEU B 301 0.41 -24.87 5.44
N TYR B 302 0.59 -25.14 6.73
CA TYR B 302 1.55 -26.15 7.17
C TYR B 302 1.01 -27.54 6.90
N THR B 303 1.85 -28.38 6.31
CA THR B 303 1.47 -29.77 6.15
C THR B 303 1.76 -30.52 7.45
N SER B 304 1.38 -31.80 7.47
CA SER B 304 1.59 -32.66 8.62
C SER B 304 2.17 -33.99 8.17
N GLY B 305 3.21 -33.92 7.34
CA GLY B 305 3.80 -35.10 6.75
C GLY B 305 4.85 -35.78 7.60
N SER B 306 4.75 -35.59 8.92
CA SER B 306 5.65 -36.22 9.90
C SER B 306 7.11 -36.00 9.54
N THR B 307 7.40 -34.83 8.98
CA THR B 307 8.78 -34.42 8.74
C THR B 307 9.38 -33.88 10.04
N GLY B 308 10.64 -33.45 9.97
CA GLY B 308 11.28 -32.91 11.16
C GLY B 308 10.69 -31.57 11.56
N LYS B 309 10.57 -30.66 10.60
CA LYS B 309 10.05 -29.32 10.78
C LYS B 309 8.75 -29.15 9.99
N PRO B 310 7.80 -28.38 10.50
CA PRO B 310 6.56 -28.17 9.73
C PRO B 310 6.83 -27.35 8.48
N LYS B 311 6.21 -27.78 7.38
CA LYS B 311 6.40 -27.20 6.05
C LYS B 311 5.31 -26.20 5.75
N GLY B 312 5.64 -24.91 5.84
CA GLY B 312 4.67 -23.87 5.57
C GLY B 312 4.50 -23.54 4.09
N VAL B 313 3.53 -24.20 3.46
CA VAL B 313 3.32 -24.07 2.02
C VAL B 313 2.62 -22.74 1.77
N VAL B 314 3.21 -21.89 0.92
CA VAL B 314 2.72 -20.53 0.66
C VAL B 314 2.03 -20.49 -0.70
N HIS B 315 0.83 -19.92 -0.73
CA HIS B 315 0.13 -19.64 -1.98
C HIS B 315 -0.06 -18.14 -2.15
N SER B 316 0.09 -17.66 -3.38
CA SER B 316 -0.14 -16.24 -3.61
C SER B 316 -1.63 -16.09 -3.93
N THR B 317 -2.03 -14.94 -4.47
CA THR B 317 -3.45 -14.57 -4.46
C THR B 317 -4.18 -14.89 -5.78
N ALA B 318 -3.78 -14.26 -6.88
CA ALA B 318 -4.60 -14.37 -8.09
C ALA B 318 -4.53 -15.76 -8.71
N GLY B 319 -3.33 -16.32 -8.85
CA GLY B 319 -3.22 -17.63 -9.49
C GLY B 319 -3.92 -18.73 -8.72
N TYR B 320 -3.73 -18.74 -7.40
CA TYR B 320 -4.41 -19.71 -6.54
C TYR B 320 -5.93 -19.59 -6.64
N LEU B 321 -6.42 -18.35 -6.55
CA LEU B 321 -7.85 -18.11 -6.61
C LEU B 321 -8.43 -18.53 -7.96
N LEU B 322 -7.70 -18.25 -9.04
CA LEU B 322 -8.20 -18.64 -10.35
C LEU B 322 -8.22 -20.15 -10.50
N GLY B 323 -7.16 -20.81 -10.02
CA GLY B 323 -7.11 -22.26 -10.09
C GLY B 323 -8.23 -22.93 -9.32
N THR B 324 -8.50 -22.48 -8.09
CA THR B 324 -9.59 -23.09 -7.33
C THR B 324 -10.93 -22.79 -7.99
N ALA B 325 -11.11 -21.56 -8.49
CA ALA B 325 -12.36 -21.22 -9.13
C ALA B 325 -12.62 -22.08 -10.36
N LEU B 326 -11.62 -22.18 -11.26
CA LEU B 326 -11.80 -22.95 -12.50
C LEU B 326 -11.96 -24.44 -12.23
N THR B 327 -11.19 -24.99 -11.27
CA THR B 327 -11.33 -26.42 -10.98
C THR B 327 -12.68 -26.72 -10.36
N LEU B 328 -13.16 -25.87 -9.45
CA LEU B 328 -14.49 -26.11 -8.90
C LEU B 328 -15.53 -26.07 -10.00
N LYS B 329 -15.44 -25.09 -10.90
CA LYS B 329 -16.42 -24.98 -11.97
C LYS B 329 -16.37 -26.21 -12.88
N TYR B 330 -15.18 -26.62 -13.31
CA TYR B 330 -15.14 -27.64 -14.36
C TYR B 330 -15.09 -29.08 -13.83
N VAL B 331 -14.33 -29.35 -12.77
CA VAL B 331 -14.22 -30.73 -12.27
C VAL B 331 -15.53 -31.16 -11.62
N PHE B 332 -16.24 -30.23 -11.00
CA PHE B 332 -17.50 -30.55 -10.36
C PHE B 332 -18.71 -30.08 -11.16
N ASP B 333 -18.47 -29.53 -12.36
CA ASP B 333 -19.49 -28.93 -13.22
C ASP B 333 -20.49 -28.10 -12.41
N ALA B 334 -19.96 -27.10 -11.71
CA ALA B 334 -20.77 -26.25 -10.86
C ALA B 334 -21.55 -25.25 -11.69
N HIS B 335 -22.81 -25.08 -11.35
CA HIS B 335 -23.69 -24.14 -12.00
C HIS B 335 -24.25 -23.19 -10.94
N PRO B 336 -24.80 -22.04 -11.34
CA PRO B 336 -25.02 -20.96 -10.37
C PRO B 336 -25.83 -21.33 -9.12
N ASP B 337 -26.80 -22.23 -9.22
CA ASP B 337 -27.62 -22.55 -8.05
C ASP B 337 -27.18 -23.81 -7.35
N ASP B 338 -25.99 -24.33 -7.66
CA ASP B 338 -25.55 -25.58 -7.07
C ASP B 338 -25.28 -25.42 -5.58
N ARG B 339 -25.41 -26.52 -4.86
CA ARG B 339 -25.14 -26.58 -3.41
CA ARG B 339 -25.14 -26.57 -3.42
C ARG B 339 -24.03 -27.59 -3.21
N PHE B 340 -22.81 -27.08 -3.03
CA PHE B 340 -21.61 -27.90 -3.04
C PHE B 340 -21.24 -28.38 -1.64
N ALA B 341 -21.16 -29.70 -1.46
CA ALA B 341 -20.90 -30.32 -0.16
C ALA B 341 -19.53 -30.99 -0.15
N CYS B 342 -18.51 -30.20 0.17
CA CYS B 342 -17.21 -30.76 0.50
C CYS B 342 -17.18 -31.00 2.01
N MET B 343 -16.99 -32.25 2.42
CA MET B 343 -17.11 -32.64 3.82
C MET B 343 -15.77 -32.64 4.54
N ALA B 344 -14.75 -32.00 3.96
CA ALA B 344 -13.43 -32.00 4.56
C ALA B 344 -13.36 -30.94 5.65
N ASP B 345 -12.17 -30.81 6.25
CA ASP B 345 -11.86 -29.85 7.29
C ASP B 345 -11.05 -28.71 6.70
N ILE B 346 -11.31 -27.48 7.16
CA ILE B 346 -10.53 -26.35 6.64
C ILE B 346 -9.06 -26.40 7.06
N GLY B 347 -8.67 -27.28 7.97
CA GLY B 347 -7.24 -27.43 8.21
C GLY B 347 -6.48 -28.09 7.07
N TRP B 348 -7.20 -28.69 6.13
CA TRP B 348 -6.65 -29.38 4.99
C TRP B 348 -6.76 -28.47 3.78
N ILE B 349 -5.79 -28.56 2.85
CA ILE B 349 -5.90 -27.76 1.63
C ILE B 349 -7.23 -27.99 0.94
N THR B 350 -7.81 -29.19 1.12
CA THR B 350 -9.07 -29.50 0.47
C THR B 350 -10.16 -28.53 0.92
N GLY B 351 -10.13 -28.14 2.19
CA GLY B 351 -11.05 -27.19 2.75
C GLY B 351 -10.76 -25.76 2.31
N HIS B 352 -9.48 -25.37 2.27
CA HIS B 352 -9.13 -24.08 1.68
C HIS B 352 -9.72 -23.95 0.30
N SER B 353 -9.45 -24.92 -0.57
CA SER B 353 -9.70 -24.74 -1.99
C SER B 353 -11.16 -25.06 -2.36
N TYR B 354 -11.76 -26.06 -1.72
CA TYR B 354 -13.05 -26.57 -2.18
C TYR B 354 -14.14 -26.51 -1.12
N ILE B 355 -13.90 -25.87 0.01
CA ILE B 355 -14.96 -25.37 0.86
C ILE B 355 -15.06 -23.85 0.75
N ILE B 356 -13.93 -23.15 0.88
CA ILE B 356 -14.01 -21.70 0.96
C ILE B 356 -13.75 -21.05 -0.40
N TYR B 357 -12.49 -21.03 -0.86
CA TYR B 357 -12.12 -20.13 -1.95
C TYR B 357 -12.79 -20.53 -3.26
N GLY B 358 -12.69 -21.80 -3.66
CA GLY B 358 -13.30 -22.24 -4.90
C GLY B 358 -14.80 -21.98 -4.98
N PRO B 359 -15.57 -22.57 -4.07
CA PRO B 359 -17.03 -22.42 -4.16
C PRO B 359 -17.48 -20.98 -3.99
N LEU B 360 -16.89 -20.25 -3.05
CA LEU B 360 -17.34 -18.89 -2.85
C LEU B 360 -16.88 -17.96 -3.98
N ALA B 361 -15.71 -18.21 -4.57
CA ALA B 361 -15.31 -17.40 -5.73
C ALA B 361 -16.34 -17.52 -6.84
N ASN B 362 -16.91 -18.71 -7.02
CA ASN B 362 -17.96 -18.94 -8.00
C ASN B 362 -19.32 -18.44 -7.56
N GLY B 363 -19.46 -17.96 -6.33
CA GLY B 363 -20.74 -17.42 -5.89
C GLY B 363 -21.83 -18.44 -5.63
N ILE B 364 -21.47 -19.71 -5.43
CA ILE B 364 -22.50 -20.72 -5.17
C ILE B 364 -22.60 -20.98 -3.68
N THR B 365 -23.29 -22.06 -3.32
CA THR B 365 -23.48 -22.43 -1.93
C THR B 365 -22.50 -23.53 -1.57
N THR B 366 -21.87 -23.40 -0.40
CA THR B 366 -20.85 -24.33 0.05
C THR B 366 -21.19 -24.83 1.44
N ALA B 367 -20.89 -26.09 1.72
CA ALA B 367 -21.20 -26.70 3.01
C ALA B 367 -20.02 -26.60 3.96
N VAL B 368 -20.32 -26.32 5.22
CA VAL B 368 -19.32 -26.40 6.27
C VAL B 368 -19.82 -27.47 7.23
N PHE B 369 -19.18 -28.63 7.19
CA PHE B 369 -19.65 -29.82 7.92
C PHE B 369 -18.87 -29.93 9.22
N GLU B 370 -19.55 -29.69 10.33
CA GLU B 370 -18.91 -29.69 11.63
C GLU B 370 -18.70 -31.09 12.22
N SER B 371 -19.34 -32.12 11.67
CA SER B 371 -19.47 -33.38 12.37
C SER B 371 -18.53 -34.45 11.78
N THR B 372 -18.80 -35.71 12.06
CA THR B 372 -18.08 -36.84 11.48
C THR B 372 -18.99 -37.63 10.56
N PRO B 373 -18.44 -38.51 9.72
CA PRO B 373 -19.30 -39.29 8.83
C PRO B 373 -20.29 -40.21 9.55
N VAL B 374 -20.06 -40.52 10.83
CA VAL B 374 -20.87 -41.51 11.52
C VAL B 374 -21.55 -40.94 12.79
N TYR B 375 -21.71 -39.63 12.87
CA TYR B 375 -22.38 -39.07 14.04
C TYR B 375 -23.66 -38.36 13.59
N PRO B 376 -24.82 -38.64 14.23
CA PRO B 376 -25.06 -39.61 15.30
C PRO B 376 -24.95 -41.05 14.83
N THR B 377 -25.16 -41.27 13.53
CA THR B 377 -25.10 -42.60 12.93
C THR B 377 -24.38 -42.50 11.60
N PRO B 378 -24.03 -43.64 10.96
CA PRO B 378 -23.41 -43.57 9.62
C PRO B 378 -24.38 -43.15 8.52
N SER B 379 -25.58 -42.69 8.88
CA SER B 379 -26.49 -42.12 7.89
C SER B 379 -26.33 -40.60 7.74
N ARG B 380 -25.35 -40.01 8.43
CA ARG B 380 -25.28 -38.54 8.51
C ARG B 380 -25.07 -37.90 7.14
N TYR B 381 -24.11 -38.40 6.33
CA TYR B 381 -23.87 -37.78 5.03
C TYR B 381 -25.14 -37.75 4.20
N TRP B 382 -25.87 -38.87 4.19
CA TRP B 382 -27.01 -39.00 3.29
C TRP B 382 -28.23 -38.28 3.84
N ASP B 383 -28.40 -38.27 5.17
CA ASP B 383 -29.37 -37.37 5.78
C ASP B 383 -29.09 -35.94 5.37
N PHE B 384 -27.81 -35.55 5.37
CA PHE B 384 -27.45 -34.20 5.01
C PHE B 384 -27.79 -33.91 3.55
N VAL B 385 -27.44 -34.83 2.66
CA VAL B 385 -27.68 -34.63 1.23
C VAL B 385 -29.17 -34.43 0.96
N ASP B 386 -30.02 -35.28 1.56
CA ASP B 386 -31.45 -35.23 1.27
C ASP B 386 -32.11 -34.01 1.89
N LYS B 387 -31.64 -33.54 3.03
CA LYS B 387 -32.21 -32.34 3.63
C LYS B 387 -31.87 -31.10 2.81
N TRP B 388 -30.60 -30.93 2.45
CA TRP B 388 -30.19 -29.70 1.79
C TRP B 388 -30.19 -29.81 0.28
N LYS B 389 -30.46 -31.00 -0.27
CA LYS B 389 -30.46 -31.22 -1.70
C LYS B 389 -29.11 -30.84 -2.30
N ALA B 390 -28.04 -31.35 -1.67
CA ALA B 390 -26.69 -31.14 -2.18
C ALA B 390 -26.58 -31.65 -3.61
N THR B 391 -25.93 -30.87 -4.48
CA THR B 391 -25.78 -31.26 -5.86
C THR B 391 -24.45 -31.96 -6.15
N GLN B 392 -23.44 -31.75 -5.31
CA GLN B 392 -22.15 -32.45 -5.42
C GLN B 392 -21.71 -32.81 -4.01
N LEU B 393 -21.03 -33.93 -3.91
CA LEU B 393 -20.43 -34.34 -2.64
C LEU B 393 -18.96 -34.65 -2.87
N TYR B 394 -18.11 -34.15 -1.98
CA TYR B 394 -16.66 -34.25 -2.11
C TYR B 394 -16.09 -34.73 -0.78
N THR B 395 -15.44 -35.88 -0.78
CA THR B 395 -14.92 -36.40 0.46
C THR B 395 -13.71 -37.29 0.16
N ALA B 396 -13.16 -37.93 1.22
CA ALA B 396 -11.93 -38.71 1.12
C ALA B 396 -12.23 -40.20 1.08
N PRO B 397 -11.38 -41.01 0.41
CA PRO B 397 -11.61 -42.46 0.43
C PRO B 397 -11.67 -43.04 1.83
N THR B 398 -11.02 -42.41 2.80
CA THR B 398 -11.09 -42.90 4.18
C THR B 398 -12.52 -42.84 4.71
N ALA B 399 -13.24 -41.76 4.38
CA ALA B 399 -14.63 -41.65 4.75
C ALA B 399 -15.47 -42.66 3.99
N ILE B 400 -15.20 -42.83 2.69
CA ILE B 400 -15.99 -43.77 1.88
C ILE B 400 -15.82 -45.19 2.41
N ARG B 401 -14.57 -45.59 2.69
CA ARG B 401 -14.35 -46.92 3.23
C ARG B 401 -14.98 -47.10 4.61
N LEU B 402 -15.02 -46.02 5.41
CA LEU B 402 -15.63 -46.12 6.73
C LEU B 402 -17.14 -46.32 6.62
N LEU B 403 -17.80 -45.56 5.74
CA LEU B 403 -19.23 -45.74 5.56
C LEU B 403 -19.53 -47.11 4.96
N ARG B 404 -18.69 -47.56 4.02
CA ARG B 404 -18.84 -48.91 3.46
C ARG B 404 -18.70 -49.96 4.55
N ARG B 405 -17.78 -49.71 5.49
CA ARG B 405 -17.57 -50.64 6.59
C ARG B 405 -18.84 -50.82 7.41
N MET B 406 -19.67 -49.79 7.50
CA MET B 406 -20.81 -49.83 8.41
C MET B 406 -22.06 -50.41 7.76
N GLY B 407 -22.03 -50.73 6.48
CA GLY B 407 -23.12 -51.47 5.87
C GLY B 407 -24.11 -50.57 5.14
N GLU B 408 -24.94 -51.21 4.34
CA GLU B 408 -25.76 -50.51 3.35
C GLU B 408 -27.09 -49.98 3.87
N ASP B 409 -27.53 -50.42 5.06
CA ASP B 409 -28.79 -49.90 5.61
C ASP B 409 -28.77 -48.39 5.77
N HIS B 410 -27.65 -47.85 6.24
CA HIS B 410 -27.55 -46.42 6.49
C HIS B 410 -27.64 -45.56 5.24
N VAL B 411 -27.70 -46.14 4.04
CA VAL B 411 -27.62 -45.35 2.81
C VAL B 411 -28.64 -45.79 1.76
N LYS B 412 -28.98 -47.10 1.77
CA LYS B 412 -29.78 -47.66 0.68
C LYS B 412 -31.16 -47.03 0.57
N ASN B 413 -31.69 -46.45 1.65
CA ASN B 413 -33.07 -45.99 1.68
C ASN B 413 -33.19 -44.47 1.66
N HIS B 414 -32.18 -43.80 1.12
CA HIS B 414 -32.26 -42.36 0.94
C HIS B 414 -32.61 -42.04 -0.51
N ASP B 415 -33.02 -40.80 -0.74
CA ASP B 415 -33.28 -40.33 -2.10
C ASP B 415 -31.95 -40.09 -2.81
N LEU B 416 -31.23 -39.06 -2.37
CA LEU B 416 -29.91 -38.66 -2.86
C LEU B 416 -29.92 -38.16 -4.29
N SER B 417 -31.08 -38.07 -4.94
CA SER B 417 -31.10 -37.74 -6.36
C SER B 417 -30.71 -36.29 -6.66
N SER B 418 -30.60 -35.43 -5.65
CA SER B 418 -30.12 -34.09 -5.94
C SER B 418 -28.66 -34.08 -6.37
N LEU B 419 -27.94 -35.18 -6.13
CA LEU B 419 -26.52 -35.28 -6.45
C LEU B 419 -26.30 -35.60 -7.92
N ARG B 420 -25.31 -34.96 -8.52
CA ARG B 420 -24.86 -35.27 -9.87
C ARG B 420 -23.41 -35.75 -9.95
N VAL B 421 -22.55 -35.30 -9.03
CA VAL B 421 -21.12 -35.62 -9.05
C VAL B 421 -20.69 -35.96 -7.63
N LEU B 422 -19.89 -37.02 -7.51
CA LEU B 422 -19.29 -37.43 -6.25
C LEU B 422 -17.78 -37.42 -6.44
N GLY B 423 -17.08 -36.82 -5.50
CA GLY B 423 -15.64 -36.66 -5.60
C GLY B 423 -14.92 -37.41 -4.50
N SER B 424 -13.76 -37.97 -4.84
CA SER B 424 -12.85 -38.57 -3.89
C SER B 424 -11.49 -37.86 -3.96
N VAL B 425 -10.92 -37.53 -2.80
CA VAL B 425 -9.66 -36.80 -2.72
C VAL B 425 -8.86 -37.29 -1.53
N GLY B 426 -7.53 -37.44 -1.73
CA GLY B 426 -6.63 -37.61 -0.61
C GLY B 426 -5.72 -38.82 -0.69
N GLU B 427 -6.11 -39.80 -1.49
CA GLU B 427 -5.40 -41.07 -1.56
C GLU B 427 -5.98 -41.84 -2.73
N PRO B 428 -5.34 -42.90 -3.21
CA PRO B 428 -6.01 -43.77 -4.18
C PRO B 428 -7.29 -44.32 -3.59
N ILE B 429 -8.33 -44.40 -4.43
CA ILE B 429 -9.58 -45.04 -4.04
C ILE B 429 -9.58 -46.43 -4.70
N ASN B 430 -9.51 -47.46 -3.86
CA ASN B 430 -9.57 -48.81 -4.39
C ASN B 430 -10.85 -48.99 -5.21
N PRO B 431 -10.78 -49.69 -6.34
CA PRO B 431 -12.00 -49.90 -7.16
C PRO B 431 -13.17 -50.46 -6.36
N GLU B 432 -12.92 -51.32 -5.37
CA GLU B 432 -14.00 -51.86 -4.54
C GLU B 432 -14.74 -50.74 -3.82
N ALA B 433 -14.02 -49.76 -3.26
CA ALA B 433 -14.67 -48.65 -2.61
C ALA B 433 -15.31 -47.71 -3.63
N TRP B 434 -14.63 -47.51 -4.77
CA TRP B 434 -15.18 -46.73 -5.88
C TRP B 434 -16.58 -47.23 -6.27
N HIS B 435 -16.71 -48.55 -6.47
CA HIS B 435 -18.00 -49.11 -6.83
C HIS B 435 -19.03 -48.92 -5.74
N TRP B 436 -18.62 -48.98 -4.47
CA TRP B 436 -19.55 -48.72 -3.38
C TRP B 436 -20.09 -47.30 -3.45
N TYR B 437 -19.19 -46.32 -3.55
CA TYR B 437 -19.55 -44.93 -3.77
C TYR B 437 -20.49 -44.78 -4.96
N ASN B 438 -20.13 -45.41 -6.08
CA ASN B 438 -20.90 -45.31 -7.31
C ASN B 438 -22.28 -45.96 -7.17
N ASP B 439 -22.33 -47.09 -6.47
CA ASP B 439 -23.58 -47.85 -6.35
C ASP B 439 -24.54 -47.22 -5.34
N PHE B 440 -24.04 -46.85 -4.18
CA PHE B 440 -24.97 -46.48 -3.11
C PHE B 440 -25.11 -44.98 -2.93
N ALA B 441 -24.02 -44.23 -2.95
CA ALA B 441 -24.13 -42.77 -2.91
C ALA B 441 -24.71 -42.23 -4.22
N GLY B 442 -24.17 -42.68 -5.35
CA GLY B 442 -24.64 -42.18 -6.63
C GLY B 442 -25.80 -42.91 -7.23
N LYS B 443 -26.15 -44.08 -6.69
CA LYS B 443 -27.20 -44.95 -7.25
C LYS B 443 -26.99 -45.18 -8.74
N ASN B 444 -25.73 -45.22 -9.16
CA ASN B 444 -25.31 -45.44 -10.55
C ASN B 444 -25.76 -44.32 -11.48
N GLN B 445 -26.00 -43.13 -10.93
CA GLN B 445 -26.48 -42.01 -11.71
C GLN B 445 -25.61 -40.76 -11.54
N CYS B 446 -24.59 -40.81 -10.69
CA CYS B 446 -23.64 -39.73 -10.59
C CYS B 446 -22.33 -40.11 -11.30
N ALA B 447 -21.68 -39.11 -11.86
CA ALA B 447 -20.28 -39.23 -12.24
C ALA B 447 -19.42 -39.17 -10.99
N ILE B 448 -18.35 -39.96 -10.97
CA ILE B 448 -17.40 -40.00 -9.86
C ILE B 448 -16.12 -39.33 -10.34
N VAL B 449 -15.70 -38.27 -9.65
CA VAL B 449 -14.45 -37.58 -10.00
C VAL B 449 -13.41 -37.92 -8.94
N ASP B 450 -12.46 -38.76 -9.33
CA ASP B 450 -11.31 -39.07 -8.53
C ASP B 450 -10.28 -37.97 -8.79
N THR B 451 -10.02 -37.12 -7.80
CA THR B 451 -9.25 -35.89 -8.00
C THR B 451 -7.91 -36.00 -7.30
N TYR B 452 -6.83 -35.97 -8.09
CA TYR B 452 -5.48 -36.02 -7.57
C TYR B 452 -4.91 -34.61 -7.52
N TRP B 453 -4.33 -34.25 -6.38
CA TRP B 453 -3.60 -32.99 -6.23
C TRP B 453 -2.89 -33.01 -4.88
N MET B 454 -2.22 -31.91 -4.56
CA MET B 454 -1.43 -31.78 -3.34
CA MET B 454 -1.48 -31.79 -3.31
C MET B 454 -1.65 -30.39 -2.74
N THR B 455 -1.31 -30.25 -1.46
CA THR B 455 -1.26 -28.92 -0.86
C THR B 455 -0.45 -27.99 -1.75
N GLU B 456 0.65 -28.51 -2.32
CA GLU B 456 1.59 -27.72 -3.10
C GLU B 456 1.08 -27.37 -4.50
N THR B 457 0.05 -28.06 -5.01
CA THR B 457 -0.49 -27.70 -6.31
C THR B 457 -1.60 -26.67 -6.23
N GLY B 458 -2.14 -26.42 -5.04
CA GLY B 458 -3.18 -25.41 -4.88
C GLY B 458 -4.56 -25.84 -5.32
N SER B 459 -4.65 -26.57 -6.43
CA SER B 459 -5.95 -26.97 -6.95
C SER B 459 -5.77 -28.29 -7.69
N ILE B 460 -6.91 -28.88 -8.05
CA ILE B 460 -6.96 -30.22 -8.60
C ILE B 460 -6.07 -30.34 -9.83
N SER B 461 -5.21 -31.36 -9.83
CA SER B 461 -4.20 -31.53 -10.87
C SER B 461 -4.64 -32.48 -11.98
N ILE B 462 -5.14 -33.65 -11.60
CA ILE B 462 -5.62 -34.66 -12.55
C ILE B 462 -6.97 -35.16 -12.05
N ALA B 463 -7.97 -35.17 -12.94
CA ALA B 463 -9.34 -35.51 -12.59
C ALA B 463 -10.16 -35.66 -13.86
N PRO B 464 -11.18 -36.51 -13.87
CA PRO B 464 -12.11 -36.51 -15.01
C PRO B 464 -12.98 -35.27 -15.00
N LEU B 465 -13.29 -34.76 -16.18
CA LEU B 465 -14.33 -33.75 -16.30
C LEU B 465 -15.66 -34.49 -16.44
N PRO B 466 -16.58 -34.37 -15.49
CA PRO B 466 -17.64 -35.38 -15.34
C PRO B 466 -18.61 -35.43 -16.50
N GLY B 467 -18.77 -34.35 -17.24
CA GLY B 467 -19.62 -34.40 -18.40
C GLY B 467 -18.94 -34.89 -19.64
N ALA B 468 -17.68 -35.26 -19.54
CA ALA B 468 -16.92 -35.58 -20.74
C ALA B 468 -16.23 -36.92 -20.66
N ILE B 469 -15.63 -37.25 -19.52
CA ILE B 469 -14.70 -38.37 -19.42
C ILE B 469 -15.44 -39.62 -18.95
N SER B 470 -15.20 -40.73 -19.63
CA SER B 470 -15.61 -42.04 -19.13
C SER B 470 -14.61 -42.52 -18.09
N THR B 471 -15.10 -42.90 -16.92
CA THR B 471 -14.22 -43.13 -15.79
C THR B 471 -13.82 -44.60 -15.68
N LYS B 472 -12.64 -44.82 -15.10
CA LYS B 472 -12.18 -46.14 -14.71
C LYS B 472 -12.03 -46.14 -13.19
N PRO B 473 -12.56 -47.14 -12.49
CA PRO B 473 -12.45 -47.16 -11.03
C PRO B 473 -10.99 -47.15 -10.62
N GLY B 474 -10.61 -46.14 -9.85
CA GLY B 474 -9.26 -46.00 -9.36
C GLY B 474 -8.35 -45.12 -10.18
N SER B 475 -8.84 -44.52 -11.26
CA SER B 475 -8.02 -43.70 -12.15
C SER B 475 -8.40 -42.23 -12.05
N ALA B 476 -7.41 -41.37 -11.87
CA ALA B 476 -7.68 -39.94 -11.88
C ALA B 476 -8.01 -39.43 -13.28
N THR B 477 -7.60 -40.19 -14.31
CA THR B 477 -7.86 -39.99 -15.74
C THR B 477 -6.93 -38.95 -16.36
N PHE B 478 -7.40 -37.72 -16.60
CA PHE B 478 -6.62 -36.80 -17.42
C PHE B 478 -6.31 -35.48 -16.71
N PRO B 479 -5.22 -34.80 -17.10
CA PRO B 479 -4.79 -33.61 -16.35
C PRO B 479 -5.72 -32.43 -16.53
N PHE B 480 -5.85 -31.63 -15.48
CA PHE B 480 -6.69 -30.45 -15.58
C PHE B 480 -6.05 -29.41 -16.48
N PHE B 481 -6.86 -28.43 -16.89
CA PHE B 481 -6.39 -27.28 -17.66
C PHE B 481 -5.12 -26.71 -17.06
N GLY B 482 -4.13 -26.45 -17.91
CA GLY B 482 -2.88 -25.91 -17.42
C GLY B 482 -1.91 -26.94 -16.90
N MET B 483 -2.32 -28.20 -16.75
CA MET B 483 -1.45 -29.24 -16.24
C MET B 483 -0.97 -30.12 -17.38
N ASP B 484 0.34 -30.18 -17.56
CA ASP B 484 0.96 -31.03 -18.57
C ASP B 484 1.91 -31.92 -17.80
N VAL B 485 1.52 -33.18 -17.59
CA VAL B 485 2.29 -34.06 -16.72
C VAL B 485 2.95 -35.13 -17.56
N ASP B 486 4.10 -35.61 -17.06
CA ASP B 486 4.80 -36.74 -17.67
C ASP B 486 5.15 -37.78 -16.62
N ILE B 487 5.62 -38.91 -17.13
CA ILE B 487 6.14 -40.01 -16.34
C ILE B 487 7.64 -40.07 -16.59
N ILE B 488 8.42 -40.08 -15.51
CA ILE B 488 9.86 -40.23 -15.61
C ILE B 488 10.26 -41.56 -14.99
N ASP B 489 11.12 -42.28 -15.69
CA ASP B 489 11.81 -43.45 -15.17
C ASP B 489 12.79 -43.00 -14.09
N PRO B 490 12.54 -43.28 -12.81
CA PRO B 490 13.43 -42.77 -11.76
C PRO B 490 14.83 -43.36 -11.78
N GLN B 491 15.06 -44.44 -12.53
CA GLN B 491 16.40 -44.97 -12.66
C GLN B 491 17.23 -44.16 -13.65
N THR B 492 16.62 -43.73 -14.77
CA THR B 492 17.36 -43.01 -15.80
C THR B 492 17.12 -41.52 -15.78
N GLY B 493 16.06 -41.05 -15.13
CA GLY B 493 15.74 -39.64 -15.16
C GLY B 493 15.13 -39.15 -16.46
N GLN B 494 14.78 -40.05 -17.38
CA GLN B 494 14.23 -39.68 -18.67
C GLN B 494 12.70 -39.76 -18.67
N VAL B 495 12.08 -38.78 -19.32
CA VAL B 495 10.66 -38.85 -19.62
C VAL B 495 10.38 -40.10 -20.45
N LEU B 496 9.42 -40.90 -19.99
CA LEU B 496 8.95 -42.03 -20.78
C LEU B 496 7.83 -41.55 -21.68
N GLU B 497 8.09 -41.49 -22.97
CA GLU B 497 7.10 -40.98 -23.91
C GLU B 497 6.04 -42.04 -24.22
N GLY B 498 4.80 -41.59 -24.36
CA GLY B 498 3.74 -42.44 -24.86
C GLY B 498 2.86 -43.03 -23.79
N ASN B 499 2.23 -44.14 -24.15
CA ASN B 499 1.26 -44.83 -23.30
C ASN B 499 1.82 -46.15 -22.83
N ASP B 500 1.18 -46.71 -21.81
CA ASP B 500 1.58 -47.99 -21.20
C ASP B 500 2.93 -47.86 -20.50
N VAL B 501 3.17 -46.71 -19.86
CA VAL B 501 4.42 -46.42 -19.16
C VAL B 501 4.15 -46.20 -17.68
N GLU B 502 5.17 -46.49 -16.87
CA GLU B 502 5.09 -46.44 -15.41
C GLU B 502 6.36 -45.81 -14.86
N GLY B 503 6.20 -44.98 -13.81
CA GLY B 503 7.32 -44.31 -13.17
C GLY B 503 6.86 -43.30 -12.14
N VAL B 504 7.53 -42.15 -12.04
CA VAL B 504 7.15 -41.10 -11.11
C VAL B 504 6.54 -39.93 -11.87
N LEU B 505 5.56 -39.29 -11.27
CA LEU B 505 4.82 -38.20 -11.91
C LEU B 505 5.57 -36.87 -11.79
N VAL B 506 5.64 -36.12 -12.90
CA VAL B 506 6.22 -34.78 -12.93
C VAL B 506 5.35 -33.88 -13.79
N ALA B 507 5.46 -32.58 -13.55
CA ALA B 507 4.79 -31.57 -14.36
C ALA B 507 5.80 -30.74 -15.13
N ARG B 508 5.50 -30.46 -16.40
CA ARG B 508 6.45 -29.85 -17.31
C ARG B 508 6.66 -28.36 -17.03
N ARG B 509 5.57 -27.63 -16.76
CA ARG B 509 5.57 -26.18 -16.70
C ARG B 509 4.78 -25.71 -15.48
N PRO B 510 5.08 -24.52 -14.96
CA PRO B 510 4.29 -23.98 -13.86
C PRO B 510 2.83 -23.81 -14.28
N TRP B 511 1.96 -23.86 -13.30
CA TRP B 511 0.54 -23.57 -13.46
C TRP B 511 0.15 -22.50 -12.46
N PRO B 512 -0.96 -21.79 -12.69
CA PRO B 512 -1.24 -20.58 -11.90
C PRO B 512 -1.33 -20.78 -10.39
N SER B 513 -1.79 -21.93 -9.89
CA SER B 513 -2.03 -22.07 -8.47
C SER B 513 -0.93 -22.85 -7.74
N ILE B 514 0.23 -23.07 -8.37
CA ILE B 514 1.30 -23.79 -7.70
C ILE B 514 1.77 -22.98 -6.48
N ALA B 515 2.08 -23.67 -5.39
CA ALA B 515 2.74 -23.02 -4.26
C ALA B 515 3.98 -22.25 -4.71
N ARG B 516 4.18 -21.05 -4.18
CA ARG B 516 5.28 -20.20 -4.60
C ARG B 516 6.54 -20.38 -3.76
N THR B 517 6.42 -20.83 -2.52
CA THR B 517 7.60 -21.07 -1.68
C THR B 517 7.18 -21.91 -0.48
N VAL B 518 8.16 -22.26 0.34
CA VAL B 518 7.93 -22.75 1.69
C VAL B 518 8.35 -21.62 2.62
N TYR B 519 7.45 -21.23 3.52
CA TYR B 519 7.57 -19.97 4.23
C TYR B 519 8.93 -19.84 4.93
N ARG B 520 9.68 -18.80 4.53
CA ARG B 520 11.03 -18.54 5.03
C ARG B 520 11.96 -19.74 4.84
N ASP B 521 11.65 -20.66 3.93
CA ASP B 521 12.56 -21.77 3.66
C ASP B 521 12.55 -22.10 2.17
N HIS B 522 12.93 -21.12 1.35
CA HIS B 522 12.85 -21.30 -0.10
C HIS B 522 13.78 -22.40 -0.56
N LYS B 523 14.90 -22.59 0.13
CA LYS B 523 15.80 -23.67 -0.24
C LYS B 523 15.11 -25.03 -0.10
N ARG B 524 14.35 -25.23 0.98
CA ARG B 524 13.61 -26.48 1.13
C ARG B 524 12.61 -26.64 0.01
N TYR B 525 11.94 -25.56 -0.38
CA TYR B 525 11.05 -25.58 -1.53
C TYR B 525 11.78 -26.08 -2.77
N LEU B 526 12.93 -25.49 -3.09
CA LEU B 526 13.63 -25.88 -4.31
C LEU B 526 14.11 -27.33 -4.22
N GLU B 527 14.74 -27.69 -3.09
CA GLU B 527 15.30 -29.04 -2.97
C GLU B 527 14.21 -30.11 -3.01
N THR B 528 13.01 -29.80 -2.53
CA THR B 528 12.00 -30.83 -2.42
C THR B 528 11.28 -31.06 -3.75
N TYR B 529 10.92 -29.98 -4.45
CA TYR B 529 10.08 -30.10 -5.64
C TYR B 529 10.83 -29.88 -6.95
N MET B 530 11.91 -29.08 -6.94
CA MET B 530 12.51 -28.62 -8.18
C MET B 530 13.87 -29.25 -8.49
N LYS B 531 14.61 -29.75 -7.49
CA LYS B 531 15.92 -30.38 -7.71
C LYS B 531 15.84 -31.83 -8.19
N PRO B 532 14.95 -32.68 -7.65
CA PRO B 532 14.99 -34.10 -8.06
C PRO B 532 15.01 -34.32 -9.57
N TYR B 533 14.18 -33.60 -10.34
CA TYR B 533 14.19 -33.73 -11.79
C TYR B 533 14.21 -32.33 -12.40
N PRO B 534 15.39 -31.76 -12.62
CA PRO B 534 15.50 -30.38 -13.08
C PRO B 534 14.69 -30.16 -14.34
N GLY B 535 14.01 -29.02 -14.40
CA GLY B 535 13.07 -28.74 -15.45
C GLY B 535 11.64 -29.12 -15.12
N TYR B 536 11.42 -29.88 -14.06
CA TYR B 536 10.09 -30.41 -13.74
C TYR B 536 9.73 -30.11 -12.30
N PHE B 537 8.44 -30.25 -12.00
CA PHE B 537 7.95 -30.29 -10.63
C PHE B 537 7.73 -31.75 -10.24
N PHE B 538 8.34 -32.15 -9.11
CA PHE B 538 8.27 -33.52 -8.61
C PHE B 538 7.15 -33.63 -7.57
N PHE B 539 6.10 -34.39 -7.88
CA PHE B 539 4.99 -34.55 -6.95
C PHE B 539 5.35 -35.45 -5.76
N GLY B 540 6.24 -36.42 -5.95
CA GLY B 540 6.50 -37.44 -4.95
C GLY B 540 5.60 -38.67 -5.03
N ASP B 541 4.82 -38.82 -6.09
CA ASP B 541 3.93 -39.95 -6.25
C ASP B 541 4.39 -40.84 -7.39
N GLY B 542 4.10 -42.15 -7.24
CA GLY B 542 4.24 -43.06 -8.35
C GLY B 542 3.01 -42.97 -9.25
N ALA B 543 3.25 -43.14 -10.56
CA ALA B 543 2.16 -42.99 -11.51
C ALA B 543 2.39 -43.87 -12.73
N ALA B 544 1.29 -44.21 -13.39
CA ALA B 544 1.31 -44.97 -14.62
C ALA B 544 0.29 -44.35 -15.57
N ARG B 545 0.64 -44.30 -16.85
CA ARG B 545 -0.29 -43.93 -17.91
C ARG B 545 -0.57 -45.19 -18.72
N ASP B 546 -1.83 -45.59 -18.80
CA ASP B 546 -2.14 -46.89 -19.41
C ASP B 546 -2.24 -46.76 -20.93
N TYR B 547 -2.59 -47.88 -21.58
CA TYR B 547 -2.67 -47.93 -23.04
CA TYR B 547 -2.66 -47.91 -23.04
C TYR B 547 -3.70 -46.93 -23.58
N ASP B 548 -4.72 -46.60 -22.80
CA ASP B 548 -5.75 -45.67 -23.23
C ASP B 548 -5.42 -44.22 -22.93
N GLY B 549 -4.26 -43.94 -22.32
CA GLY B 549 -3.90 -42.61 -21.90
C GLY B 549 -4.36 -42.20 -20.51
N TYR B 550 -5.00 -43.09 -19.76
CA TYR B 550 -5.49 -42.74 -18.43
C TYR B 550 -4.35 -42.75 -17.42
N MET B 551 -4.28 -41.72 -16.58
N MET B 551 -4.29 -41.73 -16.57
CA MET B 551 -3.30 -41.67 -15.51
CA MET B 551 -3.27 -41.69 -15.53
C MET B 551 -3.78 -42.46 -14.31
C MET B 551 -3.75 -42.44 -14.30
N TRP B 552 -2.89 -43.28 -13.75
CA TRP B 552 -3.14 -44.01 -12.52
C TRP B 552 -2.10 -43.59 -11.49
N ILE B 553 -2.55 -43.07 -10.35
CA ILE B 553 -1.69 -42.70 -9.24
C ILE B 553 -1.53 -43.90 -8.32
N LYS B 554 -0.29 -44.34 -8.09
CA LYS B 554 -0.01 -45.63 -7.48
C LYS B 554 0.22 -45.57 -5.97
N GLY B 555 0.55 -44.41 -5.43
CA GLY B 555 0.99 -44.32 -4.03
C GLY B 555 2.21 -43.43 -3.90
N ARG B 556 2.60 -43.09 -2.68
CA ARG B 556 3.79 -42.25 -2.50
C ARG B 556 5.01 -43.03 -2.96
N VAL B 557 5.99 -42.32 -3.54
CA VAL B 557 7.24 -42.96 -3.90
C VAL B 557 7.90 -43.58 -2.67
N ASP B 558 7.77 -42.92 -1.52
CA ASP B 558 8.32 -43.44 -0.26
C ASP B 558 7.66 -44.74 0.20
N ASP B 559 6.46 -45.05 -0.26
CA ASP B 559 5.77 -46.23 0.22
C ASP B 559 6.00 -47.44 -0.67
N VAL B 560 6.84 -47.33 -1.70
CA VAL B 560 7.06 -48.45 -2.60
C VAL B 560 7.79 -49.58 -1.88
N ILE B 561 7.40 -50.82 -2.17
CA ILE B 561 8.00 -52.02 -1.59
C ILE B 561 8.67 -52.81 -2.71
N ASN B 562 9.89 -53.28 -2.46
CA ASN B 562 10.67 -54.02 -3.45
C ASN B 562 10.89 -55.45 -2.97
N VAL B 563 10.29 -56.41 -3.67
CA VAL B 563 10.38 -57.81 -3.29
C VAL B 563 10.96 -58.60 -4.45
N SER B 564 12.16 -59.15 -4.25
CA SER B 564 12.80 -60.01 -5.24
C SER B 564 12.94 -59.31 -6.59
N GLY B 565 13.04 -57.97 -6.58
CA GLY B 565 13.15 -57.20 -7.81
C GLY B 565 11.87 -56.59 -8.31
N HIS B 566 10.71 -56.98 -7.77
CA HIS B 566 9.44 -56.42 -8.19
C HIS B 566 9.13 -55.19 -7.34
N ARG B 567 8.98 -54.04 -7.97
CA ARG B 567 8.55 -52.83 -7.27
C ARG B 567 7.03 -52.86 -7.13
N LEU B 568 6.54 -52.75 -5.91
CA LEU B 568 5.11 -52.78 -5.63
C LEU B 568 4.67 -51.43 -5.05
N SER B 569 3.58 -50.90 -5.57
CA SER B 569 2.95 -49.73 -4.97
C SER B 569 1.84 -50.15 -4.03
N THR B 570 1.49 -49.24 -3.11
CA THR B 570 0.57 -49.60 -2.04
C THR B 570 -0.85 -49.77 -2.56
N ALA B 571 -1.25 -48.95 -3.54
CA ALA B 571 -2.64 -48.99 -4.00
C ALA B 571 -2.97 -50.32 -4.66
N GLU B 572 -2.04 -50.93 -5.40
CA GLU B 572 -2.38 -52.18 -6.06
C GLU B 572 -2.55 -53.32 -5.05
N VAL B 573 -1.67 -53.42 -4.05
CA VAL B 573 -1.78 -54.50 -3.08
C VAL B 573 -2.99 -54.29 -2.19
N GLU B 574 -3.26 -53.04 -1.79
CA GLU B 574 -4.40 -52.80 -0.92
C GLU B 574 -5.71 -52.97 -1.68
N SER B 575 -5.74 -52.60 -2.96
CA SER B 575 -6.93 -52.85 -3.77
C SER B 575 -7.20 -54.34 -3.90
N ALA B 576 -6.14 -55.14 -3.98
CA ALA B 576 -6.32 -56.58 -4.07
C ALA B 576 -6.90 -57.16 -2.78
N LEU B 577 -6.46 -56.65 -1.63
CA LEU B 577 -6.91 -57.20 -0.34
C LEU B 577 -8.38 -56.93 -0.09
N ILE B 578 -8.85 -55.73 -0.47
CA ILE B 578 -10.23 -55.34 -0.22
C ILE B 578 -11.20 -56.03 -1.16
N LEU B 579 -10.70 -56.80 -2.13
CA LEU B 579 -11.58 -57.64 -2.94
C LEU B 579 -12.08 -58.85 -2.17
N HIS B 580 -11.37 -59.23 -1.10
CA HIS B 580 -11.84 -60.32 -0.25
C HIS B 580 -13.04 -59.88 0.57
N LYS B 581 -14.10 -60.70 0.56
CA LYS B 581 -15.29 -60.40 1.35
C LYS B 581 -14.89 -60.04 2.79
N GLY B 582 -15.62 -59.08 3.37
CA GLY B 582 -15.45 -58.72 4.76
C GLY B 582 -14.37 -57.72 5.05
N VAL B 583 -13.46 -57.49 4.11
CA VAL B 583 -12.37 -56.54 4.32
C VAL B 583 -12.91 -55.12 4.23
N ALA B 584 -12.59 -54.32 5.23
CA ALA B 584 -13.01 -52.92 5.28
C ALA B 584 -11.93 -51.96 4.77
N GLU B 585 -10.67 -52.21 5.11
CA GLU B 585 -9.57 -51.28 4.82
C GLU B 585 -8.25 -51.98 5.12
N THR B 586 -7.23 -51.70 4.31
CA THR B 586 -5.90 -52.26 4.55
C THR B 586 -4.81 -51.21 4.29
N ALA B 587 -3.64 -51.48 4.86
CA ALA B 587 -2.43 -50.74 4.54
C ALA B 587 -1.30 -51.76 4.44
N VAL B 588 -0.47 -51.65 3.42
CA VAL B 588 0.69 -52.51 3.29
C VAL B 588 1.95 -51.68 3.47
N VAL B 589 2.94 -52.28 4.13
CA VAL B 589 4.24 -51.67 4.33
C VAL B 589 5.32 -52.72 4.10
N GLY B 590 6.54 -52.25 3.89
CA GLY B 590 7.65 -53.11 3.60
C GLY B 590 8.44 -53.44 4.85
N CYS B 591 8.97 -54.66 4.89
CA CYS B 591 9.81 -55.14 5.98
C CYS B 591 11.04 -55.76 5.35
N ALA B 592 12.22 -55.37 5.84
CA ALA B 592 13.46 -55.89 5.30
C ALA B 592 13.50 -57.41 5.37
N ASP B 593 14.09 -58.04 4.35
CA ASP B 593 14.14 -59.49 4.31
C ASP B 593 15.45 -59.93 3.65
N ASP B 594 16.12 -60.89 4.29
CA ASP B 594 17.45 -61.29 3.82
C ASP B 594 17.41 -61.96 2.46
N LEU B 595 16.30 -62.57 2.06
CA LEU B 595 16.31 -63.33 0.82
C LEU B 595 15.58 -62.65 -0.32
N THR B 596 14.63 -61.76 -0.03
CA THR B 596 13.88 -61.05 -1.06
C THR B 596 14.12 -59.55 -1.04
N GLY B 597 15.03 -59.07 -0.19
CA GLY B 597 15.23 -57.64 -0.05
C GLY B 597 14.23 -57.03 0.92
N GLN B 598 12.98 -56.96 0.51
CA GLN B 598 11.87 -56.59 1.39
C GLN B 598 10.78 -57.65 1.31
N ALA B 599 9.86 -57.59 2.26
CA ALA B 599 8.65 -58.41 2.21
C ALA B 599 7.44 -57.55 2.55
N VAL B 600 6.31 -57.87 1.94
CA VAL B 600 5.07 -57.17 2.22
C VAL B 600 4.51 -57.66 3.55
N TYR B 601 4.18 -56.72 4.42
CA TYR B 601 3.36 -56.96 5.60
C TYR B 601 2.07 -56.15 5.46
N ALA B 602 0.94 -56.77 5.77
CA ALA B 602 -0.35 -56.11 5.65
C ALA B 602 -0.98 -55.89 7.01
N PHE B 603 -1.64 -54.74 7.18
CA PHE B 603 -2.53 -54.48 8.29
C PHE B 603 -3.95 -54.40 7.73
N VAL B 604 -4.84 -55.20 8.29
CA VAL B 604 -6.17 -55.42 7.72
C VAL B 604 -7.23 -55.14 8.78
N THR B 605 -8.29 -54.43 8.40
CA THR B 605 -9.47 -54.26 9.24
C THR B 605 -10.69 -54.84 8.54
N MET B 606 -11.58 -55.44 9.31
CA MET B 606 -12.74 -56.15 8.79
C MET B 606 -14.03 -55.43 9.17
N LYS B 607 -15.07 -55.65 8.37
CA LYS B 607 -16.40 -55.16 8.73
C LYS B 607 -16.81 -55.74 10.07
N PRO B 608 -17.68 -55.05 10.81
CA PRO B 608 -18.07 -55.53 12.15
C PRO B 608 -18.71 -56.91 12.15
N GLU B 609 -19.42 -57.30 11.09
CA GLU B 609 -20.19 -58.53 11.10
C GLU B 609 -19.44 -59.71 10.50
N PHE B 610 -18.15 -59.56 10.16
CA PHE B 610 -17.38 -60.72 9.74
C PHE B 610 -17.03 -61.56 10.95
N ASP B 611 -17.23 -62.87 10.84
CA ASP B 611 -17.10 -63.79 11.96
C ASP B 611 -15.65 -64.24 12.09
N LEU B 612 -15.00 -63.85 13.19
CA LEU B 612 -13.68 -64.37 13.54
C LEU B 612 -13.74 -65.76 14.14
N LYS B 613 -14.94 -66.26 14.46
CA LYS B 613 -15.11 -67.64 14.89
C LYS B 613 -15.36 -68.57 13.69
N ALA B 614 -16.24 -68.15 12.77
CA ALA B 614 -16.58 -68.99 11.63
C ALA B 614 -15.38 -69.19 10.70
N THR B 615 -14.67 -68.10 10.38
CA THR B 615 -13.43 -68.15 9.61
C THR B 615 -12.30 -67.72 10.54
N LYS B 616 -11.56 -68.71 11.08
CA LYS B 616 -10.47 -68.43 12.00
C LYS B 616 -9.50 -67.44 11.40
N GLU B 617 -8.81 -66.68 12.27
CA GLU B 617 -7.95 -65.60 11.79
C GLU B 617 -6.90 -66.11 10.81
N ALA B 618 -6.22 -67.22 11.16
CA ALA B 618 -5.18 -67.76 10.29
C ALA B 618 -5.74 -68.14 8.92
N ASP B 619 -6.94 -68.73 8.89
CA ASP B 619 -7.54 -69.10 7.62
C ASP B 619 -7.87 -67.88 6.77
N LEU B 620 -8.40 -66.83 7.40
CA LEU B 620 -8.65 -65.59 6.67
C LEU B 620 -7.34 -65.01 6.13
N SER B 621 -6.28 -65.05 6.94
CA SER B 621 -5.00 -64.49 6.50
C SER B 621 -4.43 -65.26 5.32
N LYS B 622 -4.54 -66.59 5.35
CA LYS B 622 -4.11 -67.38 4.20
C LYS B 622 -4.90 -67.00 2.96
N GLU B 623 -6.24 -66.95 3.09
CA GLU B 623 -7.08 -66.55 1.97
C GLU B 623 -6.68 -65.17 1.44
N LEU B 624 -6.39 -64.23 2.33
CA LEU B 624 -5.96 -62.91 1.89
C LEU B 624 -4.67 -63.00 1.09
N ALA B 625 -3.71 -63.77 1.57
CA ALA B 625 -2.45 -63.86 0.84
C ALA B 625 -2.63 -64.59 -0.49
N ILE B 626 -3.45 -65.65 -0.50
CA ILE B 626 -3.74 -66.34 -1.75
C ILE B 626 -4.34 -65.38 -2.77
N GLN B 627 -5.27 -64.54 -2.31
CA GLN B 627 -5.95 -63.61 -3.19
C GLN B 627 -4.97 -62.64 -3.82
N VAL B 628 -4.05 -62.10 -3.01
CA VAL B 628 -3.03 -61.21 -3.54
C VAL B 628 -2.16 -61.95 -4.54
N ARG B 629 -1.73 -63.16 -4.18
CA ARG B 629 -0.85 -63.93 -5.05
C ARG B 629 -1.49 -64.16 -6.41
N LYS B 630 -2.81 -64.40 -6.45
CA LYS B 630 -3.48 -64.66 -7.72
C LYS B 630 -3.64 -63.39 -8.56
N VAL B 631 -3.74 -62.24 -7.90
CA VAL B 631 -4.14 -61.01 -8.59
C VAL B 631 -2.91 -60.22 -9.02
N ILE B 632 -1.85 -60.28 -8.21
CA ILE B 632 -0.64 -59.53 -8.51
C ILE B 632 0.51 -60.49 -8.75
N GLY B 633 0.81 -61.34 -7.77
CA GLY B 633 1.89 -62.29 -7.91
C GLY B 633 2.33 -62.80 -6.55
N PRO B 634 3.07 -63.90 -6.52
CA PRO B 634 3.54 -64.39 -5.23
C PRO B 634 4.44 -63.39 -4.52
N PHE B 635 5.22 -62.60 -5.27
CA PHE B 635 6.11 -61.63 -4.65
C PHE B 635 5.35 -60.60 -3.82
N ALA B 636 4.10 -60.34 -4.18
CA ALA B 636 3.29 -59.37 -3.47
C ALA B 636 2.52 -59.95 -2.30
N ALA B 637 2.46 -61.27 -2.18
CA ALA B 637 1.64 -61.85 -1.13
C ALA B 637 2.21 -61.47 0.23
N PRO B 638 1.39 -60.92 1.14
CA PRO B 638 1.88 -60.64 2.49
C PRO B 638 2.57 -61.83 3.15
N LYS B 639 3.81 -61.59 3.56
CA LYS B 639 4.53 -62.54 4.40
C LYS B 639 3.84 -62.72 5.74
N LYS B 640 3.27 -61.64 6.27
CA LYS B 640 2.58 -61.66 7.54
C LYS B 640 1.46 -60.63 7.49
N ILE B 641 0.33 -60.96 8.09
CA ILE B 641 -0.85 -60.10 8.10
C ILE B 641 -1.23 -59.84 9.55
N TYR B 642 -1.54 -58.58 9.86
CA TYR B 642 -2.03 -58.19 11.18
C TYR B 642 -3.47 -57.72 11.06
N LEU B 643 -4.38 -58.36 11.80
CA LEU B 643 -5.76 -57.93 11.87
C LEU B 643 -5.90 -56.91 12.99
N VAL B 644 -6.34 -55.70 12.66
CA VAL B 644 -6.44 -54.63 13.64
C VAL B 644 -7.83 -54.02 13.57
N SER B 645 -8.20 -53.31 14.65
CA SER B 645 -9.53 -52.73 14.75
C SER B 645 -9.65 -51.47 13.92
N ASP B 646 -8.57 -50.71 13.75
CA ASP B 646 -8.55 -49.58 12.83
C ASP B 646 -7.11 -49.32 12.41
N LEU B 647 -6.91 -48.28 11.61
CA LEU B 647 -5.61 -47.88 11.12
C LEU B 647 -5.33 -46.43 11.49
N PRO B 648 -4.07 -46.06 11.70
CA PRO B 648 -3.75 -44.65 11.99
C PRO B 648 -3.94 -43.79 10.75
N LYS B 649 -4.89 -42.86 10.84
CA LYS B 649 -5.28 -41.97 9.77
C LYS B 649 -5.35 -40.54 10.28
N THR B 650 -5.40 -39.60 9.36
CA THR B 650 -5.41 -38.16 9.64
C THR B 650 -6.66 -37.53 9.06
N ARG B 651 -6.86 -36.24 9.36
CA ARG B 651 -7.93 -35.45 8.77
C ARG B 651 -7.53 -34.86 7.42
N SER B 652 -6.49 -35.41 6.79
CA SER B 652 -6.07 -35.07 5.44
C SER B 652 -6.26 -36.25 4.51
N GLY B 653 -7.27 -37.08 4.79
CA GLY B 653 -7.52 -38.28 4.02
C GLY B 653 -6.25 -39.08 3.74
N LYS B 654 -5.55 -39.52 4.79
CA LYS B 654 -4.26 -40.18 4.65
C LYS B 654 -4.09 -41.27 5.69
N ILE B 655 -3.78 -42.49 5.24
CA ILE B 655 -3.34 -43.56 6.13
C ILE B 655 -1.84 -43.41 6.35
N MET B 656 -1.42 -43.47 7.62
CA MET B 656 -0.03 -43.18 7.98
C MET B 656 0.82 -44.45 7.89
N ARG B 657 1.20 -44.80 6.66
CA ARG B 657 1.97 -46.01 6.42
C ARG B 657 3.39 -45.91 6.97
N ARG B 658 3.94 -44.69 7.06
CA ARG B 658 5.26 -44.54 7.66
C ARG B 658 5.26 -44.97 9.12
N VAL B 659 4.18 -44.67 9.86
CA VAL B 659 4.07 -45.12 11.24
C VAL B 659 4.05 -46.64 11.30
N LEU B 660 3.26 -47.27 10.44
CA LEU B 660 3.19 -48.72 10.41
C LEU B 660 4.54 -49.33 10.01
N ARG B 661 5.22 -48.71 9.04
CA ARG B 661 6.49 -49.25 8.54
C ARG B 661 7.56 -49.25 9.62
N LYS B 662 7.66 -48.15 10.39
CA LYS B 662 8.66 -48.08 11.46
C LYS B 662 8.30 -49.01 12.63
N ILE B 663 7.00 -49.23 12.88
CA ILE B 663 6.63 -50.15 13.95
C ILE B 663 7.02 -51.57 13.57
N VAL B 664 6.86 -51.94 12.28
CA VAL B 664 7.28 -53.25 11.83
C VAL B 664 8.79 -53.38 11.88
N ALA B 665 9.51 -52.28 11.68
CA ALA B 665 10.97 -52.27 11.71
C ALA B 665 11.53 -52.14 13.12
N GLY B 666 10.68 -52.21 14.13
CA GLY B 666 11.14 -52.13 15.51
C GLY B 666 11.54 -50.74 15.95
N GLU B 667 10.83 -49.72 15.47
CA GLU B 667 11.11 -48.33 15.83
C GLU B 667 9.86 -47.67 16.40
N GLY B 668 9.20 -48.36 17.34
CA GLY B 668 8.02 -47.81 17.98
C GLY B 668 8.31 -46.60 18.84
N ASP B 669 9.57 -46.37 19.19
CA ASP B 669 9.95 -45.22 19.99
C ASP B 669 10.28 -43.98 19.16
N GLN B 670 10.40 -44.11 17.84
CA GLN B 670 10.79 -43.00 16.97
C GLN B 670 9.65 -42.49 16.10
N LEU B 671 8.40 -42.64 16.56
CA LEU B 671 7.26 -42.19 15.78
C LEU B 671 6.92 -40.72 16.00
N GLY B 672 7.15 -40.19 17.19
CA GLY B 672 6.99 -38.77 17.44
C GLY B 672 5.59 -38.31 17.79
N ASP B 673 5.18 -37.18 17.22
CA ASP B 673 3.89 -36.58 17.52
C ASP B 673 2.81 -37.19 16.64
N LEU B 674 1.69 -37.59 17.25
CA LEU B 674 0.63 -38.29 16.56
C LEU B 674 -0.74 -37.60 16.70
N SER B 675 -0.75 -36.29 16.99
CA SER B 675 -2.01 -35.57 17.10
C SER B 675 -2.70 -35.36 15.75
N SER B 676 -2.02 -35.63 14.65
CA SER B 676 -2.70 -35.69 13.35
C SER B 676 -3.46 -37.00 13.18
N ILE B 677 -3.07 -38.05 13.91
CA ILE B 677 -3.85 -39.29 13.91
C ILE B 677 -5.19 -39.02 14.60
N ALA B 678 -6.28 -39.39 13.93
CA ALA B 678 -7.62 -39.07 14.41
C ALA B 678 -7.86 -39.61 15.82
N ASP B 679 -7.52 -40.88 16.05
CA ASP B 679 -7.55 -41.50 17.38
C ASP B 679 -6.19 -42.13 17.63
N PRO B 680 -5.25 -41.40 18.24
CA PRO B 680 -3.89 -41.94 18.42
C PRO B 680 -3.84 -43.19 19.27
N GLN B 681 -4.95 -43.55 19.94
CA GLN B 681 -5.01 -44.80 20.68
C GLN B 681 -4.75 -45.99 19.77
N ILE B 682 -5.06 -45.87 18.47
CA ILE B 682 -4.87 -46.94 17.51
C ILE B 682 -3.39 -47.31 17.35
N VAL B 683 -2.47 -46.39 17.69
CA VAL B 683 -1.06 -46.69 17.52
C VAL B 683 -0.58 -47.68 18.56
N GLU B 684 -1.03 -47.53 19.81
CA GLU B 684 -0.66 -48.50 20.84
C GLU B 684 -1.22 -49.88 20.52
N GLU B 685 -2.42 -49.95 19.95
CA GLU B 685 -2.96 -51.24 19.55
C GLU B 685 -2.07 -51.93 18.52
N VAL B 686 -1.60 -51.17 17.53
CA VAL B 686 -0.77 -51.75 16.48
C VAL B 686 0.57 -52.20 17.05
N LYS B 687 1.17 -51.38 17.92
CA LYS B 687 2.41 -51.78 18.58
C LYS B 687 2.23 -53.10 19.34
N GLN B 688 1.11 -53.25 20.05
CA GLN B 688 0.87 -54.48 20.80
C GLN B 688 0.66 -55.65 19.87
N LYS B 689 -0.07 -55.45 18.77
CA LYS B 689 -0.36 -56.54 17.85
C LYS B 689 0.89 -57.06 17.17
N VAL B 690 1.85 -56.18 16.90
CA VAL B 690 3.06 -56.58 16.18
C VAL B 690 4.02 -57.34 17.08
N THR B 691 4.00 -57.07 18.40
CA THR B 691 4.93 -57.67 19.34
C THR B 691 4.33 -58.85 20.12
N ASP C 39 -48.40 33.86 3.87
CA ASP C 39 -47.03 34.22 4.23
C ASP C 39 -46.03 33.33 3.49
N LEU C 40 -45.92 33.54 2.18
CA LEU C 40 -45.14 32.70 1.28
C LEU C 40 -44.28 33.59 0.38
N PHE C 41 -43.03 33.19 0.15
CA PHE C 41 -42.04 34.03 -0.53
C PHE C 41 -41.44 33.30 -1.73
N ALA C 42 -41.94 33.63 -2.92
CA ALA C 42 -41.38 33.10 -4.15
C ALA C 42 -39.94 33.59 -4.31
N PRO C 43 -39.09 32.81 -4.98
CA PRO C 43 -37.68 33.21 -5.16
C PRO C 43 -37.58 34.61 -5.71
N PRO C 44 -36.78 35.47 -5.09
CA PRO C 44 -36.68 36.88 -5.52
C PRO C 44 -35.86 37.01 -6.79
N PRO C 45 -35.88 38.19 -7.43
CA PRO C 45 -35.18 38.35 -8.72
C PRO C 45 -33.68 38.06 -8.67
N ARG C 46 -33.03 38.12 -7.51
CA ARG C 46 -31.63 37.70 -7.48
C ARG C 46 -31.51 36.20 -7.75
N MET C 47 -32.56 35.43 -7.45
CA MET C 47 -32.59 34.00 -7.70
C MET C 47 -33.34 33.63 -8.98
N GLN C 48 -33.64 34.62 -9.83
CA GLN C 48 -34.24 34.38 -11.14
C GLN C 48 -33.27 34.69 -12.28
N GLY C 49 -31.97 34.75 -12.00
CA GLY C 49 -31.02 35.04 -13.06
C GLY C 49 -31.07 36.45 -13.61
N LYS C 50 -31.89 37.33 -13.04
CA LYS C 50 -32.00 38.71 -13.48
C LYS C 50 -30.91 39.57 -12.84
N GLU C 51 -30.82 40.81 -13.30
CA GLU C 51 -29.90 41.81 -12.73
C GLU C 51 -28.47 41.28 -12.71
N GLY C 52 -28.07 40.60 -13.78
CA GLY C 52 -26.72 40.08 -13.92
C GLY C 52 -26.37 38.87 -13.07
N ARG C 53 -27.31 38.34 -12.28
CA ARG C 53 -27.00 37.22 -11.39
C ARG C 53 -27.05 35.89 -12.13
N PRO C 54 -26.30 34.90 -11.67
CA PRO C 54 -26.33 33.59 -12.34
C PRO C 54 -27.66 32.89 -12.14
N LYS C 55 -28.15 32.25 -13.20
CA LYS C 55 -29.42 31.57 -13.12
C LYS C 55 -29.33 30.41 -12.13
N PRO C 56 -30.43 30.07 -11.46
CA PRO C 56 -30.39 28.95 -10.51
C PRO C 56 -30.13 27.63 -11.20
N HIS C 57 -29.42 26.73 -10.48
CA HIS C 57 -29.22 25.38 -10.98
C HIS C 57 -30.52 24.61 -11.07
N ILE C 58 -31.50 24.92 -10.22
CA ILE C 58 -32.82 24.29 -10.23
C ILE C 58 -33.87 25.39 -10.16
N GLY C 59 -34.74 25.45 -11.14
CA GLY C 59 -35.75 26.48 -11.19
C GLY C 59 -36.74 26.22 -12.31
N PRO C 60 -37.82 27.02 -12.37
CA PRO C 60 -38.03 28.15 -11.48
C PRO C 60 -39.02 27.93 -10.34
N ASN C 61 -39.47 26.69 -10.11
CA ASN C 61 -40.61 26.48 -9.22
C ASN C 61 -40.50 25.13 -8.53
N TYR C 62 -41.56 24.78 -7.79
CA TYR C 62 -41.57 23.55 -7.01
C TYR C 62 -41.45 22.32 -7.92
N GLU C 63 -42.21 22.30 -9.01
CA GLU C 63 -42.19 21.16 -9.92
C GLU C 63 -40.78 20.89 -10.45
N SER C 64 -40.03 21.95 -10.76
CA SER C 64 -38.67 21.73 -11.23
C SER C 64 -37.77 21.17 -10.14
N TYR C 65 -38.10 21.40 -8.87
CA TYR C 65 -37.36 20.72 -7.80
C TYR C 65 -37.75 19.24 -7.74
N VAL C 66 -39.06 18.96 -7.77
CA VAL C 66 -39.56 17.59 -7.70
C VAL C 66 -39.01 16.76 -8.85
N LYS C 67 -38.99 17.32 -10.06
CA LYS C 67 -38.52 16.56 -11.22
C LYS C 67 -37.10 16.06 -11.02
N GLU C 68 -36.21 16.90 -10.51
CA GLU C 68 -34.84 16.48 -10.28
C GLU C 68 -34.73 15.57 -9.06
N TRP C 69 -35.46 15.90 -7.98
CA TRP C 69 -35.41 15.08 -6.77
C TRP C 69 -35.85 13.65 -7.05
N ALA C 70 -36.85 13.48 -7.92
CA ALA C 70 -37.34 12.14 -8.25
C ALA C 70 -36.24 11.24 -8.81
N LYS C 71 -35.17 11.83 -9.37
CA LYS C 71 -34.05 11.06 -9.91
C LYS C 71 -33.10 10.55 -8.82
N THR C 72 -33.24 11.02 -7.59
CA THR C 72 -32.28 10.78 -6.53
C THR C 72 -32.80 9.86 -5.43
N VAL C 73 -34.04 9.41 -5.53
CA VAL C 73 -34.62 8.50 -4.55
C VAL C 73 -35.42 7.46 -5.32
N GLY C 74 -35.53 6.27 -4.75
CA GLY C 74 -36.31 5.25 -5.38
C GLY C 74 -35.43 4.29 -6.16
N PRO C 75 -36.06 3.25 -6.71
CA PRO C 75 -35.30 2.11 -7.25
C PRO C 75 -34.51 2.42 -8.53
N ASN C 76 -34.71 3.58 -9.15
CA ASN C 76 -33.93 3.98 -10.32
C ASN C 76 -33.04 5.18 -10.05
N SER C 77 -32.64 5.40 -8.81
CA SER C 77 -31.81 6.57 -8.51
C SER C 77 -30.31 6.31 -8.65
N ASP C 78 -29.87 5.06 -8.90
CA ASP C 78 -28.44 4.80 -9.03
C ASP C 78 -27.82 5.63 -10.15
N GLU C 79 -28.52 5.73 -11.27
CA GLU C 79 -27.99 6.40 -12.45
C GLU C 79 -27.59 7.84 -12.12
N TRP C 80 -28.50 8.60 -11.50
CA TRP C 80 -28.19 9.96 -11.11
C TRP C 80 -27.03 10.02 -10.13
N TRP C 81 -27.00 9.11 -9.15
CA TRP C 81 -25.95 9.18 -8.13
C TRP C 81 -24.60 8.77 -8.69
N ALA C 82 -24.56 7.79 -9.60
CA ALA C 82 -23.31 7.43 -10.24
C ALA C 82 -22.75 8.60 -11.03
N ALA C 83 -23.61 9.26 -11.81
CA ALA C 83 -23.14 10.37 -12.63
C ALA C 83 -22.68 11.55 -11.79
N LYS C 84 -23.44 11.91 -10.76
CA LYS C 84 -23.06 13.03 -9.89
C LYS C 84 -21.73 12.74 -9.21
N ALA C 85 -21.52 11.50 -8.79
CA ALA C 85 -20.26 11.14 -8.13
C ALA C 85 -19.08 11.31 -9.08
N ARG C 86 -19.23 10.88 -10.33
CA ARG C 86 -18.14 10.96 -11.27
C ARG C 86 -17.91 12.39 -11.77
N GLU C 87 -18.95 13.23 -11.76
CA GLU C 87 -18.85 14.60 -12.21
C GLU C 87 -18.35 15.54 -11.12
N THR C 88 -18.65 15.26 -9.87
CA THR C 88 -18.38 16.17 -8.77
C THR C 88 -16.99 15.99 -8.17
N LEU C 89 -16.47 14.78 -8.19
CA LEU C 89 -15.22 14.44 -7.54
C LEU C 89 -14.22 13.89 -8.55
N ASP C 90 -12.94 14.12 -8.26
CA ASP C 90 -11.85 13.49 -8.99
C ASP C 90 -11.49 12.17 -8.31
N TRP C 91 -11.57 11.07 -9.05
CA TRP C 91 -11.28 9.73 -8.54
C TRP C 91 -9.92 9.23 -9.04
N TYR C 92 -9.22 8.48 -8.17
CA TYR C 92 -8.03 7.74 -8.60
C TYR C 92 -8.43 6.43 -9.27
N ASP C 93 -9.35 5.68 -8.67
CA ASP C 93 -9.98 4.52 -9.29
C ASP C 93 -11.49 4.74 -9.33
N ASP C 94 -12.11 4.38 -10.47
CA ASP C 94 -13.56 4.43 -10.58
C ASP C 94 -14.19 3.40 -9.65
N PHE C 95 -15.42 3.66 -9.22
CA PHE C 95 -16.23 2.69 -8.50
C PHE C 95 -17.04 1.88 -9.50
N LYS C 96 -17.42 0.67 -9.09
CA LYS C 96 -18.29 -0.21 -9.85
C LYS C 96 -19.70 -0.23 -9.30
N THR C 97 -19.83 -0.36 -7.98
CA THR C 97 -21.11 -0.44 -7.30
C THR C 97 -21.48 0.93 -6.76
N VAL C 98 -22.75 1.31 -6.93
CA VAL C 98 -23.18 2.62 -6.45
C VAL C 98 -23.38 2.60 -4.94
N ARG C 99 -24.24 1.70 -4.45
CA ARG C 99 -24.59 1.66 -3.04
C ARG C 99 -24.83 0.22 -2.63
N ALA C 100 -24.69 -0.05 -1.33
CA ALA C 100 -25.09 -1.31 -0.75
C ALA C 100 -25.21 -1.12 0.75
N GLY C 101 -25.66 -2.18 1.44
CA GLY C 101 -25.80 -2.13 2.87
C GLY C 101 -27.06 -1.42 3.31
N GLY C 102 -27.20 -1.27 4.62
CA GLY C 102 -28.41 -0.68 5.16
C GLY C 102 -28.27 -0.32 6.63
N PHE C 103 -29.38 0.18 7.17
CA PHE C 103 -29.47 0.61 8.56
C PHE C 103 -29.30 -0.54 9.54
N GLU C 104 -30.00 -1.66 9.28
CA GLU C 104 -30.17 -2.73 10.27
C GLU C 104 -28.86 -3.14 10.94
N HIS C 105 -27.80 -3.30 10.16
CA HIS C 105 -26.52 -3.76 10.66
C HIS C 105 -25.43 -2.69 10.61
N GLY C 106 -25.72 -1.52 10.07
CA GLY C 106 -24.72 -0.46 9.96
C GLY C 106 -23.58 -0.88 9.05
N ASP C 107 -23.92 -1.25 7.81
CA ASP C 107 -22.92 -1.56 6.80
C ASP C 107 -23.12 -0.72 5.55
N VAL C 108 -23.59 0.52 5.72
CA VAL C 108 -23.85 1.39 4.58
C VAL C 108 -22.59 1.57 3.75
N GLN C 109 -22.73 1.42 2.43
CA GLN C 109 -21.62 1.52 1.49
C GLN C 109 -22.03 2.39 0.32
N TRP C 110 -21.13 3.27 -0.11
CA TRP C 110 -21.37 4.07 -1.30
C TRP C 110 -20.08 4.10 -2.11
N PHE C 111 -20.21 3.86 -3.42
CA PHE C 111 -19.07 3.81 -4.32
C PHE C 111 -17.92 2.96 -3.78
N PRO C 112 -18.20 1.76 -3.27
CA PRO C 112 -17.18 1.06 -2.45
C PRO C 112 -15.86 0.78 -3.16
N GLU C 113 -15.87 0.44 -4.45
CA GLU C 113 -14.59 0.10 -5.07
C GLU C 113 -13.79 1.32 -5.49
N GLY C 114 -14.34 2.52 -5.41
CA GLY C 114 -13.61 3.70 -5.84
C GLY C 114 -12.55 4.13 -4.85
N THR C 115 -11.56 4.87 -5.35
CA THR C 115 -10.54 5.47 -4.50
C THR C 115 -10.38 6.94 -4.86
N LEU C 116 -9.95 7.73 -3.87
CA LEU C 116 -9.89 9.17 -3.99
C LEU C 116 -9.13 9.72 -2.79
N ASN C 117 -9.00 11.03 -2.74
CA ASN C 117 -8.44 11.68 -1.56
C ASN C 117 -9.14 13.01 -1.39
N ALA C 118 -9.55 13.32 -0.15
CA ALA C 118 -10.32 14.53 0.11
C ALA C 118 -9.47 15.78 -0.10
N ALA C 119 -8.22 15.74 0.36
CA ALA C 119 -7.32 16.86 0.11
C ALA C 119 -7.11 17.08 -1.39
N TYR C 120 -6.96 16.01 -2.17
CA TYR C 120 -6.82 16.20 -3.61
C TYR C 120 -8.02 16.93 -4.18
N ASN C 121 -9.23 16.58 -3.73
CA ASN C 121 -10.45 17.17 -4.24
C ASN C 121 -10.72 18.55 -3.67
N CYS C 122 -10.18 18.87 -2.50
CA CYS C 122 -10.39 20.17 -1.91
C CYS C 122 -9.29 21.17 -2.23
N LEU C 123 -8.11 20.68 -2.65
CA LEU C 123 -6.97 21.56 -2.87
C LEU C 123 -6.32 21.33 -4.23
N ASP C 124 -5.60 20.20 -4.36
CA ASP C 124 -4.76 19.94 -5.53
C ASP C 124 -5.41 20.32 -6.85
N ARG C 125 -6.58 19.73 -7.13
CA ARG C 125 -7.22 19.89 -8.44
C ARG C 125 -7.60 21.33 -8.69
N HIS C 126 -7.95 22.07 -7.65
CA HIS C 126 -8.25 23.48 -7.85
C HIS C 126 -6.95 24.27 -8.00
N TYR C 127 -5.93 23.89 -7.23
CA TYR C 127 -4.62 24.53 -7.36
C TYR C 127 -4.06 24.37 -8.78
N TYR C 128 -4.26 23.19 -9.40
CA TYR C 128 -3.73 22.98 -10.75
C TYR C 128 -4.41 23.88 -11.78
N LYS C 129 -5.67 24.29 -11.55
CA LYS C 129 -6.38 25.11 -12.54
C LYS C 129 -6.29 26.60 -12.26
N ASN C 130 -6.24 27.02 -11.00
CA ASN C 130 -6.21 28.44 -10.64
CA ASN C 130 -6.25 28.43 -10.63
C ASN C 130 -5.51 28.58 -9.32
N PRO C 131 -4.17 28.54 -9.33
CA PRO C 131 -3.42 28.58 -8.08
C PRO C 131 -3.62 29.85 -7.28
N LYS C 132 -3.80 31.00 -7.93
CA LYS C 132 -3.88 32.26 -7.21
C LYS C 132 -5.28 32.58 -6.71
N LYS C 133 -6.28 31.79 -7.08
CA LYS C 133 -7.64 32.03 -6.60
C LYS C 133 -7.68 31.94 -5.09
N THR C 134 -8.43 32.84 -4.47
CA THR C 134 -8.56 32.83 -3.00
C THR C 134 -9.33 31.59 -2.56
N ALA C 135 -8.67 30.73 -1.78
CA ALA C 135 -9.38 29.62 -1.18
C ALA C 135 -10.12 30.05 0.08
N ILE C 136 -9.46 30.81 0.95
CA ILE C 136 -10.01 31.20 2.23
C ILE C 136 -9.85 32.70 2.39
N ILE C 137 -10.97 33.37 2.66
CA ILE C 137 -10.98 34.71 3.23
C ILE C 137 -10.80 34.54 4.74
N TYR C 138 -9.60 34.81 5.25
CA TYR C 138 -9.35 34.73 6.68
C TYR C 138 -9.71 36.08 7.28
N GLU C 139 -10.87 36.15 7.92
CA GLU C 139 -11.30 37.36 8.60
C GLU C 139 -10.84 37.24 10.04
N ALA C 140 -9.73 37.89 10.37
CA ALA C 140 -9.13 37.75 11.67
C ALA C 140 -9.97 38.48 12.73
N ASP C 141 -9.71 38.15 14.00
CA ASP C 141 -10.42 38.81 15.09
C ASP C 141 -10.34 40.32 14.95
N GLU C 142 -9.15 40.83 14.65
CA GLU C 142 -8.96 42.24 14.33
C GLU C 142 -9.19 42.43 12.84
N PRO C 143 -10.18 43.23 12.41
CA PRO C 143 -10.52 43.29 10.98
C PRO C 143 -9.34 43.60 10.08
N SER C 144 -8.50 44.55 10.47
CA SER C 144 -7.40 44.97 9.59
C SER C 144 -6.30 43.92 9.46
N GLU C 145 -6.33 42.82 10.23
CA GLU C 145 -5.38 41.74 10.06
C GLU C 145 -5.87 40.66 9.11
N SER C 146 -7.05 40.82 8.54
CA SER C 146 -7.57 39.84 7.60
C SER C 146 -6.73 39.83 6.33
N ARG C 147 -6.79 38.72 5.60
CA ARG C 147 -6.09 38.60 4.34
C ARG C 147 -6.65 37.39 3.60
N GLU C 148 -6.39 37.33 2.29
CA GLU C 148 -6.84 36.23 1.47
C GLU C 148 -5.75 35.19 1.37
N VAL C 149 -6.12 33.91 1.45
CA VAL C 149 -5.19 32.80 1.39
C VAL C 149 -5.52 32.02 0.12
N SER C 150 -4.61 32.09 -0.84
CA SER C 150 -4.80 31.44 -2.13
C SER C 150 -4.81 29.91 -2.00
N TYR C 151 -5.38 29.26 -3.02
CA TYR C 151 -5.35 27.80 -3.08
C TYR C 151 -3.91 27.30 -3.05
N GLU C 152 -2.99 28.02 -3.71
CA GLU C 152 -1.58 27.65 -3.67
C GLU C 152 -1.05 27.69 -2.24
N GLU C 153 -1.27 28.80 -1.53
CA GLU C 153 -0.72 28.91 -0.19
C GLU C 153 -1.33 27.89 0.76
N LEU C 154 -2.65 27.67 0.65
CA LEU C 154 -3.29 26.67 1.49
C LEU C 154 -2.78 25.26 1.15
N MET C 155 -2.58 24.96 -0.13
CA MET C 155 -2.07 23.64 -0.46
C MET C 155 -0.65 23.44 0.05
N GLN C 156 0.20 24.47 -0.07
CA GLN C 156 1.57 24.35 0.40
C GLN C 156 1.60 24.14 1.91
N GLU C 157 0.82 24.94 2.65
CA GLU C 157 0.77 24.75 4.09
C GLU C 157 0.25 23.37 4.46
N THR C 158 -0.77 22.89 3.75
CA THR C 158 -1.33 21.57 4.03
C THR C 158 -0.29 20.48 3.78
N CYS C 159 0.46 20.59 2.69
CA CYS C 159 1.47 19.59 2.41
C CYS C 159 2.59 19.63 3.45
N ARG C 160 3.00 20.82 3.87
CA ARG C 160 4.02 20.91 4.91
C ARG C 160 3.58 20.18 6.17
N VAL C 161 2.37 20.48 6.64
CA VAL C 161 1.84 19.80 7.82
C VAL C 161 1.74 18.29 7.58
N ALA C 162 1.23 17.89 6.41
CA ALA C 162 1.16 16.45 6.12
C ALA C 162 2.54 15.81 6.24
N ASN C 163 3.58 16.50 5.72
CA ASN C 163 4.92 15.97 5.84
C ASN C 163 5.39 15.91 7.29
N VAL C 164 5.03 16.93 8.09
CA VAL C 164 5.39 16.87 9.50
C VAL C 164 4.69 15.67 10.16
N LEU C 165 3.40 15.47 9.87
CA LEU C 165 2.69 14.34 10.45
C LEU C 165 3.36 13.01 10.08
N LYS C 166 3.79 12.88 8.82
CA LYS C 166 4.46 11.65 8.42
C LYS C 166 5.78 11.47 9.15
N SER C 167 6.51 12.55 9.40
CA SER C 167 7.75 12.41 10.14
C SER C 167 7.51 11.95 11.57
N TYR C 168 6.29 12.13 12.09
CA TYR C 168 5.94 11.63 13.42
C TYR C 168 5.48 10.19 13.39
N GLY C 169 5.43 9.57 12.21
CA GLY C 169 4.96 8.21 12.06
C GLY C 169 3.46 8.04 11.98
N VAL C 170 2.71 9.13 11.78
CA VAL C 170 1.27 9.01 11.55
C VAL C 170 1.04 8.25 10.25
N LYS C 171 0.21 7.21 10.33
CA LYS C 171 -0.06 6.31 9.23
C LYS C 171 -1.53 6.36 8.86
N LYS C 172 -1.83 5.90 7.65
CA LYS C 172 -3.22 5.72 7.21
C LYS C 172 -4.02 5.04 8.31
N GLY C 173 -5.12 5.68 8.73
CA GLY C 173 -5.99 5.12 9.74
C GLY C 173 -5.70 5.56 11.16
N ASP C 174 -4.63 6.32 11.39
CA ASP C 174 -4.37 6.86 12.72
C ASP C 174 -5.28 8.05 13.02
N ALA C 175 -5.75 8.13 14.26
CA ALA C 175 -6.47 9.31 14.73
C ALA C 175 -5.49 10.44 15.06
N VAL C 176 -5.86 11.66 14.71
CA VAL C 176 -5.11 12.85 15.07
C VAL C 176 -6.07 13.87 15.66
N SER C 177 -5.78 14.35 16.86
CA SER C 177 -6.65 15.32 17.52
C SER C 177 -6.26 16.73 17.12
N ILE C 178 -7.26 17.58 16.96
CA ILE C 178 -7.07 18.96 16.55
C ILE C 178 -7.85 19.85 17.52
N TYR C 179 -7.16 20.79 18.13
CA TYR C 179 -7.74 21.72 19.09
C TYR C 179 -7.34 23.10 18.61
N LEU C 180 -8.08 23.64 17.63
CA LEU C 180 -7.73 24.92 17.04
C LEU C 180 -8.94 25.83 16.97
N PRO C 181 -8.77 27.12 17.28
CA PRO C 181 -9.82 28.10 17.02
C PRO C 181 -9.90 28.45 15.54
N MET C 182 -10.61 29.52 15.22
CA MET C 182 -10.97 29.84 13.84
C MET C 182 -9.85 30.66 13.16
N THR C 183 -8.72 29.99 12.97
CA THR C 183 -7.70 30.54 12.10
C THR C 183 -7.66 29.70 10.82
N TRP C 184 -7.19 30.31 9.73
CA TRP C 184 -7.27 29.61 8.46
C TRP C 184 -6.45 28.34 8.45
N GLN C 185 -5.43 28.24 9.30
CA GLN C 185 -4.63 27.03 9.35
C GLN C 185 -5.43 25.82 9.81
N ALA C 186 -6.59 26.03 10.46
CA ALA C 186 -7.39 24.88 10.87
C ALA C 186 -7.73 24.03 9.65
N ALA C 187 -8.03 24.67 8.52
CA ALA C 187 -8.33 23.92 7.31
C ALA C 187 -7.11 23.14 6.84
N ALA C 188 -5.92 23.73 6.93
CA ALA C 188 -4.72 23.01 6.56
C ALA C 188 -4.52 21.82 7.48
N ALA C 189 -4.84 21.98 8.76
CA ALA C 189 -4.73 20.87 9.69
C ALA C 189 -5.69 19.75 9.32
N PHE C 190 -6.97 20.06 9.10
CA PHE C 190 -7.92 19.03 8.69
C PHE C 190 -7.40 18.32 7.43
N LEU C 191 -7.03 19.10 6.42
CA LEU C 191 -6.74 18.52 5.12
C LEU C 191 -5.39 17.83 5.10
N ALA C 192 -4.48 18.16 6.00
CA ALA C 192 -3.24 17.40 6.08
C ALA C 192 -3.50 15.99 6.59
N CYS C 193 -4.36 15.85 7.60
CA CYS C 193 -4.77 14.53 8.04
C CYS C 193 -5.42 13.76 6.90
N ALA C 194 -6.37 14.39 6.22
CA ALA C 194 -7.04 13.71 5.12
C ALA C 194 -6.06 13.41 4.00
N ARG C 195 -5.05 14.27 3.80
CA ARG C 195 -4.11 14.05 2.73
C ARG C 195 -3.37 12.72 2.90
N ILE C 196 -3.03 12.37 4.14
CA ILE C 196 -2.26 11.15 4.39
C ILE C 196 -3.13 10.00 4.87
N GLY C 197 -4.45 10.18 4.88
CA GLY C 197 -5.38 9.15 5.33
C GLY C 197 -5.50 9.03 6.83
N ALA C 198 -4.97 9.99 7.58
CA ALA C 198 -5.22 9.95 9.01
C ALA C 198 -6.67 10.38 9.25
N ILE C 199 -7.14 10.15 10.46
CA ILE C 199 -8.51 10.46 10.86
C ILE C 199 -8.44 11.64 11.81
N HIS C 200 -8.83 12.84 11.36
CA HIS C 200 -8.81 13.95 12.32
C HIS C 200 -10.02 13.88 13.25
N SER C 201 -9.82 14.33 14.48
CA SER C 201 -10.89 14.47 15.46
C SER C 201 -10.79 15.90 16.01
N ALA C 202 -11.61 16.80 15.47
CA ALA C 202 -11.55 18.20 15.87
C ALA C 202 -12.30 18.42 17.17
N VAL C 203 -11.69 19.18 18.07
CA VAL C 203 -12.28 19.49 19.37
C VAL C 203 -12.57 20.98 19.38
N PHE C 204 -13.85 21.35 19.48
CA PHE C 204 -14.26 22.75 19.57
C PHE C 204 -13.38 23.49 20.57
N ALA C 205 -12.85 24.64 20.15
CA ALA C 205 -11.95 25.39 21.02
C ALA C 205 -12.66 25.98 22.21
N GLY C 206 -13.99 25.84 22.31
CA GLY C 206 -14.71 26.23 23.50
C GLY C 206 -14.75 25.19 24.61
N PHE C 207 -14.30 23.96 24.33
CA PHE C 207 -14.27 22.92 25.35
C PHE C 207 -13.16 23.16 26.37
N SER C 208 -13.43 22.79 27.60
CA SER C 208 -12.49 22.81 28.71
C SER C 208 -11.35 21.82 28.51
N ALA C 209 -10.38 21.86 29.44
CA ALA C 209 -9.31 20.88 29.45
C ALA C 209 -9.84 19.47 29.66
N GLU C 210 -10.81 19.31 30.56
CA GLU C 210 -11.31 17.97 30.83
C GLU C 210 -12.05 17.41 29.62
N SER C 211 -12.83 18.24 28.93
CA SER C 211 -13.51 17.80 27.71
C SER C 211 -12.50 17.47 26.62
N LEU C 212 -11.44 18.27 26.50
CA LEU C 212 -10.38 17.94 25.54
C LEU C 212 -9.71 16.61 25.89
N ARG C 213 -9.35 16.44 27.16
CA ARG C 213 -8.72 15.20 27.61
C ARG C 213 -9.58 13.98 27.29
N ASP C 214 -10.89 14.06 27.55
CA ASP C 214 -11.81 12.97 27.24
C ASP C 214 -11.76 12.59 25.76
N ARG C 215 -11.82 13.58 24.87
CA ARG C 215 -11.88 13.27 23.45
C ARG C 215 -10.54 12.77 22.93
N VAL C 216 -9.44 13.30 23.46
CA VAL C 216 -8.11 12.84 23.09
C VAL C 216 -7.93 11.38 23.52
N ASN C 217 -8.25 11.07 24.78
CA ASN C 217 -8.07 9.71 25.28
C ASN C 217 -8.96 8.72 24.53
N ASP C 218 -10.21 9.09 24.25
CA ASP C 218 -11.11 8.16 23.58
C ASP C 218 -10.61 7.78 22.19
N CYS C 219 -10.18 8.74 21.39
CA CYS C 219 -9.77 8.38 20.04
C CYS C 219 -8.36 7.77 19.99
N GLU C 220 -7.61 7.77 21.10
CA GLU C 220 -6.29 7.16 21.23
C GLU C 220 -5.25 7.75 20.26
N CYS C 221 -5.45 8.99 19.84
CA CYS C 221 -4.47 9.66 19.00
C CYS C 221 -3.11 9.74 19.70
N LYS C 222 -2.05 9.72 18.90
CA LYS C 222 -0.69 9.92 19.39
C LYS C 222 -0.16 11.31 19.07
N VAL C 223 -0.90 12.09 18.29
CA VAL C 223 -0.51 13.42 17.85
C VAL C 223 -1.66 14.37 18.10
N LEU C 224 -1.36 15.54 18.66
CA LEU C 224 -2.32 16.62 18.83
C LEU C 224 -1.80 17.86 18.10
N ILE C 225 -2.69 18.55 17.39
CA ILE C 225 -2.38 19.81 16.70
C ILE C 225 -3.15 20.91 17.40
N THR C 226 -2.45 21.92 17.91
CA THR C 226 -3.12 23.00 18.60
C THR C 226 -2.39 24.32 18.34
N THR C 227 -2.71 25.34 19.11
CA THR C 227 -2.17 26.68 18.94
C THR C 227 -1.69 27.18 20.29
N ASP C 228 -0.81 28.19 20.26
CA ASP C 228 -0.30 28.75 21.50
C ASP C 228 -1.40 29.51 22.25
N GLU C 229 -2.12 30.38 21.55
CA GLU C 229 -3.26 31.06 22.13
C GLU C 229 -4.33 31.22 21.06
N GLY C 230 -5.53 31.55 21.52
CA GLY C 230 -6.59 31.95 20.62
C GLY C 230 -6.93 33.42 20.80
N ARG C 231 -7.59 34.01 19.81
CA ARG C 231 -8.05 35.38 19.89
C ARG C 231 -9.47 35.44 19.35
N ARG C 232 -10.39 36.00 20.14
CA ARG C 232 -11.79 36.06 19.75
C ARG C 232 -12.44 37.19 20.51
N GLY C 233 -13.13 38.08 19.80
CA GLY C 233 -13.79 39.20 20.43
C GLY C 233 -12.88 40.14 21.20
N GLY C 234 -11.58 40.10 20.93
CA GLY C 234 -10.65 40.96 21.64
C GLY C 234 -10.05 40.37 22.90
N LYS C 235 -10.30 39.09 23.17
CA LYS C 235 -9.79 38.39 24.34
C LYS C 235 -8.89 37.25 23.89
N THR C 236 -8.04 36.81 24.81
CA THR C 236 -7.08 35.73 24.56
C THR C 236 -7.55 34.44 25.24
N ILE C 237 -7.49 33.34 24.50
CA ILE C 237 -7.78 32.02 25.04
C ILE C 237 -6.46 31.30 25.26
N ALA C 238 -6.18 30.93 26.52
CA ALA C 238 -4.90 30.30 26.86
C ALA C 238 -4.92 28.84 26.41
N THR C 239 -4.90 28.67 25.08
CA THR C 239 -5.10 27.36 24.48
C THR C 239 -4.02 26.38 24.92
N LYS C 240 -2.74 26.77 24.76
CA LYS C 240 -1.66 25.87 25.13
C LYS C 240 -1.73 25.49 26.60
N GLN C 241 -2.10 26.44 27.47
CA GLN C 241 -2.27 26.12 28.88
C GLN C 241 -3.33 25.06 29.08
N ILE C 242 -4.48 25.24 28.43
CA ILE C 242 -5.56 24.25 28.54
C ILE C 242 -5.08 22.90 28.05
N VAL C 243 -4.35 22.89 26.94
CA VAL C 243 -3.78 21.66 26.39
C VAL C 243 -2.87 20.99 27.41
N ASP C 244 -2.00 21.76 28.06
CA ASP C 244 -1.06 21.16 29.01
C ASP C 244 -1.79 20.52 30.17
N ALA C 245 -2.79 21.21 30.73
CA ALA C 245 -3.57 20.62 31.81
C ALA C 245 -4.29 19.37 31.32
N ALA C 246 -4.80 19.41 30.09
CA ALA C 246 -5.48 18.24 29.55
C ALA C 246 -4.53 17.06 29.40
N LEU C 247 -3.37 17.29 28.77
CA LEU C 247 -2.41 16.24 28.45
C LEU C 247 -1.79 15.59 29.66
N GLN C 248 -1.94 16.18 30.85
CA GLN C 248 -1.41 15.54 32.04
C GLN C 248 -2.02 14.16 32.30
N GLN C 249 -3.19 13.88 31.72
CA GLN C 249 -3.82 12.58 31.87
C GLN C 249 -4.12 11.98 30.50
N CYS C 250 -3.24 12.24 29.52
CA CYS C 250 -3.35 11.68 28.18
C CYS C 250 -2.06 10.92 27.86
N PRO C 251 -1.96 9.66 28.29
CA PRO C 251 -0.65 8.98 28.24
C PRO C 251 -0.22 8.59 26.85
N LEU C 252 -1.12 8.58 25.87
CA LEU C 252 -0.76 8.12 24.53
C LEU C 252 -0.21 9.22 23.63
N VAL C 253 -0.40 10.50 23.98
CA VAL C 253 0.04 11.60 23.14
C VAL C 253 1.56 11.72 23.22
N GLU C 254 2.23 11.56 22.06
CA GLU C 254 3.67 11.68 21.98
C GLU C 254 4.15 12.96 21.29
N ASN C 255 3.33 13.59 20.46
CA ASN C 255 3.74 14.75 19.70
C ASN C 255 2.65 15.81 19.75
N VAL C 256 3.04 17.04 20.00
CA VAL C 256 2.11 18.18 19.94
C VAL C 256 2.70 19.22 19.00
N LEU C 257 1.91 19.63 18.02
CA LEU C 257 2.32 20.61 17.02
C LEU C 257 1.60 21.91 17.31
N VAL C 258 2.35 22.98 17.58
CA VAL C 258 1.75 24.19 18.15
C VAL C 258 1.83 25.31 17.11
N LEU C 259 0.68 25.72 16.58
CA LEU C 259 0.63 26.90 15.72
C LEU C 259 0.91 28.16 16.53
N ARG C 260 1.76 29.03 16.00
CA ARG C 260 2.18 30.23 16.73
C ARG C 260 1.25 31.38 16.31
N ARG C 261 0.03 31.35 16.86
CA ARG C 261 -0.99 32.32 16.45
C ARG C 261 -0.72 33.71 17.03
N THR C 262 -0.23 33.79 18.27
CA THR C 262 0.01 35.07 18.89
C THR C 262 1.49 35.36 19.17
N GLY C 263 2.31 34.32 19.33
CA GLY C 263 3.69 34.51 19.70
C GLY C 263 3.95 34.83 21.17
N ASN C 264 2.91 34.97 21.99
CA ASN C 264 3.11 35.15 23.43
C ASN C 264 3.74 33.91 24.06
N LYS C 265 4.49 34.13 25.13
CA LYS C 265 5.17 33.01 25.79
C LYS C 265 4.14 32.04 26.35
N VAL C 266 4.26 30.79 25.93
CA VAL C 266 3.49 29.68 26.48
C VAL C 266 4.47 28.57 26.85
N PRO C 267 4.11 27.71 27.77
CA PRO C 267 5.02 26.60 28.11
C PRO C 267 5.11 25.63 26.96
N MET C 268 6.30 25.05 26.80
CA MET C 268 6.56 24.07 25.76
C MET C 268 7.35 22.94 26.40
N THR C 269 6.94 21.71 26.14
CA THR C 269 7.58 20.55 26.73
C THR C 269 8.62 20.01 25.77
N GLU C 270 9.86 19.90 26.25
CA GLU C 270 10.95 19.47 25.38
C GLU C 270 10.63 18.10 24.80
N GLY C 271 10.87 17.95 23.49
CA GLY C 271 10.58 16.71 22.80
C GLY C 271 9.13 16.60 22.38
N ARG C 272 8.22 16.73 23.34
CA ARG C 272 6.80 16.53 23.04
C ARG C 272 6.28 17.64 22.12
N ASP C 273 6.60 18.89 22.44
CA ASP C 273 6.00 20.04 21.80
C ASP C 273 6.96 20.64 20.78
N LYS C 274 6.45 20.92 19.58
CA LYS C 274 7.21 21.58 18.53
C LYS C 274 6.37 22.70 17.92
N TRP C 275 7.06 23.71 17.41
CA TRP C 275 6.41 24.83 16.75
C TRP C 275 6.04 24.47 15.32
N TRP C 276 4.78 24.74 14.96
CA TRP C 276 4.28 24.53 13.62
C TRP C 276 5.24 25.09 12.57
N ASP C 277 5.63 26.37 12.72
CA ASP C 277 6.44 27.04 11.70
C ASP C 277 7.83 26.43 11.59
N GLU C 278 8.46 26.09 12.72
CA GLU C 278 9.78 25.48 12.67
C GLU C 278 9.72 24.07 12.09
N GLU C 279 8.67 23.31 12.40
CA GLU C 279 8.56 21.97 11.83
C GLU C 279 8.27 22.02 10.34
N CYS C 280 7.34 22.87 9.92
CA CYS C 280 7.03 22.94 8.50
C CYS C 280 8.22 23.47 7.69
N ALA C 281 9.06 24.31 8.27
CA ALA C 281 10.20 24.84 7.53
C ALA C 281 11.17 23.76 7.10
N LYS C 282 11.17 22.62 7.80
CA LYS C 282 12.07 21.54 7.47
C LYS C 282 11.57 20.69 6.31
N MET C 283 10.31 20.85 5.93
CA MET C 283 9.60 19.95 5.03
C MET C 283 9.37 20.57 3.65
N PRO C 284 9.30 19.74 2.62
CA PRO C 284 8.91 20.24 1.30
C PRO C 284 7.46 20.69 1.33
N ALA C 285 7.14 21.61 0.41
CA ALA C 285 5.81 22.17 0.28
C ALA C 285 4.91 21.35 -0.63
N TYR C 286 5.31 20.11 -0.97
CA TYR C 286 4.42 19.16 -1.60
C TYR C 286 4.57 17.81 -0.92
N CYS C 287 3.48 17.05 -0.93
CA CYS C 287 3.37 15.76 -0.34
C CYS C 287 2.38 14.97 -1.20
N PRO C 288 2.67 13.73 -1.57
CA PRO C 288 1.69 12.96 -2.33
C PRO C 288 0.45 12.67 -1.49
N CYS C 289 -0.62 12.30 -2.18
CA CYS C 289 -1.90 11.96 -1.55
C CYS C 289 -2.02 10.46 -1.34
N GLU C 290 -2.44 10.06 -0.16
CA GLU C 290 -2.76 8.66 0.07
C GLU C 290 -4.04 8.33 -0.68
N ARG C 291 -4.05 7.19 -1.38
CA ARG C 291 -5.24 6.76 -2.12
C ARG C 291 -6.20 6.05 -1.16
N MET C 292 -7.30 6.70 -0.85
CA MET C 292 -8.24 6.21 0.15
C MET C 292 -9.40 5.49 -0.52
N ALA C 293 -9.83 4.36 0.06
CA ALA C 293 -11.10 3.79 -0.35
C ALA C 293 -12.22 4.76 -0.03
N SER C 294 -13.31 4.68 -0.81
CA SER C 294 -14.51 5.48 -0.51
C SER C 294 -14.92 5.38 0.94
N GLU C 295 -14.84 4.17 1.52
CA GLU C 295 -15.38 3.92 2.84
C GLU C 295 -14.32 4.01 3.93
N ASP C 296 -13.10 4.43 3.60
CA ASP C 296 -12.13 4.69 4.65
C ASP C 296 -12.62 5.84 5.52
N PRO C 297 -12.39 5.79 6.82
CA PRO C 297 -12.84 6.88 7.69
C PRO C 297 -12.08 8.16 7.38
N LEU C 298 -12.83 9.25 7.28
CA LEU C 298 -12.26 10.57 7.08
C LEU C 298 -12.06 11.32 8.38
N PHE C 299 -13.05 11.29 9.28
CA PHE C 299 -12.88 11.99 10.56
C PHE C 299 -13.82 11.44 11.60
N ILE C 300 -13.48 11.75 12.85
CA ILE C 300 -14.32 11.52 14.01
C ILE C 300 -14.78 12.88 14.50
N LEU C 301 -16.05 13.00 14.89
CA LEU C 301 -16.54 14.23 15.51
C LEU C 301 -17.37 13.88 16.73
N TYR C 302 -16.86 14.19 17.91
CA TYR C 302 -17.57 13.86 19.14
C TYR C 302 -18.84 14.71 19.26
N THR C 303 -19.97 14.03 19.48
CA THR C 303 -21.30 14.62 19.45
C THR C 303 -22.08 14.19 20.68
N SER C 304 -22.89 15.10 21.23
CA SER C 304 -23.66 14.82 22.42
C SER C 304 -24.94 14.07 22.08
N GLY C 305 -25.22 12.99 22.82
CA GLY C 305 -26.43 12.24 22.67
C GLY C 305 -27.36 12.45 23.86
N SER C 306 -28.50 11.76 23.83
CA SER C 306 -29.45 11.90 24.90
C SER C 306 -28.98 11.21 26.18
N THR C 307 -28.27 10.09 26.05
CA THR C 307 -27.72 9.36 27.18
C THR C 307 -26.27 9.04 26.92
N GLY C 308 -25.51 8.91 28.01
CA GLY C 308 -24.12 8.51 27.93
C GLY C 308 -23.20 9.64 27.48
N LYS C 309 -21.93 9.27 27.37
CA LYS C 309 -20.87 10.21 27.01
C LYS C 309 -20.98 10.59 25.54
N PRO C 310 -20.33 11.68 25.11
CA PRO C 310 -20.30 12.02 23.69
C PRO C 310 -19.83 10.85 22.81
N LYS C 311 -20.51 10.71 21.68
CA LYS C 311 -20.23 9.67 20.71
C LYS C 311 -19.27 10.20 19.66
N GLY C 312 -18.28 9.39 19.29
CA GLY C 312 -17.40 9.76 18.20
C GLY C 312 -18.01 9.44 16.85
N VAL C 313 -18.77 10.37 16.28
CA VAL C 313 -19.47 10.10 15.02
C VAL C 313 -18.44 10.02 13.89
N VAL C 314 -18.49 8.94 13.12
CA VAL C 314 -17.50 8.65 12.08
C VAL C 314 -18.12 8.86 10.72
N HIS C 315 -17.46 9.69 9.89
CA HIS C 315 -17.82 9.83 8.49
C HIS C 315 -16.76 9.18 7.61
N SER C 316 -17.22 8.57 6.52
CA SER C 316 -16.30 8.00 5.55
C SER C 316 -15.95 9.08 4.52
N THR C 317 -15.29 8.70 3.43
CA THR C 317 -14.66 9.69 2.55
C THR C 317 -15.54 10.11 1.38
N ALA C 318 -15.87 9.18 0.47
CA ALA C 318 -16.50 9.62 -0.79
C ALA C 318 -17.92 10.12 -0.56
N GLY C 319 -18.75 9.36 0.16
CA GLY C 319 -20.12 9.78 0.37
C GLY C 319 -20.26 11.11 1.09
N TYR C 320 -19.53 11.27 2.20
CA TYR C 320 -19.50 12.56 2.89
C TYR C 320 -19.10 13.69 1.95
N LEU C 321 -18.01 13.50 1.18
CA LEU C 321 -17.53 14.56 0.31
C LEU C 321 -18.56 14.91 -0.75
N LEU C 322 -19.16 13.89 -1.38
CA LEU C 322 -20.18 14.15 -2.40
C LEU C 322 -21.34 14.91 -1.82
N GLY C 323 -21.73 14.56 -0.58
CA GLY C 323 -22.89 15.19 0.02
C GLY C 323 -22.65 16.64 0.34
N THR C 324 -21.49 16.94 0.95
CA THR C 324 -21.17 18.35 1.21
C THR C 324 -21.06 19.13 -0.08
N ALA C 325 -20.48 18.53 -1.12
CA ALA C 325 -20.33 19.26 -2.39
C ALA C 325 -21.66 19.52 -3.07
N LEU C 326 -22.56 18.52 -3.10
CA LEU C 326 -23.84 18.69 -3.76
C LEU C 326 -24.74 19.64 -3.00
N THR C 327 -24.77 19.54 -1.67
CA THR C 327 -25.63 20.44 -0.89
C THR C 327 -25.14 21.88 -0.98
N LEU C 328 -23.83 22.10 -0.90
CA LEU C 328 -23.32 23.45 -1.11
C LEU C 328 -23.78 24.00 -2.46
N LYS C 329 -23.55 23.23 -3.52
CA LYS C 329 -23.89 23.69 -4.86
C LYS C 329 -25.39 23.98 -4.99
N TYR C 330 -26.23 23.08 -4.50
CA TYR C 330 -27.65 23.19 -4.80
C TYR C 330 -28.46 23.91 -3.73
N VAL C 331 -28.09 23.80 -2.45
CA VAL C 331 -28.87 24.53 -1.45
C VAL C 331 -28.50 26.01 -1.43
N PHE C 332 -27.26 26.36 -1.73
CA PHE C 332 -26.87 27.76 -1.72
C PHE C 332 -26.69 28.31 -3.13
N ASP C 333 -27.02 27.51 -4.15
CA ASP C 333 -26.84 27.88 -5.56
C ASP C 333 -25.46 28.48 -5.79
N ALA C 334 -24.44 27.72 -5.40
CA ALA C 334 -23.08 28.21 -5.51
C ALA C 334 -22.60 28.18 -6.96
N HIS C 335 -21.92 29.23 -7.36
CA HIS C 335 -21.36 29.37 -8.70
C HIS C 335 -19.86 29.60 -8.60
N PRO C 336 -19.12 29.40 -9.70
CA PRO C 336 -17.65 29.24 -9.57
C PRO C 336 -16.94 30.39 -8.88
N ASP C 337 -17.38 31.63 -9.06
CA ASP C 337 -16.71 32.78 -8.47
C ASP C 337 -17.33 33.21 -7.14
N ASP C 338 -18.20 32.39 -6.55
CA ASP C 338 -18.88 32.78 -5.33
C ASP C 338 -17.91 32.89 -4.15
N ARG C 339 -18.29 33.72 -3.18
CA ARG C 339 -17.53 33.88 -1.95
C ARG C 339 -18.48 33.59 -0.79
N PHE C 340 -18.32 32.41 -0.19
CA PHE C 340 -19.28 31.82 0.72
C PHE C 340 -18.87 32.11 2.16
N ALA C 341 -19.72 32.80 2.90
CA ALA C 341 -19.41 33.20 4.27
C ALA C 341 -20.26 32.38 5.24
N CYS C 342 -19.73 31.24 5.66
CA CYS C 342 -20.36 30.48 6.74
C CYS C 342 -19.71 30.89 8.05
N MET C 343 -20.51 31.49 8.94
CA MET C 343 -19.98 32.11 10.16
C MET C 343 -19.95 31.14 11.33
N ALA C 344 -19.84 29.84 11.06
CA ALA C 344 -19.90 28.85 12.13
C ALA C 344 -18.47 28.51 12.56
N ASP C 345 -18.30 27.39 13.26
CA ASP C 345 -17.00 27.01 13.80
C ASP C 345 -16.57 25.65 13.28
N ILE C 346 -15.29 25.51 12.91
CA ILE C 346 -14.80 24.23 12.42
C ILE C 346 -14.84 23.12 13.47
N GLY C 347 -15.03 23.45 14.74
CA GLY C 347 -15.18 22.39 15.74
C GLY C 347 -16.53 21.69 15.70
N TRP C 348 -17.45 22.16 14.88
CA TRP C 348 -18.76 21.54 14.74
C TRP C 348 -18.97 21.11 13.30
N ILE C 349 -20.03 20.32 13.09
CA ILE C 349 -20.23 19.71 11.77
C ILE C 349 -20.49 20.78 10.71
N THR C 350 -21.16 21.88 11.06
CA THR C 350 -21.39 22.94 10.09
C THR C 350 -20.07 23.49 9.57
N GLY C 351 -19.10 23.68 10.45
CA GLY C 351 -17.76 24.07 10.03
C GLY C 351 -17.10 23.02 9.15
N HIS C 352 -17.20 21.74 9.55
CA HIS C 352 -16.65 20.67 8.71
C HIS C 352 -17.21 20.76 7.31
N SER C 353 -18.54 20.73 7.19
CA SER C 353 -19.19 20.51 5.92
C SER C 353 -19.28 21.79 5.10
N TYR C 354 -19.52 22.93 5.74
CA TYR C 354 -19.86 24.14 5.02
C TYR C 354 -18.89 25.29 5.25
N ILE C 355 -17.78 25.06 5.92
CA ILE C 355 -16.62 25.93 5.85
C ILE C 355 -15.49 25.30 5.05
N ILE C 356 -15.14 24.05 5.36
CA ILE C 356 -14.00 23.39 4.74
C ILE C 356 -14.43 22.51 3.55
N TYR C 357 -15.06 21.37 3.81
CA TYR C 357 -15.13 20.34 2.78
C TYR C 357 -16.02 20.74 1.61
N GLY C 358 -17.28 21.12 1.88
CA GLY C 358 -18.18 21.57 0.83
C GLY C 358 -17.63 22.66 -0.07
N PRO C 359 -17.24 23.80 0.52
CA PRO C 359 -16.80 24.90 -0.35
C PRO C 359 -15.50 24.63 -1.08
N LEU C 360 -14.49 24.06 -0.41
CA LEU C 360 -13.25 23.79 -1.14
C LEU C 360 -13.41 22.64 -2.12
N ALA C 361 -14.25 21.65 -1.82
CA ALA C 361 -14.51 20.62 -2.82
C ALA C 361 -15.05 21.26 -4.09
N ASN C 362 -15.90 22.27 -3.95
CA ASN C 362 -16.45 22.96 -5.11
C ASN C 362 -15.51 24.01 -5.68
N GLY C 363 -14.37 24.26 -5.03
CA GLY C 363 -13.36 25.13 -5.62
C GLY C 363 -13.67 26.60 -5.56
N ILE C 364 -14.60 27.02 -4.70
CA ILE C 364 -14.95 28.43 -4.56
C ILE C 364 -14.19 29.00 -3.37
N THR C 365 -14.54 30.21 -2.96
CA THR C 365 -13.89 30.90 -1.85
C THR C 365 -14.75 30.74 -0.61
N THR C 366 -14.12 30.38 0.50
CA THR C 366 -14.84 30.16 1.75
C THR C 366 -14.22 31.03 2.85
N ALA C 367 -15.05 31.45 3.80
CA ALA C 367 -14.58 32.35 4.84
C ALA C 367 -14.28 31.57 6.11
N VAL C 368 -13.23 31.99 6.79
CA VAL C 368 -12.92 31.53 8.15
C VAL C 368 -12.97 32.77 9.02
N PHE C 369 -14.07 32.93 9.76
CA PHE C 369 -14.36 34.11 10.55
C PHE C 369 -13.92 33.86 12.00
N GLU C 370 -12.95 34.64 12.48
CA GLU C 370 -12.31 34.39 13.76
C GLU C 370 -12.96 35.13 14.91
N SER C 371 -13.83 36.10 14.64
CA SER C 371 -14.35 36.98 15.66
C SER C 371 -15.78 36.59 16.02
N THR C 372 -16.50 37.48 16.70
CA THR C 372 -17.91 37.31 17.03
C THR C 372 -18.76 38.23 16.19
N PRO C 373 -20.09 38.07 16.23
CA PRO C 373 -20.96 39.00 15.49
C PRO C 373 -20.88 40.44 15.96
N VAL C 374 -20.47 40.70 17.21
CA VAL C 374 -20.58 42.04 17.78
C VAL C 374 -19.22 42.66 18.05
N TYR C 375 -18.13 42.03 17.62
CA TYR C 375 -16.81 42.60 17.85
C TYR C 375 -16.22 43.14 16.55
N PRO C 376 -15.75 44.40 16.53
CA PRO C 376 -15.77 45.35 17.66
C PRO C 376 -17.15 45.96 17.95
N THR C 377 -18.00 46.04 16.93
CA THR C 377 -19.35 46.56 17.03
C THR C 377 -20.29 45.55 16.42
N PRO C 378 -21.60 45.67 16.70
CA PRO C 378 -22.58 44.75 16.08
C PRO C 378 -22.73 44.89 14.57
N SER C 379 -21.97 45.78 13.92
CA SER C 379 -22.04 45.90 12.46
C SER C 379 -21.05 44.98 11.75
N ARG C 380 -20.42 44.05 12.47
CA ARG C 380 -19.28 43.32 11.95
C ARG C 380 -19.65 42.42 10.77
N TYR C 381 -20.76 41.66 10.90
CA TYR C 381 -21.17 40.76 9.83
C TYR C 381 -21.38 41.52 8.53
N TRP C 382 -21.92 42.72 8.62
CA TRP C 382 -22.25 43.48 7.42
C TRP C 382 -21.05 44.24 6.88
N ASP C 383 -20.17 44.73 7.75
CA ASP C 383 -18.88 45.22 7.28
C ASP C 383 -18.14 44.12 6.54
N PHE C 384 -18.22 42.88 7.07
CA PHE C 384 -17.61 41.75 6.40
C PHE C 384 -18.19 41.55 5.00
N VAL C 385 -19.53 41.57 4.88
CA VAL C 385 -20.19 41.27 3.62
C VAL C 385 -19.82 42.32 2.56
N ASP C 386 -19.86 43.59 2.93
CA ASP C 386 -19.53 44.63 1.96
C ASP C 386 -18.06 44.64 1.60
N LYS C 387 -17.18 44.33 2.55
CA LYS C 387 -15.75 44.39 2.27
C LYS C 387 -15.32 43.29 1.30
N TRP C 388 -15.84 42.08 1.49
CA TRP C 388 -15.45 40.93 0.68
C TRP C 388 -16.42 40.61 -0.44
N LYS C 389 -17.55 41.33 -0.53
CA LYS C 389 -18.59 41.04 -1.53
C LYS C 389 -19.04 39.58 -1.44
N ALA C 390 -19.34 39.15 -0.21
CA ALA C 390 -19.84 37.80 0.03
C ALA C 390 -21.14 37.57 -0.72
N THR C 391 -21.28 36.39 -1.30
CA THR C 391 -22.44 36.05 -2.11
C THR C 391 -23.46 35.19 -1.37
N GLN C 392 -23.05 34.46 -0.33
CA GLN C 392 -23.97 33.77 0.57
C GLN C 392 -23.52 33.96 2.00
N LEU C 393 -24.49 33.94 2.91
CA LEU C 393 -24.21 34.02 4.32
C LEU C 393 -24.97 32.90 5.02
N TYR C 394 -24.31 32.26 5.98
CA TYR C 394 -24.81 31.04 6.60
C TYR C 394 -24.47 31.09 8.08
N THR C 395 -25.48 31.18 8.94
CA THR C 395 -25.22 31.35 10.36
C THR C 395 -26.40 30.81 11.17
N ALA C 396 -26.22 30.81 12.49
CA ALA C 396 -27.23 30.36 13.42
C ALA C 396 -28.28 31.44 13.66
N PRO C 397 -29.55 31.08 13.79
CA PRO C 397 -30.57 32.07 14.17
C PRO C 397 -30.25 32.83 15.44
N THR C 398 -29.47 32.24 16.35
CA THR C 398 -29.07 32.99 17.54
C THR C 398 -28.30 34.25 17.19
N ALA C 399 -27.35 34.16 16.26
CA ALA C 399 -26.64 35.34 15.80
C ALA C 399 -27.61 36.37 15.22
N ILE C 400 -28.57 35.93 14.41
CA ILE C 400 -29.50 36.88 13.80
C ILE C 400 -30.34 37.58 14.86
N ARG C 401 -30.78 36.82 15.87
CA ARG C 401 -31.55 37.45 16.95
C ARG C 401 -30.69 38.41 17.74
N LEU C 402 -29.42 38.06 17.98
CA LEU C 402 -28.53 38.97 18.70
C LEU C 402 -28.42 40.31 17.97
N LEU C 403 -28.18 40.25 16.65
CA LEU C 403 -28.03 41.47 15.87
C LEU C 403 -29.32 42.28 15.82
N ARG C 404 -30.47 41.59 15.74
CA ARG C 404 -31.75 42.28 15.82
C ARG C 404 -31.90 43.01 17.15
N ARG C 405 -31.36 42.44 18.24
CA ARG C 405 -31.44 43.10 19.53
C ARG C 405 -30.61 44.39 19.55
N MET C 406 -29.52 44.43 18.78
CA MET C 406 -28.62 45.57 18.80
C MET C 406 -29.10 46.76 17.98
N GLY C 407 -30.26 46.67 17.33
CA GLY C 407 -30.86 47.82 16.69
C GLY C 407 -30.59 47.87 15.20
N GLU C 408 -31.52 48.51 14.47
CA GLU C 408 -31.46 48.54 13.01
C GLU C 408 -30.34 49.42 12.47
N ASP C 409 -29.64 50.18 13.31
CA ASP C 409 -28.64 51.11 12.79
C ASP C 409 -27.43 50.40 12.20
N HIS C 410 -27.09 49.22 12.71
CA HIS C 410 -25.87 48.52 12.27
C HIS C 410 -26.02 47.78 10.96
N VAL C 411 -27.19 47.82 10.32
CA VAL C 411 -27.39 47.01 9.13
C VAL C 411 -28.11 47.81 8.04
N LYS C 412 -28.91 48.79 8.45
CA LYS C 412 -29.81 49.47 7.51
C LYS C 412 -29.05 50.23 6.43
N ASN C 413 -27.84 50.69 6.73
CA ASN C 413 -27.12 51.54 5.79
C ASN C 413 -26.01 50.81 5.05
N HIS C 414 -25.93 49.49 5.14
CA HIS C 414 -24.94 48.79 4.33
C HIS C 414 -25.48 48.52 2.91
N ASP C 415 -24.58 48.06 2.05
CA ASP C 415 -24.93 47.70 0.68
C ASP C 415 -25.54 46.30 0.64
N LEU C 416 -24.74 45.29 0.94
CA LEU C 416 -25.15 43.89 1.09
C LEU C 416 -25.63 43.26 -0.21
N SER C 417 -25.71 44.03 -1.31
CA SER C 417 -26.33 43.52 -2.54
C SER C 417 -25.55 42.37 -3.17
N SER C 418 -24.33 42.09 -2.74
CA SER C 418 -23.62 40.94 -3.30
C SER C 418 -24.28 39.62 -2.89
N LEU C 419 -25.06 39.62 -1.82
CA LEU C 419 -25.71 38.40 -1.34
C LEU C 419 -26.86 37.99 -2.24
N ARG C 420 -27.04 36.67 -2.39
CA ARG C 420 -28.19 36.14 -3.11
C ARG C 420 -28.94 35.15 -2.24
N VAL C 421 -28.23 34.48 -1.32
CA VAL C 421 -28.81 33.45 -0.46
C VAL C 421 -28.37 33.71 0.98
N LEU C 422 -29.33 33.66 1.90
CA LEU C 422 -29.08 33.73 3.33
C LEU C 422 -29.50 32.42 3.97
N GLY C 423 -28.59 31.80 4.71
CA GLY C 423 -28.82 30.50 5.31
C GLY C 423 -28.89 30.57 6.82
N SER C 424 -29.64 29.63 7.39
CA SER C 424 -29.83 29.55 8.84
C SER C 424 -29.78 28.08 9.24
N VAL C 425 -29.01 27.76 10.29
CA VAL C 425 -28.72 26.38 10.64
C VAL C 425 -28.61 26.24 12.15
N GLY C 426 -28.91 25.03 12.64
CA GLY C 426 -28.57 24.60 13.99
C GLY C 426 -29.73 24.60 14.96
N GLU C 427 -30.84 25.23 14.61
CA GLU C 427 -31.92 25.52 15.54
C GLU C 427 -33.07 26.08 14.74
N PRO C 428 -34.29 26.04 15.29
CA PRO C 428 -35.42 26.70 14.64
C PRO C 428 -35.18 28.20 14.52
N ILE C 429 -35.67 28.77 13.42
CA ILE C 429 -35.70 30.22 13.27
C ILE C 429 -37.15 30.66 13.36
N ASN C 430 -37.44 31.53 14.33
CA ASN C 430 -38.80 32.03 14.55
C ASN C 430 -39.16 33.07 13.48
N PRO C 431 -40.46 33.33 13.28
CA PRO C 431 -40.83 34.33 12.27
C PRO C 431 -40.22 35.70 12.49
N GLU C 432 -40.14 36.17 13.73
CA GLU C 432 -39.51 37.46 14.01
C GLU C 432 -38.09 37.51 13.44
N ALA C 433 -37.31 36.46 13.69
CA ALA C 433 -35.94 36.42 13.20
C ALA C 433 -35.88 36.24 11.70
N TRP C 434 -36.69 35.32 11.16
CA TRP C 434 -36.72 35.09 9.72
C TRP C 434 -37.01 36.37 8.96
N HIS C 435 -38.07 37.09 9.35
CA HIS C 435 -38.44 38.33 8.66
C HIS C 435 -37.32 39.36 8.77
N TRP C 436 -36.74 39.50 9.95
CA TRP C 436 -35.62 40.42 10.13
C TRP C 436 -34.44 40.05 9.22
N TYR C 437 -34.08 38.76 9.19
CA TYR C 437 -33.06 38.29 8.26
C TYR C 437 -33.40 38.69 6.84
N ASN C 438 -34.66 38.48 6.46
CA ASN C 438 -35.10 38.72 5.09
C ASN C 438 -35.18 40.21 4.78
N ASP C 439 -35.55 41.03 5.78
CA ASP C 439 -35.73 42.47 5.55
C ASP C 439 -34.40 43.21 5.55
N PHE C 440 -33.57 42.98 6.55
CA PHE C 440 -32.37 43.78 6.74
C PHE C 440 -31.13 43.16 6.12
N ALA C 441 -30.86 41.88 6.40
CA ALA C 441 -29.73 41.24 5.74
C ALA C 441 -29.99 41.08 4.25
N GLY C 442 -31.24 40.82 3.87
CA GLY C 442 -31.55 40.47 2.50
C GLY C 442 -32.11 41.62 1.68
N LYS C 443 -32.48 42.72 2.34
CA LYS C 443 -33.17 43.83 1.69
C LYS C 443 -34.33 43.31 0.84
N ASN C 444 -34.95 42.22 1.29
CA ASN C 444 -36.06 41.57 0.59
C ASN C 444 -35.71 41.22 -0.84
N GLN C 445 -34.46 40.76 -1.05
CA GLN C 445 -34.03 40.33 -2.37
C GLN C 445 -33.22 39.04 -2.36
N CYS C 446 -32.93 38.48 -1.19
CA CYS C 446 -32.29 37.18 -1.08
C CYS C 446 -33.31 36.11 -0.74
N ALA C 447 -32.97 34.87 -1.09
CA ALA C 447 -33.71 33.73 -0.60
C ALA C 447 -33.18 33.32 0.77
N ILE C 448 -34.06 32.76 1.60
CA ILE C 448 -33.70 32.29 2.94
C ILE C 448 -33.76 30.77 2.90
N VAL C 449 -32.64 30.11 3.13
CA VAL C 449 -32.59 28.65 3.15
C VAL C 449 -32.44 28.22 4.60
N ASP C 450 -33.54 27.82 5.19
CA ASP C 450 -33.59 27.20 6.51
C ASP C 450 -33.14 25.76 6.31
N THR C 451 -31.95 25.42 6.80
CA THR C 451 -31.33 24.13 6.51
C THR C 451 -31.38 23.26 7.75
N TYR C 452 -32.06 22.12 7.65
CA TYR C 452 -32.14 21.15 8.72
C TYR C 452 -31.28 19.95 8.39
N TRP C 453 -30.46 19.54 9.36
CA TRP C 453 -29.61 18.36 9.28
C TRP C 453 -28.93 18.18 10.64
N MET C 454 -28.06 17.16 10.76
CA MET C 454 -27.41 16.83 12.01
C MET C 454 -26.00 16.36 11.73
N THR C 455 -25.20 16.25 12.80
CA THR C 455 -23.85 15.72 12.68
C THR C 455 -23.85 14.41 11.95
N GLU C 456 -24.79 13.52 12.33
CA GLU C 456 -24.88 12.18 11.77
C GLU C 456 -25.38 12.16 10.34
N THR C 457 -25.96 13.24 9.81
CA THR C 457 -26.40 13.23 8.42
C THR C 457 -25.31 13.68 7.46
N GLY C 458 -24.24 14.29 7.95
CA GLY C 458 -23.13 14.73 7.11
C GLY C 458 -23.37 16.03 6.35
N SER C 459 -24.54 16.16 5.75
CA SER C 459 -24.86 17.30 4.91
C SER C 459 -26.35 17.57 5.05
N ILE C 460 -26.76 18.75 4.59
CA ILE C 460 -28.13 19.23 4.79
C ILE C 460 -29.15 18.21 4.31
N SER C 461 -30.15 17.94 5.14
CA SER C 461 -31.18 16.92 4.90
C SER C 461 -32.46 17.49 4.30
N ILE C 462 -32.93 18.63 4.80
CA ILE C 462 -34.17 19.26 4.36
C ILE C 462 -33.89 20.75 4.31
N ALA C 463 -34.27 21.37 3.20
CA ALA C 463 -33.92 22.76 2.92
C ALA C 463 -34.62 23.16 1.64
N PRO C 464 -35.01 24.42 1.49
CA PRO C 464 -35.48 24.88 0.19
C PRO C 464 -34.32 25.01 -0.79
N LEU C 465 -34.60 24.74 -2.05
CA LEU C 465 -33.68 25.12 -3.10
C LEU C 465 -34.01 26.54 -3.55
N PRO C 466 -33.08 27.50 -3.43
CA PRO C 466 -33.49 28.92 -3.40
C PRO C 466 -33.98 29.44 -4.74
N GLY C 467 -33.69 28.77 -5.84
CA GLY C 467 -34.23 29.16 -7.13
C GLY C 467 -35.53 28.50 -7.49
N ALA C 468 -36.03 27.58 -6.65
CA ALA C 468 -37.20 26.79 -7.00
C ALA C 468 -38.31 26.85 -5.97
N ILE C 469 -37.98 26.81 -4.68
CA ILE C 469 -38.99 26.67 -3.63
C ILE C 469 -39.43 28.04 -3.15
N SER C 470 -40.74 28.23 -3.03
CA SER C 470 -41.30 29.32 -2.24
C SER C 470 -41.22 28.97 -0.76
N THR C 471 -40.69 29.88 0.04
CA THR C 471 -40.36 29.62 1.44
C THR C 471 -41.49 30.11 2.36
N LYS C 472 -41.73 29.33 3.42
CA LYS C 472 -42.57 29.76 4.54
C LYS C 472 -41.69 30.03 5.74
N PRO C 473 -41.77 31.20 6.37
CA PRO C 473 -40.88 31.50 7.51
C PRO C 473 -40.99 30.42 8.59
N GLY C 474 -39.83 29.87 8.97
CA GLY C 474 -39.79 28.81 9.96
C GLY C 474 -39.80 27.40 9.39
N SER C 475 -40.06 27.23 8.10
CA SER C 475 -40.14 25.91 7.49
C SER C 475 -38.84 25.59 6.74
N ALA C 476 -38.37 24.35 6.91
CA ALA C 476 -37.26 23.81 6.15
C ALA C 476 -37.69 23.29 4.79
N THR C 477 -38.99 23.19 4.55
CA THR C 477 -39.62 22.85 3.27
C THR C 477 -39.38 21.39 2.86
N PHE C 478 -38.53 21.13 1.86
CA PHE C 478 -38.57 19.80 1.25
C PHE C 478 -37.24 19.08 1.36
N PRO C 479 -37.27 17.74 1.36
CA PRO C 479 -36.02 16.99 1.56
C PRO C 479 -35.07 17.14 0.38
N PHE C 480 -33.78 17.14 0.70
CA PHE C 480 -32.75 17.26 -0.31
C PHE C 480 -32.64 15.97 -1.14
N PHE C 481 -31.92 16.09 -2.26
CA PHE C 481 -31.60 14.95 -3.11
C PHE C 481 -31.07 13.77 -2.30
N GLY C 482 -31.62 12.59 -2.57
CA GLY C 482 -31.27 11.39 -1.85
C GLY C 482 -31.94 11.21 -0.51
N MET C 483 -32.74 12.18 -0.07
CA MET C 483 -33.36 12.13 1.25
C MET C 483 -34.83 11.78 1.08
N ASP C 484 -35.22 10.63 1.60
CA ASP C 484 -36.58 10.11 1.53
C ASP C 484 -37.05 10.01 2.98
N VAL C 485 -37.82 10.99 3.43
CA VAL C 485 -38.20 11.10 4.83
C VAL C 485 -39.69 10.86 4.99
N ASP C 486 -40.05 10.41 6.18
CA ASP C 486 -41.44 10.12 6.54
C ASP C 486 -41.66 10.58 7.98
N ILE C 487 -42.92 10.58 8.37
CA ILE C 487 -43.34 10.89 9.73
C ILE C 487 -43.89 9.61 10.34
N ILE C 488 -43.41 9.24 11.52
CA ILE C 488 -43.90 8.05 12.21
C ILE C 488 -44.54 8.48 13.52
N ASP C 489 -45.74 7.96 13.77
CA ASP C 489 -46.39 8.04 15.07
C ASP C 489 -45.57 7.19 16.05
N PRO C 490 -44.91 7.78 17.05
CA PRO C 490 -44.10 6.97 17.97
C PRO C 490 -44.92 6.00 18.81
N GLN C 491 -46.24 6.19 18.93
CA GLN C 491 -47.05 5.26 19.69
C GLN C 491 -47.20 3.92 18.98
N THR C 492 -47.15 3.92 17.64
CA THR C 492 -47.39 2.72 16.86
C THR C 492 -46.17 2.25 16.07
N GLY C 493 -45.21 3.14 15.80
CA GLY C 493 -44.11 2.79 14.93
C GLY C 493 -44.47 2.74 13.46
N GLN C 494 -45.60 3.35 13.07
CA GLN C 494 -46.12 3.27 11.71
C GLN C 494 -46.07 4.63 11.02
N VAL C 495 -45.81 4.62 9.71
CA VAL C 495 -45.70 5.85 8.93
C VAL C 495 -47.07 6.51 8.80
N LEU C 496 -47.11 7.83 8.96
CA LEU C 496 -48.33 8.61 8.74
C LEU C 496 -48.34 9.09 7.29
N GLU C 497 -49.26 8.57 6.51
CA GLU C 497 -49.35 8.87 5.08
C GLU C 497 -50.20 10.13 4.86
N GLY C 498 -49.78 10.94 3.89
CA GLY C 498 -50.49 12.16 3.58
C GLY C 498 -49.92 13.35 4.30
N ASN C 499 -50.70 14.44 4.27
CA ASN C 499 -50.31 15.72 4.84
C ASN C 499 -51.09 16.00 6.12
N ASP C 500 -50.77 17.14 6.73
CA ASP C 500 -51.38 17.56 7.99
C ASP C 500 -51.19 16.51 9.08
N VAL C 501 -49.93 16.09 9.26
CA VAL C 501 -49.58 15.01 10.16
C VAL C 501 -48.32 15.38 10.94
N GLU C 502 -48.27 14.92 12.19
CA GLU C 502 -47.18 15.24 13.10
C GLU C 502 -46.70 13.98 13.80
N GLY C 503 -45.39 13.92 14.07
CA GLY C 503 -44.79 12.74 14.66
C GLY C 503 -43.27 12.88 14.66
N VAL C 504 -42.57 11.73 14.58
CA VAL C 504 -41.10 11.72 14.59
C VAL C 504 -40.58 11.50 13.17
N LEU C 505 -39.56 12.29 12.83
CA LEU C 505 -38.97 12.26 11.51
C LEU C 505 -38.04 11.05 11.38
N VAL C 506 -38.15 10.34 10.26
CA VAL C 506 -37.29 9.21 9.96
C VAL C 506 -36.88 9.32 8.50
N ALA C 507 -35.84 8.59 8.14
CA ALA C 507 -35.42 8.44 6.76
C ALA C 507 -35.63 7.00 6.34
N ARG C 508 -36.21 6.80 5.15
CA ARG C 508 -36.55 5.45 4.67
C ARG C 508 -35.32 4.64 4.23
N ARG C 509 -34.28 5.29 3.73
CA ARG C 509 -33.14 4.62 3.10
C ARG C 509 -31.87 5.39 3.40
N PRO C 510 -30.71 4.72 3.37
CA PRO C 510 -29.43 5.45 3.54
C PRO C 510 -29.19 6.46 2.44
N TRP C 511 -28.38 7.46 2.76
CA TRP C 511 -27.92 8.47 1.83
C TRP C 511 -26.40 8.57 1.87
N PRO C 512 -25.78 9.11 0.80
CA PRO C 512 -24.31 8.96 0.69
C PRO C 512 -23.53 9.46 1.89
N SER C 513 -23.96 10.53 2.54
CA SER C 513 -23.15 11.15 3.58
C SER C 513 -23.56 10.76 4.98
N ILE C 514 -24.36 9.71 5.16
CA ILE C 514 -24.74 9.31 6.51
C ILE C 514 -23.51 8.81 7.27
N ALA C 515 -23.42 9.20 8.54
CA ALA C 515 -22.41 8.63 9.42
C ALA C 515 -22.44 7.11 9.34
N ARG C 516 -21.25 6.50 9.36
CA ARG C 516 -21.12 5.07 9.16
C ARG C 516 -21.01 4.29 10.47
N THR C 517 -20.51 4.91 11.53
CA THR C 517 -20.48 4.24 12.82
C THR C 517 -20.27 5.28 13.91
N VAL C 518 -20.18 4.80 15.14
CA VAL C 518 -19.71 5.60 16.27
C VAL C 518 -18.42 4.93 16.72
N TYR C 519 -17.39 5.75 16.95
CA TYR C 519 -16.02 5.23 16.92
C TYR C 519 -15.81 4.16 17.98
N ARG C 520 -15.42 2.97 17.53
CA ARG C 520 -15.21 1.80 18.37
C ARG C 520 -16.40 1.53 19.29
N ASP C 521 -17.59 1.96 18.91
CA ASP C 521 -18.79 1.69 19.70
C ASP C 521 -19.97 1.53 18.74
N HIS C 522 -19.84 0.59 17.79
CA HIS C 522 -20.88 0.39 16.80
C HIS C 522 -22.22 0.00 17.42
N LYS C 523 -22.21 -0.68 18.57
CA LYS C 523 -23.48 -1.05 19.22
C LYS C 523 -24.30 0.19 19.52
N ARG C 524 -23.65 1.24 20.04
CA ARG C 524 -24.36 2.46 20.37
C ARG C 524 -24.93 3.13 19.14
N TYR C 525 -24.28 2.92 17.99
CA TYR C 525 -24.75 3.46 16.72
C TYR C 525 -26.03 2.76 16.28
N LEU C 526 -26.05 1.43 16.27
CA LEU C 526 -27.27 0.71 15.94
C LEU C 526 -28.39 1.05 16.92
N GLU C 527 -28.08 1.05 18.22
CA GLU C 527 -29.11 1.25 19.23
C GLU C 527 -29.74 2.64 19.12
N THR C 528 -28.91 3.66 18.94
CA THR C 528 -29.41 5.04 18.95
C THR C 528 -30.20 5.36 17.68
N TYR C 529 -29.74 4.87 16.53
CA TYR C 529 -30.28 5.35 15.27
C TYR C 529 -31.07 4.31 14.48
N MET C 530 -30.74 3.03 14.63
CA MET C 530 -31.33 2.02 13.78
C MET C 530 -32.33 1.12 14.50
N LYS C 531 -32.23 1.02 15.82
CA LYS C 531 -33.10 0.14 16.58
C LYS C 531 -34.51 0.70 16.82
N PRO C 532 -34.68 1.99 17.15
CA PRO C 532 -36.03 2.44 17.58
C PRO C 532 -37.11 2.25 16.54
N TYR C 533 -36.79 2.36 15.25
CA TYR C 533 -37.76 2.13 14.18
C TYR C 533 -37.05 1.31 13.12
N PRO C 534 -37.09 -0.02 13.23
CA PRO C 534 -36.34 -0.89 12.33
C PRO C 534 -36.75 -0.68 10.88
N GLY C 535 -35.75 -0.55 10.01
CA GLY C 535 -35.97 -0.19 8.64
C GLY C 535 -35.73 1.27 8.34
N TYR C 536 -35.70 2.12 9.37
CA TYR C 536 -35.56 3.56 9.21
C TYR C 536 -34.35 4.07 9.99
N PHE C 537 -33.98 5.31 9.69
CA PHE C 537 -33.04 6.07 10.49
C PHE C 537 -33.81 7.08 11.34
N PHE C 538 -33.57 7.04 12.65
CA PHE C 538 -34.25 7.90 13.62
C PHE C 538 -33.41 9.14 13.91
N PHE C 539 -33.90 10.30 13.44
CA PHE C 539 -33.17 11.55 13.62
C PHE C 539 -33.13 11.96 15.09
N GLY C 540 -34.25 11.81 15.79
CA GLY C 540 -34.41 12.31 17.14
C GLY C 540 -35.16 13.61 17.23
N ASP C 541 -35.68 14.13 16.13
CA ASP C 541 -36.48 15.35 16.12
C ASP C 541 -37.95 15.04 15.83
N GLY C 542 -38.82 15.89 16.39
CA GLY C 542 -40.20 15.88 15.97
C GLY C 542 -40.41 16.75 14.74
N ALA C 543 -41.43 16.39 13.95
CA ALA C 543 -41.70 17.10 12.72
C ALA C 543 -43.17 16.99 12.36
N ALA C 544 -43.65 17.99 11.64
CA ALA C 544 -44.98 17.98 11.06
C ALA C 544 -44.89 18.27 9.57
N ARG C 545 -45.86 17.78 8.81
CA ARG C 545 -45.99 18.06 7.39
C ARG C 545 -47.34 18.74 7.18
N ASP C 546 -47.31 20.02 6.81
CA ASP C 546 -48.53 20.82 6.71
C ASP C 546 -49.33 20.44 5.47
N TYR C 547 -50.37 21.21 5.18
CA TYR C 547 -51.30 20.84 4.12
C TYR C 547 -50.64 20.80 2.74
N ASP C 548 -49.61 21.62 2.53
CA ASP C 548 -48.93 21.72 1.25
C ASP C 548 -47.74 20.78 1.13
N GLY C 549 -47.54 19.90 2.12
CA GLY C 549 -46.37 19.04 2.12
C GLY C 549 -45.12 19.65 2.68
N TYR C 550 -45.19 20.87 3.21
CA TYR C 550 -44.01 21.52 3.81
C TYR C 550 -43.65 20.86 5.13
N MET C 551 -42.37 20.55 5.30
CA MET C 551 -41.88 19.97 6.55
C MET C 551 -41.55 21.07 7.55
N TRP C 552 -41.94 20.85 8.81
CA TRP C 552 -41.75 21.78 9.92
C TRP C 552 -41.07 21.03 11.04
N ILE C 553 -39.83 21.40 11.36
CA ILE C 553 -39.07 20.71 12.39
C ILE C 553 -39.53 21.19 13.75
N LYS C 554 -39.93 20.25 14.61
CA LYS C 554 -40.53 20.58 15.90
C LYS C 554 -39.57 20.40 17.07
N GLY C 555 -38.27 20.27 16.84
CA GLY C 555 -37.32 20.10 17.91
C GLY C 555 -37.20 18.67 18.40
N ARG C 556 -36.15 18.44 19.20
CA ARG C 556 -35.83 17.09 19.66
C ARG C 556 -36.95 16.53 20.53
N VAL C 557 -37.01 15.19 20.57
CA VAL C 557 -37.95 14.43 21.39
C VAL C 557 -37.26 13.71 22.54
N ASP C 558 -35.95 13.85 22.67
CA ASP C 558 -35.16 13.27 23.74
C ASP C 558 -34.58 14.38 24.61
N ASP C 559 -33.59 14.03 25.44
CA ASP C 559 -32.97 14.97 26.38
C ASP C 559 -31.92 15.88 25.73
N VAL C 560 -31.93 16.02 24.40
CA VAL C 560 -30.99 16.88 23.69
C VAL C 560 -31.65 18.23 23.44
N ILE C 561 -30.90 19.31 23.63
CA ILE C 561 -31.36 20.67 23.38
C ILE C 561 -30.31 21.39 22.53
N ASN C 562 -30.70 22.53 21.96
CA ASN C 562 -29.79 23.36 21.19
C ASN C 562 -29.79 24.75 21.83
N VAL C 563 -28.60 25.20 22.24
CA VAL C 563 -28.43 26.47 22.93
C VAL C 563 -27.48 27.31 22.08
N SER C 564 -28.00 28.41 21.52
CA SER C 564 -27.27 29.19 20.52
C SER C 564 -26.79 28.28 19.37
N GLY C 565 -27.63 27.31 19.01
CA GLY C 565 -27.30 26.36 17.97
C GLY C 565 -26.38 25.22 18.38
N HIS C 566 -25.84 25.25 19.60
CA HIS C 566 -24.97 24.18 20.07
C HIS C 566 -25.80 23.04 20.62
N ARG C 567 -25.73 21.89 19.96
CA ARG C 567 -26.32 20.67 20.46
C ARG C 567 -25.67 20.27 21.79
N LEU C 568 -26.47 20.13 22.84
CA LEU C 568 -25.94 19.68 24.11
C LEU C 568 -26.95 18.80 24.83
N SER C 569 -26.41 17.96 25.72
CA SER C 569 -27.16 16.94 26.44
C SER C 569 -27.41 17.43 27.86
N THR C 570 -28.68 17.49 28.27
CA THR C 570 -28.96 17.90 29.64
C THR C 570 -28.35 16.92 30.64
N ALA C 571 -28.24 15.64 30.28
CA ALA C 571 -27.65 14.68 31.20
C ALA C 571 -26.18 14.97 31.44
N GLU C 572 -25.46 15.42 30.41
CA GLU C 572 -24.06 15.79 30.60
C GLU C 572 -23.93 16.96 31.56
N VAL C 573 -24.81 17.96 31.45
CA VAL C 573 -24.81 19.08 32.37
C VAL C 573 -25.12 18.61 33.79
N GLU C 574 -26.09 17.71 33.93
CA GLU C 574 -26.39 17.15 35.26
C GLU C 574 -25.18 16.42 35.82
N SER C 575 -24.49 15.63 34.99
CA SER C 575 -23.32 14.90 35.47
C SER C 575 -22.21 15.84 35.91
N ALA C 576 -22.02 16.94 35.18
CA ALA C 576 -21.05 17.95 35.62
C ALA C 576 -21.44 18.54 36.96
N LEU C 577 -22.71 18.87 37.14
CA LEU C 577 -23.18 19.49 38.38
C LEU C 577 -23.07 18.53 39.56
N ILE C 578 -23.43 17.26 39.38
CA ILE C 578 -23.45 16.33 40.50
C ILE C 578 -22.05 16.14 41.09
N LEU C 579 -21.00 16.33 40.27
CA LEU C 579 -19.63 16.17 40.76
C LEU C 579 -19.25 17.24 41.79
N HIS C 580 -20.00 18.33 41.88
CA HIS C 580 -19.71 19.34 42.89
C HIS C 580 -19.97 18.77 44.28
N LYS C 581 -18.98 18.89 45.16
CA LYS C 581 -19.13 18.39 46.53
C LYS C 581 -20.30 19.06 47.22
N GLY C 582 -21.22 18.27 47.74
CA GLY C 582 -22.38 18.80 48.43
C GLY C 582 -23.64 18.90 47.59
N VAL C 583 -23.56 18.66 46.29
CA VAL C 583 -24.76 18.54 45.46
C VAL C 583 -25.33 17.14 45.61
N ALA C 584 -26.65 17.05 45.78
CA ALA C 584 -27.34 15.79 46.00
C ALA C 584 -28.16 15.32 44.80
N GLU C 585 -28.96 16.21 44.19
CA GLU C 585 -29.78 15.88 43.02
C GLU C 585 -29.80 17.08 42.09
N THR C 586 -29.63 16.83 40.79
CA THR C 586 -29.84 17.86 39.78
C THR C 586 -30.82 17.39 38.73
N ALA C 587 -31.59 18.33 38.20
CA ALA C 587 -32.38 18.16 36.98
C ALA C 587 -32.11 19.36 36.09
N VAL C 588 -31.71 19.12 34.85
CA VAL C 588 -31.44 20.19 33.90
C VAL C 588 -32.46 20.07 32.77
N VAL C 589 -33.09 21.19 32.44
CA VAL C 589 -34.11 21.24 31.40
C VAL C 589 -33.76 22.37 30.43
N GLY C 590 -34.04 22.14 29.15
CA GLY C 590 -34.00 23.24 28.19
C GLY C 590 -35.32 24.00 28.21
N CYS C 591 -35.23 25.33 28.01
CA CYS C 591 -36.40 26.19 28.05
C CYS C 591 -36.26 27.26 26.97
N ALA C 592 -37.41 27.77 26.52
CA ALA C 592 -37.40 28.78 25.47
C ALA C 592 -36.62 29.99 25.91
N ASP C 593 -35.83 30.56 25.00
CA ASP C 593 -35.03 31.75 25.27
C ASP C 593 -35.15 32.74 24.12
N ASP C 594 -35.23 34.03 24.47
CA ASP C 594 -35.37 35.09 23.48
C ASP C 594 -34.17 35.13 22.52
N LEU C 595 -32.96 35.04 23.05
CA LEU C 595 -31.75 35.13 22.24
C LEU C 595 -31.27 33.75 21.79
N THR C 596 -30.98 32.87 22.73
CA THR C 596 -30.29 31.61 22.44
C THR C 596 -31.21 30.50 21.93
N GLY C 597 -32.51 30.75 21.78
CA GLY C 597 -33.42 29.71 21.32
C GLY C 597 -33.90 28.80 22.44
N GLN C 598 -33.04 27.88 22.88
CA GLN C 598 -33.22 27.19 24.15
C GLN C 598 -32.08 27.57 25.08
N ALA C 599 -32.37 27.62 26.39
CA ALA C 599 -31.38 27.96 27.40
C ALA C 599 -31.39 26.89 28.50
N VAL C 600 -30.25 26.76 29.17
CA VAL C 600 -30.05 25.71 30.17
C VAL C 600 -30.53 26.19 31.53
N TYR C 601 -31.47 25.45 32.13
CA TYR C 601 -31.97 25.74 33.46
C TYR C 601 -31.73 24.52 34.36
N ALA C 602 -31.05 24.75 35.47
CA ALA C 602 -30.68 23.69 36.39
C ALA C 602 -31.42 23.84 37.71
N PHE C 603 -31.93 22.73 38.22
CA PHE C 603 -32.54 22.67 39.54
C PHE C 603 -31.68 21.76 40.39
N VAL C 604 -31.08 22.33 41.42
CA VAL C 604 -30.13 21.64 42.28
C VAL C 604 -30.71 21.55 43.69
N THR C 605 -30.54 20.38 44.31
CA THR C 605 -30.75 20.23 45.75
C THR C 605 -29.40 19.88 46.37
N MET C 606 -29.11 20.47 47.53
CA MET C 606 -27.84 20.27 48.18
C MET C 606 -27.93 19.16 49.23
N LYS C 607 -26.83 18.43 49.38
CA LYS C 607 -26.75 17.41 50.41
C LYS C 607 -26.87 18.06 51.80
N PRO C 608 -27.37 17.33 52.80
CA PRO C 608 -27.58 17.92 54.13
C PRO C 608 -26.34 18.59 54.71
N GLU C 609 -25.14 18.15 54.30
CA GLU C 609 -23.92 18.69 54.89
C GLU C 609 -23.64 20.14 54.48
N PHE C 610 -24.39 20.70 53.53
CA PHE C 610 -24.14 22.05 53.01
C PHE C 610 -24.98 23.08 53.76
N ASP C 611 -24.34 24.17 54.18
CA ASP C 611 -25.06 25.23 54.90
C ASP C 611 -25.44 26.38 53.96
N THR C 615 -22.85 29.57 53.02
CA THR C 615 -22.46 30.08 51.70
C THR C 615 -23.66 30.69 50.98
N LYS C 616 -23.58 31.99 50.69
CA LYS C 616 -24.68 32.70 50.05
C LYS C 616 -25.14 31.98 48.78
N GLU C 617 -26.45 31.98 48.55
CA GLU C 617 -27.02 31.18 47.47
C GLU C 617 -26.53 31.65 46.10
N ALA C 618 -26.48 32.96 45.89
CA ALA C 618 -25.92 33.46 44.63
C ALA C 618 -24.46 33.06 44.48
N ASP C 619 -23.72 33.00 45.60
CA ASP C 619 -22.33 32.56 45.56
C ASP C 619 -22.20 31.09 45.15
N LEU C 620 -23.16 30.26 45.56
CA LEU C 620 -23.13 28.85 45.15
C LEU C 620 -23.47 28.69 43.67
N SER C 621 -24.35 29.54 43.14
CA SER C 621 -24.64 29.51 41.71
C SER C 621 -23.37 29.73 40.89
N LYS C 622 -22.58 30.73 41.27
CA LYS C 622 -21.32 30.97 40.56
C LYS C 622 -20.41 29.75 40.65
N GLU C 623 -20.34 29.13 41.83
CA GLU C 623 -19.54 27.91 41.97
C GLU C 623 -20.02 26.81 41.04
N LEU C 624 -21.35 26.68 40.89
CA LEU C 624 -21.89 25.61 40.06
C LEU C 624 -21.77 25.93 38.59
N ALA C 625 -21.88 27.20 38.20
CA ALA C 625 -21.60 27.58 36.83
C ALA C 625 -20.14 27.28 36.47
N ILE C 626 -19.21 27.67 37.35
CA ILE C 626 -17.79 27.36 37.15
C ILE C 626 -17.59 25.86 36.99
N GLN C 627 -18.30 25.06 37.78
CA GLN C 627 -18.17 23.61 37.69
C GLN C 627 -18.52 23.12 36.29
N VAL C 628 -19.56 23.68 35.67
CA VAL C 628 -19.94 23.24 34.33
C VAL C 628 -18.92 23.74 33.31
N ARG C 629 -18.41 24.96 33.49
CA ARG C 629 -17.35 25.47 32.61
C ARG C 629 -16.06 24.67 32.77
N LYS C 630 -15.82 24.11 33.96
CA LYS C 630 -14.67 23.25 34.16
C LYS C 630 -14.86 21.89 33.48
N VAL C 631 -16.03 21.29 33.62
CA VAL C 631 -16.23 19.95 33.06
C VAL C 631 -16.50 19.99 31.56
N ILE C 632 -17.37 20.91 31.12
CA ILE C 632 -17.74 20.95 29.71
C ILE C 632 -17.17 22.20 29.05
N GLY C 633 -17.66 23.37 29.44
CA GLY C 633 -17.18 24.61 28.88
C GLY C 633 -18.17 25.74 29.08
N PRO C 634 -17.71 26.98 28.87
CA PRO C 634 -18.60 28.14 29.04
C PRO C 634 -19.90 28.05 28.25
N PHE C 635 -19.88 27.51 27.03
CA PHE C 635 -21.11 27.46 26.24
C PHE C 635 -22.17 26.55 26.86
N ALA C 636 -21.81 25.70 27.82
CA ALA C 636 -22.77 24.79 28.44
C ALA C 636 -23.18 25.21 29.83
N ALA C 637 -22.70 26.35 30.31
CA ALA C 637 -23.06 26.83 31.65
C ALA C 637 -24.55 27.17 31.71
N PRO C 638 -25.24 26.82 32.78
CA PRO C 638 -26.68 27.12 32.87
C PRO C 638 -26.95 28.62 32.81
N LYS C 639 -28.08 28.97 32.21
CA LYS C 639 -28.54 30.35 32.27
C LYS C 639 -28.99 30.70 33.68
N LYS C 640 -29.76 29.81 34.31
CA LYS C 640 -30.21 29.98 35.68
C LYS C 640 -30.01 28.69 36.44
N ILE C 641 -29.59 28.81 37.70
CA ILE C 641 -29.49 27.69 38.63
C ILE C 641 -30.38 27.99 39.82
N TYR C 642 -31.35 27.13 40.06
CA TYR C 642 -32.24 27.29 41.20
C TYR C 642 -31.90 26.26 42.27
N LEU C 643 -31.69 26.74 43.50
CA LEU C 643 -31.49 25.87 44.65
C LEU C 643 -32.83 25.58 45.28
N VAL C 644 -33.23 24.31 45.31
CA VAL C 644 -34.54 23.92 45.80
C VAL C 644 -34.39 22.89 46.90
N SER C 645 -35.42 22.81 47.75
CA SER C 645 -35.40 21.86 48.87
C SER C 645 -35.63 20.42 48.38
N ASP C 646 -36.63 20.22 47.54
CA ASP C 646 -36.91 18.92 46.96
C ASP C 646 -37.07 19.05 45.45
N LEU C 647 -36.90 17.93 44.74
CA LEU C 647 -37.25 17.90 43.33
C LEU C 647 -38.60 17.22 43.13
N PRO C 648 -39.44 17.71 42.22
CA PRO C 648 -40.73 17.04 41.98
C PRO C 648 -40.53 15.64 41.44
N LYS C 649 -41.23 14.68 42.03
CA LYS C 649 -41.08 13.27 41.66
C LYS C 649 -42.30 12.45 42.09
N ILE C 655 -38.66 11.07 39.29
CA ILE C 655 -38.36 12.48 39.04
C ILE C 655 -39.09 12.95 37.79
N MET C 656 -40.09 13.81 37.97
CA MET C 656 -40.94 14.29 36.89
C MET C 656 -40.40 15.63 36.39
N ARG C 657 -39.69 15.59 35.26
CA ARG C 657 -39.08 16.78 34.69
C ARG C 657 -40.06 17.65 33.91
N ARG C 658 -41.22 17.12 33.54
CA ARG C 658 -42.19 17.91 32.77
C ARG C 658 -42.66 19.13 33.56
N VAL C 659 -42.82 18.98 34.87
CA VAL C 659 -43.30 20.08 35.70
C VAL C 659 -42.29 21.24 35.67
N LEU C 660 -40.99 20.93 35.63
CA LEU C 660 -39.97 21.96 35.74
C LEU C 660 -39.92 22.87 34.52
N ARG C 661 -40.05 22.29 33.32
CA ARG C 661 -40.02 23.12 32.11
C ARG C 661 -41.21 24.07 32.06
N LYS C 662 -42.40 23.59 32.42
CA LYS C 662 -43.58 24.45 32.37
C LYS C 662 -43.48 25.60 33.36
N ILE C 663 -42.84 25.39 34.51
CA ILE C 663 -42.73 26.49 35.47
C ILE C 663 -41.81 27.59 34.93
N VAL C 664 -40.77 27.22 34.19
CA VAL C 664 -39.92 28.21 33.53
C VAL C 664 -40.65 28.80 32.33
N PRO C 680 -45.63 16.43 45.93
CA PRO C 680 -46.94 17.09 46.07
C PRO C 680 -46.86 18.55 46.53
N GLN C 681 -46.22 18.81 47.68
CA GLN C 681 -46.13 20.17 48.20
C GLN C 681 -44.92 20.94 47.67
N ILE C 682 -43.88 20.24 47.21
CA ILE C 682 -42.67 20.91 46.73
C ILE C 682 -42.86 21.63 45.42
N VAL C 683 -43.97 21.39 44.71
CA VAL C 683 -44.22 22.10 43.46
C VAL C 683 -44.57 23.56 43.73
N GLU C 684 -45.18 23.85 44.90
CA GLU C 684 -45.35 25.24 45.30
C GLU C 684 -44.01 25.90 45.63
N GLU C 685 -43.11 25.15 46.26
CA GLU C 685 -41.79 25.69 46.57
C GLU C 685 -41.00 26.01 45.30
N VAL C 686 -41.15 25.19 44.25
CA VAL C 686 -40.38 25.43 43.04
C VAL C 686 -40.96 26.59 42.23
N LYS C 687 -42.27 26.80 42.29
CA LYS C 687 -42.87 27.94 41.59
C LYS C 687 -42.53 29.26 42.29
N GLN C 688 -42.31 29.23 43.61
CA GLN C 688 -41.96 30.45 44.33
C GLN C 688 -40.50 30.84 44.08
N LYS C 689 -39.59 29.86 44.07
CA LYS C 689 -38.16 30.16 43.96
C LYS C 689 -37.79 30.71 42.58
N VAL C 690 -38.54 30.35 41.54
CA VAL C 690 -38.29 30.91 40.22
C VAL C 690 -38.93 32.28 40.04
N THR C 691 -39.98 32.58 40.79
CA THR C 691 -40.66 33.88 40.71
C THR C 691 -40.18 34.83 41.81
C01 6R9 D . 27.46 15.11 -12.03
C02 6R9 D . 28.27 15.80 -10.94
C09 6R9 D . 28.41 19.12 -9.54
C10 6R9 D . 29.53 20.10 -9.88
C11 6R9 D . 28.94 21.20 -10.81
C12 6R9 D . 30.21 21.71 -11.52
C13 6R9 D . 30.92 20.59 -11.68
C16 6R9 D . 30.24 18.62 -13.09
C18 6R9 D . 30.87 19.33 -15.03
C19 6R9 D . 31.16 20.29 -14.09
C21 6R9 D . 32.04 21.70 -15.69
C23 6R9 D . 31.23 19.64 -16.37
N15 6R9 D . 30.77 19.81 -12.91
N17 6R9 D . 30.31 18.30 -14.39
N20 6R9 D . 31.75 21.45 -14.43
N22 6R9 D . 31.79 20.80 -16.63
N24 6R9 D . 30.98 18.71 -17.44
O03 6R9 D . 29.39 16.13 -11.18
O04 6R9 D . 27.64 16.02 -9.69
O06 6R9 D . 29.23 15.85 -7.64
O07 6R9 D . 27.13 17.22 -7.53
O08 6R9 D . 29.11 18.10 -8.91
O14 6R9 D . 30.45 19.49 -10.61
O25 6R9 D . 30.93 22.60 -10.70
O26 6R9 D . 28.35 22.19 -10.05
P05 6R9 D . 28.32 16.78 -8.36
P PO4 E . 25.51 24.66 1.53
O1 PO4 E . 26.14 24.54 2.91
O2 PO4 E . 25.72 26.08 1.03
O3 PO4 E . 26.18 23.69 0.58
O4 PO4 E . 24.02 24.34 1.56
C1 EDO F . 6.97 13.06 -28.64
O1 EDO F . 5.83 12.48 -29.31
C2 EDO F . 8.24 12.41 -29.18
O2 EDO F . 8.28 10.99 -28.88
C1 EDO G . 1.39 -1.99 -15.40
O1 EDO G . 0.18 -1.59 -16.03
C2 EDO G . 2.54 -1.88 -16.38
O2 EDO G . 2.39 -0.62 -17.06
C1 EDO H . 17.02 3.82 -26.11
O1 EDO H . 15.71 3.54 -25.56
C2 EDO H . 17.85 2.53 -26.06
O2 EDO H . 17.39 1.69 -27.13
C1 EDO I . 25.90 22.04 -36.51
O1 EDO I . 25.15 22.86 -37.41
C2 EDO I . 26.10 20.64 -37.08
O2 EDO I . 26.92 19.89 -36.16
C1 EDO J . 13.49 6.50 -31.59
O1 EDO J . 14.39 7.25 -32.43
C2 EDO J . 12.50 7.50 -31.06
O2 EDO J . 13.19 8.76 -31.02
C1 EDO K . -6.91 11.39 -10.41
O1 EDO K . -6.47 11.35 -11.77
C2 EDO K . -8.09 12.35 -10.31
O2 EDO K . -9.07 12.05 -11.32
C01 6R9 L . -5.47 -32.77 -1.66
C02 6R9 L . -4.41 -33.57 -0.91
C09 6R9 L . -1.20 -34.97 -1.29
C10 6R9 L . -0.87 -36.46 -1.42
C11 6R9 L . -0.46 -36.79 -2.90
C12 6R9 L . -0.84 -38.23 -2.98
C13 6R9 L . -1.99 -38.32 -2.26
C16 6R9 L . -4.04 -36.97 -2.83
C18 6R9 L . -4.97 -38.30 -4.27
C19 6R9 L . -3.79 -38.87 -3.83
C21 6R9 L . -4.12 -40.71 -5.20
C23 6R9 L . -5.71 -39.03 -5.24
N15 6R9 L . -3.26 -38.03 -2.94
N17 6R9 L . -5.09 -37.11 -3.64
N20 6R9 L . -3.41 -40.07 -4.29
N22 6R9 L . -5.27 -40.20 -5.65
N24 6R9 L . -6.94 -38.53 -5.79
O03 6R9 L . -4.63 -34.73 -0.72
O04 6R9 L . -3.24 -32.89 -0.48
O06 6R9 L . -0.98 -32.47 0.64
O07 6R9 L . -2.75 -33.58 1.99
O08 6R9 L . -1.54 -34.87 0.06
O14 6R9 L . -1.97 -37.15 -1.17
O25 6R9 L . 0.17 -39.00 -2.38
O26 6R9 L . 0.91 -36.60 -3.13
P05 6R9 L . -2.11 -33.44 0.63
P PO4 M . -19.82 -21.98 -19.99
O1 PO4 M . -18.32 -22.18 -20.11
O2 PO4 M . -20.12 -21.14 -18.76
O3 PO4 M . -20.49 -23.33 -19.87
O4 PO4 M . -20.34 -21.29 -21.23
P PO4 N . 10.57 -32.76 3.17
O1 PO4 N . 11.09 -31.35 2.95
O2 PO4 N . 10.89 -33.23 4.58
O3 PO4 N . 11.23 -33.68 2.17
O4 PO4 N . 9.06 -32.78 2.97
C1 EDO O . -11.93 -18.35 -22.91
O1 EDO O . -11.65 -18.05 -24.28
C2 EDO O . -13.21 -19.16 -22.79
O2 EDO O . -13.93 -18.78 -21.61
C1 EDO P . -19.86 -21.62 -12.13
O1 EDO P . -19.23 -20.34 -12.13
C2 EDO P . -21.38 -21.43 -12.21
O2 EDO P . -21.77 -20.57 -11.13
C1 EDO Q . 4.64 -11.95 9.79
O1 EDO Q . 5.21 -13.26 9.61
C2 EDO Q . 3.68 -11.93 10.98
O2 EDO Q . 3.66 -10.67 11.66
C1 EDO R . -0.60 -65.63 5.78
O1 EDO R . -0.85 -65.35 7.16
C2 EDO R . 0.49 -64.65 5.34
O2 EDO R . 1.02 -65.08 4.08
C1 EDO S . -7.94 -2.71 4.35
O1 EDO S . -9.12 -2.64 5.16
C2 EDO S . -7.96 -1.56 3.35
O2 EDO S . -7.85 -0.29 4.05
C1 EDO T . -1.61 -48.65 -12.20
O1 EDO T . -0.80 -49.72 -12.69
C2 EDO T . -2.14 -49.00 -10.82
O2 EDO T . -1.02 -49.17 -9.95
C01 6R9 U . -26.40 21.00 11.64
C02 6R9 U . -26.36 20.82 13.17
C09 6R9 U . -28.56 18.82 15.02
C10 6R9 U . -29.84 19.29 15.74
C11 6R9 U . -31.16 18.73 15.07
C12 6R9 U . -32.19 19.75 15.49
C13 6R9 U . -31.51 20.92 15.41
C16 6R9 U . -30.46 21.74 13.26
C18 6R9 U . -32.12 22.86 12.42
C19 6R9 U . -32.51 22.31 13.64
C21 6R9 U . -34.61 23.24 13.43
C23 6R9 U . -33.09 23.63 11.73
N15 6R9 U . -31.46 21.64 14.13
N17 6R9 U . -30.84 22.49 12.22
N20 6R9 U . -33.75 22.52 14.13
N22 6R9 U . -34.30 23.79 12.26
N24 6R9 U . -32.80 24.25 10.46
O03 6R9 U . -26.66 21.72 13.89
O04 6R9 U . -25.93 19.57 13.68
O06 6R9 U . -25.10 20.10 16.14
O07 6R9 U . -25.41 17.76 15.31
O08 6R9 U . -27.49 19.19 15.85
O14 6R9 U . -29.95 20.60 15.66
O25 6R9 U . -32.59 19.51 16.82
O26 6R9 U . -31.51 17.46 15.52
P05 6R9 U . -25.92 19.18 15.29
P PO4 V . -25.45 22.43 -13.81
O1 PO4 V . -24.08 22.84 -13.28
O2 PO4 V . -26.49 23.32 -13.19
O3 PO4 V . -25.71 20.97 -13.46
O4 PO4 V . -25.50 22.58 -15.31
C1 EDO W . -19.72 25.89 -7.79
O1 EDO W . -19.39 26.22 -9.15
C2 EDO W . -20.70 24.71 -7.78
O2 EDO W . -20.09 23.56 -8.37
C1 EDO X . -15.90 9.57 25.17
O1 EDO X . -17.23 9.28 24.73
C2 EDO X . -15.57 11.04 24.93
O2 EDO X . -16.37 11.89 25.77
C1 EDO Y . -4.36 5.35 16.10
O1 EDO Y . -5.57 6.06 15.94
C2 EDO Y . -3.38 6.28 16.75
O2 EDO Y . -2.09 5.66 16.63
K K Z . -27.64 22.14 16.58
#